data_6GB7
#
_entry.id   6GB7
#
_cell.length_a   92.700
_cell.length_b   123.860
_cell.length_c   100.110
_cell.angle_alpha   90.00
_cell.angle_beta   103.66
_cell.angle_gamma   90.00
#
_symmetry.space_group_name_H-M   'P 1 21 1'
#
loop_
_entity.id
_entity.type
_entity.pdbx_description
1 polymer 'H-2 class I histocompatibility antigen, D-B alpha chain'
2 polymer Beta-2-microglobulin
3 polymer Beta-2-microglobulin
4 polymer PHE-ALA-PRO-GLY-ASN-TYR-PRO
5 polymer GLY-GLY-LEU-SER
6 non-polymer 'SULFATE ION'
7 non-polymer GLYCEROL
8 water water
#
loop_
_entity_poly.entity_id
_entity_poly.type
_entity_poly.pdbx_seq_one_letter_code
_entity_poly.pdbx_strand_id
1 'polypeptide(L)'
;GPHSMRYFETAVSRPGLEEPRYISVGYVDNKEFVRFDSDAENPRYEPRAPWMEQEGPEYWERETQKAKGQEQWFRVSLRN
LLGYYNQSAGGSHTLQQMSGCDLGSDWRLLRGYLQFAYEGRDYIALNEDLKTWTAADMAAQITRRKWEQSGAAEHYKAYL
EGECVEWLHRYLKNGNATLLRTDSPKAHVTHHPRSKGEVTLRCWALGFYPADITLTWQLNGEELTQDMELVETRPAGDGT
FQKWASVVVPLGKEQNYTCRVYHEGLPEPLTLRWEPPPSTDSYMVIVAVLGVLGAMAIIGAVVAFVMKRRRNTGGKGGDY
ALAPGSQSSEMSLRDCKA
;
A,C,E,G
2 'polypeptide(L)'
;GIQKTPQIQVYSRHPPENGKPNILNCYVTQFHPPHIEIQMLKNGKKIPKVEMSDMSFSKDWSFYILAHTEFTPTETDTYA
CRVKHDSMAEPKTVYWDRDM
;
B,D,H
3 'polypeptide(L)'
;IQKTPQIQVYSRHPPENGKPNILNCYVTQFHPPHIEIQMLKNGKKIPKVEMSDMSFSKDWSFYILAHTEFTPTETDTYAC
RVKHDSMAEPKTVYWDRDM
;
F
4 'polypeptide(L)' FAPGNYP I,J,K,L
5 'polypeptide(L)' EDAGGGGLSK P,R
#
loop_
_chem_comp.id
_chem_comp.type
_chem_comp.name
_chem_comp.formula
GOL non-polymer GLYCEROL 'C3 H8 O3'
SO4 non-polymer 'SULFATE ION' 'O4 S -2'
#
# COMPACT_ATOMS: atom_id res chain seq x y z
N GLY A 1 -6.73 1.87 9.62
CA GLY A 1 -7.44 2.90 10.44
C GLY A 1 -8.49 2.30 11.34
N PRO A 2 -9.06 3.11 12.23
CA PRO A 2 -10.10 2.61 13.13
C PRO A 2 -11.37 2.28 12.37
N HIS A 3 -12.27 1.60 13.08
CA HIS A 3 -13.54 1.16 12.51
C HIS A 3 -14.63 1.29 13.57
N SER A 4 -15.88 1.12 13.15
CA SER A 4 -17.00 1.31 14.06
C SER A 4 -18.24 0.65 13.46
N MET A 5 -19.17 0.29 14.36
CA MET A 5 -20.51 -0.13 13.98
C MET A 5 -21.51 0.59 14.88
N ARG A 6 -22.66 0.92 14.31
CA ARG A 6 -23.68 1.65 15.04
C ARG A 6 -25.06 1.20 14.58
N TYR A 7 -26.00 1.15 15.52
CA TYR A 7 -27.41 1.01 15.20
C TYR A 7 -28.16 2.18 15.78
N PHE A 8 -28.86 2.91 14.92
CA PHE A 8 -29.64 4.10 15.29
C PHE A 8 -31.11 3.72 15.16
N GLU A 9 -31.83 3.72 16.28
CA GLU A 9 -33.21 3.26 16.33
C GLU A 9 -34.11 4.37 16.83
N THR A 10 -35.32 4.43 16.27
CA THR A 10 -36.25 5.52 16.53
C THR A 10 -37.68 4.97 16.56
N ALA A 11 -38.44 5.35 17.59
CA ALA A 11 -39.87 5.08 17.64
C ALA A 11 -40.60 6.41 17.84
N VAL A 12 -41.64 6.63 17.04
CA VAL A 12 -42.37 7.90 17.02
C VAL A 12 -43.86 7.59 17.16
N SER A 13 -44.48 8.15 18.20
CA SER A 13 -45.93 8.08 18.38
C SER A 13 -46.55 9.41 18.04
N ARG A 14 -47.74 9.37 17.47
CA ARG A 14 -48.51 10.54 17.08
C ARG A 14 -49.94 10.34 17.50
N PRO A 15 -50.73 11.42 17.63
CA PRO A 15 -52.11 11.26 18.09
C PRO A 15 -52.98 10.48 17.10
N GLY A 16 -52.94 10.85 15.83
CA GLY A 16 -53.78 10.22 14.84
C GLY A 16 -53.38 8.79 14.50
N LEU A 17 -52.12 8.44 14.74
CA LEU A 17 -51.66 7.06 14.62
C LEU A 17 -51.92 6.32 15.91
N GLU A 18 -52.24 5.03 15.80
CA GLU A 18 -52.59 4.23 16.98
C GLU A 18 -51.48 3.32 17.46
N GLU A 19 -50.45 3.08 16.66
CA GLU A 19 -49.21 2.51 17.14
C GLU A 19 -48.05 3.31 16.57
N PRO A 20 -46.92 3.32 17.27
CA PRO A 20 -45.80 4.13 16.82
C PRO A 20 -45.02 3.45 15.70
N ARG A 21 -44.32 4.28 14.94
CA ARG A 21 -43.51 3.80 13.83
C ARG A 21 -42.07 3.60 14.32
N TYR A 22 -41.52 2.42 14.04
CA TYR A 22 -40.18 2.07 14.47
C TYR A 22 -39.25 1.97 13.28
N ILE A 23 -38.10 2.63 13.37
CA ILE A 23 -37.10 2.63 12.31
C ILE A 23 -35.74 2.35 12.93
N SER A 24 -35.01 1.39 12.35
CA SER A 24 -33.67 1.06 12.79
C SER A 24 -32.74 1.13 11.59
N VAL A 25 -31.58 1.74 11.79
CA VAL A 25 -30.60 1.94 10.73
C VAL A 25 -29.25 1.46 11.24
N GLY A 26 -28.66 0.50 10.52
CA GLY A 26 -27.35 0.00 10.87
C GLY A 26 -26.27 0.71 10.08
N TYR A 27 -25.16 1.01 10.77
CA TYR A 27 -24.02 1.69 10.18
C TYR A 27 -22.75 0.90 10.44
N VAL A 28 -21.92 0.75 9.41
CA VAL A 28 -20.56 0.26 9.53
C VAL A 28 -19.63 1.35 9.01
N ASP A 29 -18.65 1.74 9.82
CA ASP A 29 -17.75 2.83 9.47
C ASP A 29 -18.52 4.06 9.01
N ASN A 30 -19.63 4.33 9.68
CA ASN A 30 -20.44 5.52 9.47
C ASN A 30 -21.18 5.52 8.14
N LYS A 31 -21.38 4.37 7.52
CA LYS A 31 -22.05 4.25 6.25
C LYS A 31 -23.20 3.26 6.39
N GLU A 32 -24.41 3.70 6.01
CA GLU A 32 -25.59 2.86 6.18
C GLU A 32 -25.44 1.54 5.45
N PHE A 33 -25.75 0.44 6.14
CA PHE A 33 -25.64 -0.88 5.54
C PHE A 33 -26.83 -1.80 5.80
N VAL A 34 -27.76 -1.44 6.68
CA VAL A 34 -29.03 -2.14 6.82
C VAL A 34 -30.07 -1.13 7.30
N ARG A 35 -31.34 -1.45 7.07
CA ARG A 35 -32.43 -0.59 7.53
C ARG A 35 -33.70 -1.42 7.71
N PHE A 36 -34.47 -1.06 8.74
CA PHE A 36 -35.78 -1.64 9.01
C PHE A 36 -36.76 -0.52 9.27
N ASP A 37 -37.97 -0.65 8.73
CA ASP A 37 -39.00 0.38 8.89
C ASP A 37 -40.35 -0.32 9.06
N SER A 38 -40.98 -0.09 10.21
CA SER A 38 -42.27 -0.71 10.49
C SER A 38 -43.35 -0.27 9.51
N ASP A 39 -43.19 0.92 8.90
CA ASP A 39 -44.15 1.37 7.89
C ASP A 39 -44.02 0.62 6.58
N ALA A 40 -42.97 -0.19 6.41
CA ALA A 40 -42.75 -0.85 5.14
C ALA A 40 -43.85 -1.86 4.84
N GLU A 41 -44.01 -2.14 3.55
CA GLU A 41 -44.98 -3.09 3.03
C GLU A 41 -45.05 -4.33 3.90
N ASN A 42 -43.97 -5.11 3.94
CA ASN A 42 -43.83 -6.19 4.92
C ASN A 42 -42.54 -5.92 5.69
N PRO A 43 -42.63 -5.42 6.93
CA PRO A 43 -41.41 -4.97 7.63
C PRO A 43 -40.34 -6.05 7.71
N ARG A 44 -39.17 -5.73 7.17
CA ARG A 44 -38.01 -6.61 7.22
C ARG A 44 -36.76 -5.75 7.17
N TYR A 45 -35.68 -6.28 7.75
CA TYR A 45 -34.37 -5.68 7.52
C TYR A 45 -33.97 -5.89 6.06
N GLU A 46 -33.42 -4.84 5.46
CA GLU A 46 -33.04 -4.86 4.06
C GLU A 46 -31.60 -4.43 3.93
N PRO A 47 -30.85 -4.99 2.97
CA PRO A 47 -29.49 -4.49 2.73
C PRO A 47 -29.55 -3.10 2.13
N ARG A 48 -28.65 -2.24 2.58
CA ARG A 48 -28.54 -0.89 2.06
C ARG A 48 -27.21 -0.63 1.38
N ALA A 49 -26.36 -1.66 1.25
CA ALA A 49 -25.11 -1.59 0.52
C ALA A 49 -24.95 -2.91 -0.23
N PRO A 50 -24.38 -2.89 -1.44
CA PRO A 50 -24.31 -4.14 -2.22
C PRO A 50 -23.56 -5.27 -1.52
N TRP A 51 -22.56 -4.95 -0.70
CA TRP A 51 -21.76 -6.00 -0.07
C TRP A 51 -22.53 -6.79 0.98
N MET A 52 -23.73 -6.37 1.36
CA MET A 52 -24.52 -7.08 2.35
C MET A 52 -25.43 -8.15 1.76
N GLU A 53 -25.75 -8.05 0.46
CA GLU A 53 -26.52 -9.12 -0.19
C GLU A 53 -25.80 -10.46 -0.11
N GLN A 54 -24.53 -10.47 0.30
CA GLN A 54 -23.80 -11.71 0.52
C GLN A 54 -24.47 -12.58 1.59
N GLU A 55 -25.13 -11.95 2.57
CA GLU A 55 -25.68 -12.69 3.70
C GLU A 55 -26.89 -13.51 3.27
N GLY A 56 -27.02 -14.71 3.83
CA GLY A 56 -28.07 -15.63 3.46
C GLY A 56 -29.42 -15.24 4.04
N PRO A 57 -30.44 -15.99 3.66
CA PRO A 57 -31.81 -15.64 4.11
C PRO A 57 -32.00 -15.74 5.61
N GLU A 58 -31.34 -16.68 6.28
CA GLU A 58 -31.55 -16.85 7.72
C GLU A 58 -30.90 -15.73 8.52
N TYR A 59 -29.87 -15.07 7.98
CA TYR A 59 -29.37 -13.86 8.60
C TYR A 59 -30.46 -12.80 8.68
N TRP A 60 -31.15 -12.57 7.56
CA TRP A 60 -32.17 -11.53 7.51
C TRP A 60 -33.41 -11.94 8.31
N GLU A 61 -33.66 -13.24 8.44
CA GLU A 61 -34.77 -13.71 9.26
C GLU A 61 -34.49 -13.45 10.74
N ARG A 62 -33.24 -13.62 11.18
CA ARG A 62 -32.90 -13.38 12.58
C ARG A 62 -32.93 -11.90 12.90
N GLU A 63 -32.27 -11.08 12.08
CA GLU A 63 -32.28 -9.65 12.30
C GLU A 63 -33.71 -9.10 12.34
N THR A 64 -34.57 -9.60 11.44
CA THR A 64 -35.93 -9.09 11.38
C THR A 64 -36.70 -9.42 12.66
N GLN A 65 -36.55 -10.63 13.19
CA GLN A 65 -37.22 -10.95 14.44
C GLN A 65 -36.68 -10.12 15.60
N LYS A 66 -35.40 -9.78 15.56
CA LYS A 66 -34.86 -8.88 16.59
C LYS A 66 -35.48 -7.49 16.49
N ALA A 67 -35.61 -6.96 15.27
CA ALA A 67 -36.25 -5.66 15.10
C ALA A 67 -37.68 -5.67 15.60
N LYS A 68 -38.44 -6.73 15.29
CA LYS A 68 -39.81 -6.83 15.78
C LYS A 68 -39.84 -6.84 17.30
N GLY A 69 -38.84 -7.44 17.94
CA GLY A 69 -38.76 -7.37 19.39
C GLY A 69 -38.45 -5.96 19.87
N GLN A 70 -37.48 -5.31 19.25
CA GLN A 70 -37.19 -3.91 19.57
C GLN A 70 -38.43 -3.05 19.46
N GLU A 71 -39.26 -3.31 18.45
CA GLU A 71 -40.45 -2.51 18.24
C GLU A 71 -41.39 -2.61 19.44
N GLN A 72 -41.64 -3.84 19.91
CA GLN A 72 -42.48 -4.02 21.10
C GLN A 72 -41.86 -3.37 22.31
N TRP A 73 -40.54 -3.50 22.46
CA TRP A 73 -39.84 -2.89 23.59
C TRP A 73 -39.98 -1.37 23.57
N PHE A 74 -39.77 -0.76 22.40
CA PHE A 74 -39.94 0.69 22.27
C PHE A 74 -41.38 1.10 22.56
N ARG A 75 -42.35 0.31 22.10
CA ARG A 75 -43.75 0.65 22.30
C ARG A 75 -44.08 0.71 23.79
N VAL A 76 -43.66 -0.32 24.54
CA VAL A 76 -43.89 -0.33 25.98
C VAL A 76 -43.17 0.86 26.62
N SER A 77 -41.95 1.13 26.16
CA SER A 77 -41.15 2.19 26.77
C SER A 77 -41.78 3.57 26.58
N LEU A 78 -42.34 3.82 25.40
CA LEU A 78 -43.04 5.07 25.16
C LEU A 78 -44.22 5.23 26.11
N ARG A 79 -44.91 4.14 26.42
CA ARG A 79 -46.05 4.21 27.32
C ARG A 79 -45.60 4.54 28.74
N ASN A 80 -44.55 3.87 29.23
CA ASN A 80 -44.05 4.18 30.56
C ASN A 80 -43.53 5.61 30.64
N LEU A 81 -42.92 6.10 29.56
CA LEU A 81 -42.36 7.45 29.57
C LEU A 81 -43.46 8.50 29.68
N LEU A 82 -44.61 8.27 29.04
CA LEU A 82 -45.75 9.16 29.25
C LEU A 82 -46.08 9.29 30.72
N GLY A 83 -46.05 8.18 31.44
CA GLY A 83 -46.31 8.23 32.88
C GLY A 83 -45.22 8.95 33.63
N TYR A 84 -43.95 8.67 33.30
CA TYR A 84 -42.84 9.27 34.04
C TYR A 84 -42.89 10.78 33.98
N TYR A 85 -43.20 11.35 32.82
CA TYR A 85 -43.21 12.79 32.61
C TYR A 85 -44.60 13.40 32.76
N ASN A 86 -45.56 12.64 33.31
CA ASN A 86 -46.91 13.13 33.55
C ASN A 86 -47.47 13.80 32.30
N GLN A 87 -47.14 13.23 31.15
CA GLN A 87 -47.69 13.71 29.89
C GLN A 87 -49.06 13.09 29.64
N SER A 88 -49.98 13.89 29.14
CA SER A 88 -51.31 13.40 28.83
C SER A 88 -51.36 12.91 27.40
N ALA A 89 -52.49 12.32 27.04
CA ALA A 89 -52.71 11.92 25.66
C ALA A 89 -52.87 13.16 24.77
N GLY A 90 -52.59 12.98 23.50
CA GLY A 90 -52.82 14.00 22.49
C GLY A 90 -51.58 14.68 21.94
N GLY A 91 -50.40 14.06 22.09
CA GLY A 91 -49.16 14.68 21.64
C GLY A 91 -48.31 13.70 20.86
N SER A 92 -47.21 14.24 20.33
CA SER A 92 -46.22 13.45 19.61
C SER A 92 -44.99 13.26 20.48
N HIS A 93 -44.41 12.06 20.41
CA HIS A 93 -43.31 11.69 21.29
C HIS A 93 -42.31 10.83 20.53
N THR A 94 -41.05 10.94 20.93
CA THR A 94 -39.93 10.34 20.22
C THR A 94 -39.03 9.62 21.22
N LEU A 95 -38.65 8.38 20.90
CA LEU A 95 -37.68 7.63 21.67
C LEU A 95 -36.61 7.14 20.71
N GLN A 96 -35.36 7.52 20.97
CA GLN A 96 -34.24 7.16 20.12
C GLN A 96 -33.21 6.38 20.92
N GLN A 97 -32.39 5.61 20.20
CA GLN A 97 -31.32 4.85 20.81
C GLN A 97 -30.13 4.78 19.86
N MET A 98 -28.94 4.82 20.42
CA MET A 98 -27.70 4.57 19.67
C MET A 98 -26.89 3.53 20.41
N SER A 99 -26.37 2.55 19.68
CA SER A 99 -25.52 1.54 20.29
C SER A 99 -24.52 1.06 19.25
N GLY A 100 -23.42 0.50 19.73
CA GLY A 100 -22.40 -0.02 18.86
C GLY A 100 -21.04 0.03 19.54
N CYS A 101 -20.01 -0.22 18.74
CA CYS A 101 -18.66 -0.37 19.24
C CYS A 101 -17.67 0.34 18.33
N ASP A 102 -16.60 0.84 18.93
CA ASP A 102 -15.49 1.44 18.21
C ASP A 102 -14.28 0.51 18.30
N LEU A 103 -13.63 0.29 17.16
CA LEU A 103 -12.42 -0.52 17.10
C LEU A 103 -11.22 0.36 16.73
N GLY A 104 -10.07 0.07 17.33
CA GLY A 104 -8.84 0.71 16.94
C GLY A 104 -8.31 0.14 15.65
N SER A 105 -7.18 0.69 15.20
CA SER A 105 -6.55 0.20 13.98
C SER A 105 -6.05 -1.23 14.15
N ASP A 106 -5.93 -1.72 15.39
CA ASP A 106 -5.58 -3.11 15.65
C ASP A 106 -6.81 -4.00 15.75
N TRP A 107 -8.00 -3.48 15.44
CA TRP A 107 -9.27 -4.19 15.47
C TRP A 107 -9.68 -4.61 16.88
N ARG A 108 -9.03 -4.09 17.91
CA ARG A 108 -9.44 -4.32 19.29
C ARG A 108 -10.49 -3.30 19.70
N LEU A 109 -11.39 -3.72 20.59
CA LEU A 109 -12.43 -2.83 21.08
C LEU A 109 -11.82 -1.65 21.82
N LEU A 110 -12.14 -0.45 21.37
CA LEU A 110 -11.76 0.77 22.08
C LEU A 110 -12.82 1.19 23.08
N ARG A 111 -14.09 1.08 22.72
CA ARG A 111 -15.17 1.64 23.52
C ARG A 111 -16.49 1.17 22.94
N GLY A 112 -17.45 0.94 23.84
CA GLY A 112 -18.81 0.63 23.47
C GLY A 112 -19.73 1.81 23.70
N TYR A 113 -20.92 1.77 23.11
CA TYR A 113 -21.88 2.86 23.22
C TYR A 113 -23.28 2.30 23.41
N LEU A 114 -24.02 2.89 24.33
CA LEU A 114 -25.44 2.61 24.49
C LEU A 114 -26.07 3.87 25.10
N GLN A 115 -26.86 4.58 24.30
CA GLN A 115 -27.47 5.83 24.72
C GLN A 115 -28.95 5.84 24.31
N PHE A 116 -29.76 6.51 25.13
CA PHE A 116 -31.17 6.70 24.85
C PHE A 116 -31.51 8.18 24.93
N ALA A 117 -32.54 8.57 24.19
CA ALA A 117 -33.02 9.94 24.22
C ALA A 117 -34.54 9.94 24.08
N TYR A 118 -35.19 10.80 24.85
CA TYR A 118 -36.63 10.97 24.79
C TYR A 118 -36.93 12.43 24.45
N GLU A 119 -37.81 12.63 23.47
CA GLU A 119 -38.10 13.95 22.95
C GLU A 119 -36.86 14.62 22.38
N GLY A 120 -35.89 13.81 21.93
CA GLY A 120 -34.67 14.33 21.37
C GLY A 120 -33.64 14.79 22.40
N ARG A 121 -33.84 14.47 23.67
CA ARG A 121 -32.94 14.93 24.72
C ARG A 121 -32.43 13.73 25.51
N ASP A 122 -31.19 13.84 25.99
CA ASP A 122 -30.56 12.74 26.72
C ASP A 122 -31.45 12.25 27.84
N TYR A 123 -31.66 10.93 27.87
CA TYR A 123 -32.45 10.29 28.92
C TYR A 123 -31.61 9.40 29.81
N ILE A 124 -30.89 8.44 29.24
CA ILE A 124 -29.99 7.59 30.01
C ILE A 124 -28.96 6.99 29.06
N ALA A 125 -27.74 6.81 29.56
CA ALA A 125 -26.65 6.26 28.76
C ALA A 125 -25.79 5.36 29.63
N LEU A 126 -25.30 4.27 29.05
CA LEU A 126 -24.37 3.38 29.72
C LEU A 126 -23.00 4.02 29.76
N ASN A 127 -22.40 4.09 30.94
CA ASN A 127 -21.09 4.71 31.08
C ASN A 127 -20.03 3.90 30.36
N GLU A 128 -18.87 4.53 30.14
CA GLU A 128 -17.81 3.90 29.36
C GLU A 128 -17.29 2.63 30.03
N ASP A 129 -17.40 2.54 31.36
CA ASP A 129 -17.04 1.32 32.05
C ASP A 129 -17.97 0.16 31.72
N LEU A 130 -19.12 0.43 31.09
CA LEU A 130 -20.10 -0.59 30.71
C LEU A 130 -20.68 -1.31 31.92
N LYS A 131 -20.66 -0.67 33.08
CA LYS A 131 -21.20 -1.27 34.30
C LYS A 131 -22.22 -0.36 34.98
N THR A 132 -22.06 0.95 34.84
CA THR A 132 -22.90 1.93 35.52
C THR A 132 -23.63 2.80 34.50
N TRP A 133 -24.65 3.51 34.99
CA TRP A 133 -25.55 4.29 34.16
C TRP A 133 -25.52 5.76 34.55
N THR A 134 -25.61 6.63 33.55
CA THR A 134 -25.74 8.07 33.75
C THR A 134 -27.13 8.48 33.30
N ALA A 135 -27.86 9.14 34.20
CA ALA A 135 -29.18 9.68 33.88
C ALA A 135 -29.33 11.02 34.58
N ALA A 136 -29.68 12.06 33.80
CA ALA A 136 -29.75 13.40 34.35
C ALA A 136 -31.14 13.73 34.89
N ASP A 137 -32.18 13.48 34.10
CA ASP A 137 -33.53 13.86 34.49
C ASP A 137 -33.94 13.13 35.77
N MET A 138 -34.72 13.83 36.59
CA MET A 138 -35.33 13.18 37.75
C MET A 138 -36.18 12.00 37.32
N ALA A 139 -36.97 12.17 36.26
CA ALA A 139 -37.81 11.09 35.77
C ALA A 139 -36.98 9.88 35.36
N ALA A 140 -35.76 10.10 34.85
CA ALA A 140 -34.90 9.01 34.40
C ALA A 140 -34.28 8.23 35.56
N GLN A 141 -34.39 8.74 36.79
CA GLN A 141 -33.90 7.98 37.94
C GLN A 141 -34.72 6.73 38.17
N ILE A 142 -36.02 6.79 37.87
CA ILE A 142 -36.86 5.60 37.96
C ILE A 142 -36.27 4.48 37.12
N THR A 143 -35.90 4.80 35.88
CA THR A 143 -35.29 3.81 35.01
C THR A 143 -33.96 3.33 35.57
N ARG A 144 -33.08 4.28 35.93
CA ARG A 144 -31.75 3.91 36.39
C ARG A 144 -31.82 2.96 37.58
N ARG A 145 -32.73 3.21 38.51
CA ARG A 145 -32.89 2.31 39.65
C ARG A 145 -33.33 0.93 39.21
N LYS A 146 -34.32 0.86 38.32
CA LYS A 146 -34.80 -0.42 37.83
C LYS A 146 -33.68 -1.18 37.11
N TRP A 147 -32.91 -0.48 36.28
CA TRP A 147 -31.86 -1.15 35.51
C TRP A 147 -30.70 -1.56 36.41
N GLU A 148 -30.34 -0.71 37.37
CA GLU A 148 -29.27 -1.07 38.29
C GLU A 148 -29.59 -2.37 39.03
N GLN A 149 -30.86 -2.57 39.40
CA GLN A 149 -31.24 -3.74 40.19
C GLN A 149 -31.43 -4.99 39.35
N SER A 150 -31.53 -4.87 38.03
CA SER A 150 -31.84 -6.01 37.16
C SER A 150 -30.65 -6.47 36.34
N GLY A 151 -29.47 -5.86 36.51
CA GLY A 151 -28.31 -6.27 35.75
C GLY A 151 -28.48 -6.11 34.26
N ALA A 152 -29.18 -5.06 33.82
CA ALA A 152 -29.29 -4.78 32.39
C ALA A 152 -27.94 -4.45 31.79
N ALA A 153 -27.05 -3.81 32.56
CA ALA A 153 -25.76 -3.41 32.03
C ALA A 153 -24.92 -4.63 31.66
N GLU A 154 -25.01 -5.71 32.45
CA GLU A 154 -24.28 -6.93 32.09
C GLU A 154 -24.72 -7.45 30.73
N HIS A 155 -26.02 -7.40 30.46
CA HIS A 155 -26.54 -7.87 29.17
C HIS A 155 -25.98 -7.04 28.03
N TYR A 156 -25.98 -5.71 28.18
CA TYR A 156 -25.45 -4.86 27.11
C TYR A 156 -23.93 -4.99 27.00
N LYS A 157 -23.24 -5.16 28.13
CA LYS A 157 -21.80 -5.32 28.07
C LYS A 157 -21.42 -6.56 27.27
N ALA A 158 -22.19 -7.65 27.42
CA ALA A 158 -21.89 -8.87 26.68
C ALA A 158 -22.05 -8.63 25.17
N TYR A 159 -23.07 -7.87 24.77
CA TYR A 159 -23.25 -7.57 23.36
C TYR A 159 -22.12 -6.70 22.83
N LEU A 160 -21.82 -5.60 23.53
CA LEU A 160 -20.86 -4.64 23.03
C LEU A 160 -19.45 -5.24 22.95
N GLU A 161 -19.08 -6.04 23.94
CA GLU A 161 -17.75 -6.63 23.97
C GLU A 161 -17.65 -7.89 23.12
N GLY A 162 -18.76 -8.55 22.85
CA GLY A 162 -18.76 -9.78 22.07
C GLY A 162 -19.27 -9.61 20.66
N GLU A 163 -20.59 -9.71 20.51
CA GLU A 163 -21.19 -9.79 19.17
C GLU A 163 -20.85 -8.55 18.34
N CYS A 164 -20.99 -7.36 18.93
CA CYS A 164 -20.68 -6.14 18.18
C CYS A 164 -19.31 -6.23 17.53
N VAL A 165 -18.32 -6.72 18.27
CA VAL A 165 -16.96 -6.82 17.74
C VAL A 165 -16.86 -7.96 16.74
N GLU A 166 -17.34 -9.15 17.12
CA GLU A 166 -17.24 -10.30 16.22
C GLU A 166 -17.88 -10.01 14.86
N TRP A 167 -19.09 -9.47 14.87
CA TRP A 167 -19.80 -9.26 13.62
C TRP A 167 -19.21 -8.11 12.82
N LEU A 168 -18.76 -7.06 13.50
CA LEU A 168 -18.05 -6.00 12.80
C LEU A 168 -16.83 -6.56 12.07
N HIS A 169 -16.01 -7.34 12.76
CA HIS A 169 -14.89 -8.02 12.10
C HIS A 169 -15.35 -8.72 10.83
N ARG A 170 -16.44 -9.48 10.91
CA ARG A 170 -16.94 -10.19 9.74
C ARG A 170 -17.36 -9.21 8.65
N TYR A 171 -18.04 -8.12 9.03
CA TYR A 171 -18.49 -7.16 8.04
C TYR A 171 -17.30 -6.52 7.33
N LEU A 172 -16.23 -6.23 8.06
CA LEU A 172 -15.07 -5.58 7.43
C LEU A 172 -14.37 -6.52 6.46
N LYS A 173 -14.30 -7.81 6.79
CA LYS A 173 -13.73 -8.76 5.85
C LYS A 173 -14.59 -8.90 4.60
N ASN A 174 -15.92 -8.88 4.76
CA ASN A 174 -16.83 -9.02 3.63
C ASN A 174 -16.86 -7.79 2.73
N GLY A 175 -16.27 -6.68 3.17
CA GLY A 175 -16.24 -5.48 2.35
C GLY A 175 -14.86 -4.88 2.22
N ASN A 176 -13.84 -5.65 2.61
CA ASN A 176 -12.46 -5.17 2.55
C ASN A 176 -12.01 -4.99 1.11
N LEU A 179 -14.50 -0.39 1.50
CA LEU A 179 -14.77 0.20 2.81
C LEU A 179 -13.63 1.12 3.22
N LEU A 180 -12.41 0.69 2.92
CA LEU A 180 -11.21 1.49 3.16
C LEU A 180 -11.11 2.70 2.24
N ARG A 181 -12.07 2.91 1.35
CA ARG A 181 -11.96 3.93 0.32
C ARG A 181 -12.12 5.33 0.90
N THR A 182 -11.26 6.24 0.44
CA THR A 182 -11.39 7.66 0.72
C THR A 182 -11.27 8.41 -0.59
N ASP A 183 -12.08 9.47 -0.74
CA ASP A 183 -12.02 10.34 -1.91
C ASP A 183 -11.44 11.67 -1.46
N SER A 184 -10.36 12.08 -2.11
CA SER A 184 -9.69 13.32 -1.73
C SER A 184 -10.44 14.54 -2.26
N PRO A 185 -10.31 15.68 -1.61
CA PRO A 185 -11.00 16.89 -2.08
C PRO A 185 -10.30 17.51 -3.28
N LYS A 186 -11.11 17.94 -4.25
CA LYS A 186 -10.65 18.75 -5.37
C LYS A 186 -11.06 20.18 -5.10
N ALA A 187 -10.09 21.09 -5.07
CA ALA A 187 -10.30 22.43 -4.55
C ALA A 187 -10.03 23.48 -5.61
N HIS A 188 -10.81 24.56 -5.54
CA HIS A 188 -10.61 25.74 -6.37
C HIS A 188 -11.16 26.95 -5.65
N VAL A 189 -10.65 28.13 -5.97
CA VAL A 189 -11.06 29.38 -5.34
C VAL A 189 -11.77 30.22 -6.39
N THR A 190 -13.00 30.63 -6.07
CA THR A 190 -13.75 31.54 -6.93
C THR A 190 -13.60 32.98 -6.42
N HIS A 191 -13.97 33.93 -7.29
CA HIS A 191 -13.66 35.34 -7.12
C HIS A 191 -14.95 36.14 -7.34
N HIS A 192 -15.39 36.86 -6.30
CA HIS A 192 -16.74 37.44 -6.27
C HIS A 192 -16.67 38.94 -6.00
N PRO A 193 -16.35 39.75 -7.02
CA PRO A 193 -16.23 41.20 -6.82
C PRO A 193 -17.52 41.80 -6.27
N ARG A 194 -17.50 42.16 -4.99
CA ARG A 194 -18.67 42.70 -4.33
C ARG A 194 -18.75 44.22 -4.47
N GLY A 197 -14.86 48.93 -1.37
CA GLY A 197 -14.21 48.22 -2.45
C GLY A 197 -13.64 46.88 -2.01
N GLU A 198 -14.03 45.80 -2.69
CA GLU A 198 -13.65 44.48 -2.25
C GLU A 198 -13.93 43.44 -3.33
N VAL A 199 -13.46 42.23 -3.05
CA VAL A 199 -13.93 41.01 -3.69
C VAL A 199 -13.97 39.94 -2.62
N THR A 200 -14.92 39.03 -2.72
CA THR A 200 -15.00 37.88 -1.83
C THR A 200 -14.26 36.71 -2.44
N LEU A 201 -13.41 36.06 -1.66
CA LEU A 201 -12.70 34.86 -2.06
C LEU A 201 -13.38 33.67 -1.41
N ARG A 202 -13.79 32.69 -2.21
CA ARG A 202 -14.50 31.51 -1.73
C ARG A 202 -13.72 30.27 -2.12
N CYS A 203 -13.24 29.53 -1.11
CA CYS A 203 -12.47 28.31 -1.33
C CYS A 203 -13.39 27.12 -1.33
N TRP A 204 -13.36 26.34 -2.41
CA TRP A 204 -14.27 25.22 -2.60
C TRP A 204 -13.55 23.90 -2.38
N ALA A 205 -14.21 22.97 -1.71
CA ALA A 205 -13.76 21.60 -1.57
C ALA A 205 -14.89 20.68 -2.01
N LEU A 206 -14.63 19.84 -3.01
CA LEU A 206 -15.67 19.00 -3.61
C LEU A 206 -15.16 17.58 -3.78
N GLY A 207 -16.13 16.65 -3.86
CA GLY A 207 -15.83 15.28 -4.22
C GLY A 207 -15.06 14.48 -3.18
N PHE A 208 -15.14 14.87 -1.91
CA PHE A 208 -14.34 14.22 -0.87
C PHE A 208 -15.21 13.31 -0.02
N TYR A 209 -14.59 12.25 0.49
CA TYR A 209 -15.22 11.31 1.40
C TYR A 209 -14.09 10.77 2.28
N PRO A 210 -14.27 10.66 3.60
CA PRO A 210 -15.49 10.99 4.37
C PRO A 210 -15.75 12.48 4.46
N ALA A 211 -16.80 12.85 5.20
CA ALA A 211 -17.26 14.24 5.25
C ALA A 211 -16.34 15.14 6.06
N ASP A 212 -15.64 14.59 7.05
CA ASP A 212 -14.77 15.40 7.89
C ASP A 212 -13.70 16.08 7.04
N ILE A 213 -13.59 17.40 7.16
CA ILE A 213 -12.65 18.19 6.37
C ILE A 213 -12.47 19.52 7.09
N THR A 214 -11.35 20.18 6.81
CA THR A 214 -11.04 21.48 7.42
C THR A 214 -10.55 22.43 6.35
N LEU A 215 -11.16 23.60 6.28
CA LEU A 215 -10.78 24.66 5.36
C LEU A 215 -10.29 25.86 6.16
N THR A 216 -9.15 26.42 5.76
CA THR A 216 -8.60 27.60 6.43
C THR A 216 -8.10 28.59 5.40
N TRP A 217 -8.15 29.86 5.76
CA TRP A 217 -7.60 30.96 4.98
C TRP A 217 -6.46 31.59 5.76
N GLN A 218 -5.41 32.00 5.04
CA GLN A 218 -4.23 32.57 5.67
C GLN A 218 -3.81 33.84 4.95
N LEU A 219 -3.33 34.81 5.73
CA LEU A 219 -2.71 36.02 5.21
C LEU A 219 -1.35 36.16 5.88
N ASN A 220 -0.29 35.87 5.14
CA ASN A 220 1.08 36.03 5.64
C ASN A 220 1.32 35.16 6.88
N GLY A 221 0.90 33.89 6.78
CA GLY A 221 1.14 32.93 7.83
C GLY A 221 0.10 32.88 8.94
N GLU A 222 -0.77 33.90 9.02
CA GLU A 222 -1.81 33.95 10.04
C GLU A 222 -3.11 33.42 9.46
N GLU A 223 -3.65 32.37 10.07
CA GLU A 223 -5.00 31.94 9.76
C GLU A 223 -5.96 33.07 10.09
N LEU A 224 -6.96 33.27 9.22
CA LEU A 224 -7.83 34.43 9.36
C LEU A 224 -9.23 34.03 9.78
N THR A 225 -9.56 34.40 11.01
CA THR A 225 -10.88 34.22 11.58
C THR A 225 -11.68 35.51 11.55
N GLN A 226 -11.09 36.61 11.10
CA GLN A 226 -11.78 37.90 10.96
C GLN A 226 -12.87 37.70 9.92
N ASP A 227 -13.96 37.09 10.37
CA ASP A 227 -15.10 36.78 9.52
C ASP A 227 -14.72 35.81 8.39
N MET A 228 -14.24 34.63 8.79
CA MET A 228 -14.13 33.51 7.87
C MET A 228 -15.49 32.84 7.79
N GLU A 229 -16.18 33.02 6.67
CA GLU A 229 -17.53 32.50 6.51
C GLU A 229 -17.48 31.09 5.91
N LEU A 230 -18.30 30.20 6.44
CA LEU A 230 -18.35 28.80 6.01
C LEU A 230 -19.78 28.43 5.62
N VAL A 231 -19.93 27.16 5.27
CA VAL A 231 -21.22 26.48 5.23
C VAL A 231 -20.99 25.12 5.87
N GLU A 232 -22.04 24.58 6.47
N GLU A 232 -22.04 24.57 6.46
CA GLU A 232 -21.93 23.23 7.00
CA GLU A 232 -21.99 23.21 6.98
C GLU A 232 -21.71 22.24 5.86
C GLU A 232 -21.72 22.24 5.85
N THR A 233 -20.80 21.30 6.08
CA THR A 233 -20.52 20.27 5.09
C THR A 233 -21.81 19.59 4.65
N ARG A 234 -21.96 19.41 3.34
CA ARG A 234 -23.21 18.99 2.77
C ARG A 234 -22.97 17.87 1.76
N PRO A 235 -23.91 16.94 1.60
CA PRO A 235 -23.72 15.84 0.65
C PRO A 235 -24.08 16.24 -0.77
N ALA A 236 -23.21 15.85 -1.70
CA ALA A 236 -23.51 16.06 -3.12
C ALA A 236 -24.70 15.22 -3.56
N GLY A 237 -24.95 14.10 -2.89
CA GLY A 237 -25.97 13.17 -3.28
C GLY A 237 -25.46 11.93 -3.99
N ASP A 238 -24.14 11.83 -4.21
CA ASP A 238 -23.53 10.70 -4.87
C ASP A 238 -22.56 9.94 -3.97
N GLY A 239 -22.62 10.18 -2.67
CA GLY A 239 -21.69 9.59 -1.73
C GLY A 239 -20.58 10.52 -1.27
N THR A 240 -20.32 11.59 -2.01
CA THR A 240 -19.29 12.56 -1.67
C THR A 240 -19.93 13.78 -1.02
N PHE A 241 -19.08 14.68 -0.53
CA PHE A 241 -19.51 15.86 0.20
C PHE A 241 -18.89 17.11 -0.41
N GLN A 242 -19.48 18.25 -0.05
CA GLN A 242 -19.03 19.54 -0.51
C GLN A 242 -18.82 20.45 0.68
N LYS A 243 -18.06 21.52 0.45
CA LYS A 243 -17.88 22.54 1.47
C LYS A 243 -17.16 23.72 0.85
N TRP A 244 -17.37 24.90 1.43
CA TRP A 244 -16.57 26.05 1.05
C TRP A 244 -16.42 26.99 2.23
N ALA A 245 -15.42 27.85 2.14
CA ALA A 245 -15.14 28.86 3.14
C ALA A 245 -14.64 30.11 2.43
N SER A 246 -15.00 31.28 2.97
CA SER A 246 -14.73 32.53 2.27
C SER A 246 -14.17 33.57 3.24
N VAL A 247 -13.47 34.54 2.66
CA VAL A 247 -12.89 35.67 3.40
C VAL A 247 -13.25 36.95 2.65
N VAL A 248 -13.27 38.04 3.40
CA VAL A 248 -13.49 39.37 2.84
C VAL A 248 -12.12 40.01 2.64
N VAL A 249 -11.79 40.39 1.41
CA VAL A 249 -10.45 40.87 1.11
C VAL A 249 -10.49 42.19 0.34
N PRO A 250 -9.60 43.13 0.63
CA PRO A 250 -9.45 44.30 -0.24
C PRO A 250 -9.06 43.88 -1.65
N LEU A 251 -9.69 44.53 -2.63
CA LEU A 251 -9.44 44.20 -4.03
C LEU A 251 -8.00 44.51 -4.41
N GLY A 252 -7.51 43.81 -5.42
CA GLY A 252 -6.16 44.02 -5.94
C GLY A 252 -5.09 43.17 -5.29
N LYS A 253 -5.08 43.13 -3.95
CA LYS A 253 -4.10 42.32 -3.21
C LYS A 253 -4.61 40.91 -2.98
N GLU A 254 -5.08 40.26 -4.04
CA GLU A 254 -5.63 38.92 -3.90
C GLU A 254 -4.57 37.89 -3.55
N GLN A 255 -3.39 38.00 -4.14
CA GLN A 255 -2.36 36.98 -3.96
C GLN A 255 -1.79 36.94 -2.55
N ASN A 256 -2.23 37.81 -1.65
CA ASN A 256 -1.79 37.75 -0.27
C ASN A 256 -2.47 36.65 0.53
N TYR A 257 -3.51 36.04 0.00
CA TYR A 257 -4.35 35.12 0.77
C TYR A 257 -4.32 33.73 0.14
N THR A 258 -4.07 32.73 0.98
CA THR A 258 -4.02 31.34 0.56
C THR A 258 -5.06 30.53 1.33
N CYS A 259 -5.65 29.56 0.65
CA CYS A 259 -6.57 28.61 1.26
C CYS A 259 -5.89 27.26 1.43
N ARG A 260 -6.12 26.64 2.57
CA ARG A 260 -5.59 25.31 2.86
C ARG A 260 -6.75 24.36 3.15
N VAL A 261 -6.61 23.12 2.71
CA VAL A 261 -7.66 22.12 2.84
C VAL A 261 -7.04 20.86 3.42
N TYR A 262 -7.58 20.42 4.56
CA TYR A 262 -7.08 19.25 5.27
C TYR A 262 -8.11 18.13 5.20
N HIS A 263 -7.64 16.91 4.94
CA HIS A 263 -8.54 15.78 4.79
C HIS A 263 -7.72 14.50 4.85
N GLU A 264 -8.30 13.48 5.51
CA GLU A 264 -7.55 12.25 5.80
C GLU A 264 -7.13 11.50 4.55
N GLY A 265 -7.74 11.80 3.40
CA GLY A 265 -7.38 11.16 2.16
C GLY A 265 -6.24 11.80 1.41
N LEU A 266 -5.85 13.01 1.79
CA LEU A 266 -4.80 13.73 1.08
C LEU A 266 -3.43 13.22 1.53
N PRO A 267 -2.46 13.11 0.61
CA PRO A 267 -1.07 12.85 1.06
C PRO A 267 -0.56 13.95 1.98
N GLU A 268 -0.93 15.20 1.72
CA GLU A 268 -0.60 16.31 2.59
C GLU A 268 -1.57 17.45 2.32
N PRO A 269 -1.75 18.38 3.25
CA PRO A 269 -2.75 19.43 3.07
C PRO A 269 -2.54 20.22 1.78
N LEU A 270 -3.65 20.56 1.13
CA LEU A 270 -3.60 21.39 -0.06
C LEU A 270 -3.36 22.84 0.30
N THR A 271 -2.75 23.57 -0.64
CA THR A 271 -2.55 25.01 -0.51
C THR A 271 -3.02 25.66 -1.80
N LEU A 272 -3.88 26.67 -1.68
CA LEU A 272 -4.53 27.25 -2.84
C LEU A 272 -4.52 28.76 -2.80
N ARG A 273 -4.23 29.36 -3.95
CA ARG A 273 -4.46 30.76 -4.22
C ARG A 273 -5.42 30.91 -5.38
N TRP A 274 -6.09 32.05 -5.42
CA TRP A 274 -6.93 32.36 -6.57
C TRP A 274 -6.06 32.59 -7.80
N GLU A 275 -6.37 31.89 -8.89
CA GLU A 275 -5.60 32.00 -10.12
C GLU A 275 -6.50 32.48 -11.27
N GLY B 1 -39.02 24.87 24.49
CA GLY B 1 -39.74 23.59 24.24
C GLY B 1 -38.81 22.48 23.76
N ILE B 2 -39.39 21.47 23.12
CA ILE B 2 -38.61 20.36 22.57
C ILE B 2 -38.22 20.58 21.12
N GLN B 3 -38.77 21.59 20.47
CA GLN B 3 -38.61 21.73 19.03
C GLN B 3 -37.21 22.25 18.71
N LYS B 4 -36.62 21.72 17.63
CA LYS B 4 -35.35 22.21 17.11
C LYS B 4 -35.58 22.70 15.69
N THR B 5 -35.18 23.93 15.42
CA THR B 5 -35.53 24.59 14.17
C THR B 5 -34.58 24.14 13.05
N PRO B 6 -35.10 23.71 11.90
CA PRO B 6 -34.24 23.15 10.86
C PRO B 6 -33.31 24.19 10.24
N GLN B 7 -32.13 23.72 9.85
CA GLN B 7 -31.20 24.48 9.02
C GLN B 7 -31.30 23.99 7.58
N ILE B 8 -31.14 24.90 6.63
CA ILE B 8 -31.43 24.63 5.23
C ILE B 8 -30.28 25.12 4.36
N GLN B 9 -29.92 24.31 3.37
CA GLN B 9 -29.02 24.73 2.30
C GLN B 9 -29.61 24.31 0.96
N VAL B 10 -29.41 25.14 -0.04
CA VAL B 10 -29.83 24.87 -1.42
C VAL B 10 -28.61 24.96 -2.30
N TYR B 11 -28.39 23.94 -3.13
CA TYR B 11 -27.15 23.85 -3.88
C TYR B 11 -27.27 22.70 -4.88
N SER B 12 -26.50 22.80 -5.96
CA SER B 12 -26.50 21.79 -7.00
C SER B 12 -25.41 20.76 -6.76
N ARG B 13 -25.62 19.55 -7.29
CA ARG B 13 -24.62 18.49 -7.15
C ARG B 13 -23.33 18.86 -7.87
N HIS B 14 -23.44 19.29 -9.11
CA HIS B 14 -22.30 19.63 -9.94
C HIS B 14 -22.23 21.14 -10.15
N PRO B 15 -21.06 21.68 -10.49
CA PRO B 15 -20.95 23.11 -10.75
C PRO B 15 -21.96 23.54 -11.80
N PRO B 16 -22.70 24.62 -11.55
CA PRO B 16 -23.81 24.96 -12.45
C PRO B 16 -23.33 25.58 -13.76
N GLU B 17 -23.85 25.06 -14.87
CA GLU B 17 -23.63 25.62 -16.19
C GLU B 17 -24.98 25.76 -16.86
N ASN B 18 -25.33 26.97 -17.28
CA ASN B 18 -26.65 27.21 -17.83
C ASN B 18 -26.91 26.31 -19.04
N GLY B 19 -28.02 25.59 -18.99
CA GLY B 19 -28.42 24.71 -20.06
C GLY B 19 -28.02 23.26 -19.88
N LYS B 20 -27.02 22.98 -19.03
CA LYS B 20 -26.59 21.61 -18.79
C LYS B 20 -27.40 21.00 -17.65
N PRO B 21 -28.04 19.84 -17.83
CA PRO B 21 -28.83 19.26 -16.74
C PRO B 21 -27.96 18.97 -15.53
N ASN B 22 -28.58 19.07 -14.36
CA ASN B 22 -27.86 18.97 -13.09
C ASN B 22 -28.83 18.43 -12.05
N ILE B 23 -28.38 18.36 -10.80
CA ILE B 23 -29.21 17.95 -9.68
C ILE B 23 -29.23 19.08 -8.66
N LEU B 24 -30.42 19.48 -8.23
CA LEU B 24 -30.57 20.49 -7.20
C LEU B 24 -30.87 19.78 -5.88
N ASN B 25 -30.12 20.16 -4.84
CA ASN B 25 -30.25 19.58 -3.52
C ASN B 25 -30.86 20.59 -2.56
N CYS B 26 -31.75 20.11 -1.69
CA CYS B 26 -32.21 20.86 -0.53
C CYS B 26 -31.89 20.04 0.71
N TYR B 27 -30.90 20.49 1.46
CA TYR B 27 -30.34 19.75 2.58
C TYR B 27 -30.83 20.38 3.88
N VAL B 28 -31.61 19.62 4.65
CA VAL B 28 -32.30 20.13 5.83
C VAL B 28 -31.82 19.34 7.04
N THR B 29 -31.38 20.05 8.08
CA THR B 29 -30.68 19.42 9.19
C THR B 29 -31.13 20.01 10.52
N GLN B 30 -30.82 19.26 11.58
CA GLN B 30 -30.91 19.77 12.96
C GLN B 30 -32.34 20.13 13.36
N PHE B 31 -33.29 19.24 13.09
CA PHE B 31 -34.67 19.51 13.45
C PHE B 31 -35.26 18.37 14.28
N HIS B 32 -36.24 18.74 15.11
CA HIS B 32 -36.99 17.84 15.96
C HIS B 32 -38.35 18.51 16.17
N PRO B 33 -39.47 17.77 16.07
CA PRO B 33 -39.58 16.33 15.81
C PRO B 33 -39.31 15.99 14.36
N PRO B 34 -39.24 14.68 14.03
CA PRO B 34 -38.81 14.29 12.69
C PRO B 34 -39.80 14.62 11.57
N HIS B 35 -41.09 14.76 11.86
CA HIS B 35 -42.02 15.09 10.79
C HIS B 35 -41.68 16.45 10.20
N ILE B 36 -41.76 16.55 8.87
CA ILE B 36 -41.32 17.74 8.15
C ILE B 36 -41.91 17.70 6.77
N GLU B 37 -42.06 18.88 6.16
CA GLU B 37 -42.53 19.03 4.80
C GLU B 37 -41.51 19.84 4.01
N ILE B 38 -41.12 19.31 2.85
CA ILE B 38 -40.14 19.96 1.98
C ILE B 38 -40.72 20.03 0.58
N GLN B 39 -40.79 21.24 0.03
CA GLN B 39 -41.19 21.45 -1.36
C GLN B 39 -40.06 22.18 -2.08
N MET B 40 -39.72 21.69 -3.27
CA MET B 40 -38.73 22.33 -4.12
C MET B 40 -39.45 23.07 -5.24
N LEU B 41 -39.05 24.32 -5.47
CA LEU B 41 -39.79 25.23 -6.32
C LEU B 41 -38.93 25.72 -7.48
N LYS B 42 -39.55 25.85 -8.65
CA LYS B 42 -38.95 26.50 -9.81
C LYS B 42 -39.87 27.63 -10.25
N ASN B 43 -39.39 28.86 -10.18
CA ASN B 43 -40.17 30.04 -10.54
C ASN B 43 -41.53 30.02 -9.84
N GLY B 44 -41.53 29.58 -8.58
CA GLY B 44 -42.73 29.55 -7.76
C GLY B 44 -43.59 28.31 -7.91
N LYS B 45 -43.36 27.50 -8.94
CA LYS B 45 -44.15 26.30 -9.14
C LYS B 45 -43.56 25.12 -8.39
N LYS B 46 -44.43 24.21 -7.94
CA LYS B 46 -43.98 22.97 -7.34
C LYS B 46 -43.28 22.12 -8.40
N ILE B 47 -42.07 21.68 -8.08
CA ILE B 47 -41.37 20.72 -8.94
C ILE B 47 -41.95 19.33 -8.68
N PRO B 48 -42.42 18.62 -9.70
CA PRO B 48 -43.34 17.49 -9.46
C PRO B 48 -42.74 16.34 -8.68
N LYS B 49 -41.69 15.70 -9.18
CA LYS B 49 -41.17 14.48 -8.58
C LYS B 49 -39.84 14.80 -7.90
N VAL B 50 -39.95 15.27 -6.65
CA VAL B 50 -38.79 15.54 -5.80
C VAL B 50 -38.49 14.27 -5.01
N GLU B 51 -37.28 13.74 -5.17
CA GLU B 51 -36.88 12.53 -4.47
C GLU B 51 -36.44 12.88 -3.05
N MET B 52 -36.84 12.04 -2.10
CA MET B 52 -36.65 12.30 -0.67
C MET B 52 -35.87 11.14 -0.07
N SER B 53 -34.80 11.46 0.66
CA SER B 53 -34.02 10.43 1.31
C SER B 53 -34.76 9.89 2.54
N ASP B 54 -34.31 8.73 3.03
CA ASP B 54 -34.94 8.08 4.15
C ASP B 54 -34.53 8.75 5.46
N MET B 55 -35.39 8.60 6.47
N MET B 55 -35.39 8.63 6.47
CA MET B 55 -35.21 9.26 7.76
CA MET B 55 -35.18 9.39 7.68
C MET B 55 -33.93 8.82 8.43
C MET B 55 -33.99 8.86 8.46
N SER B 56 -33.14 9.78 8.91
CA SER B 56 -31.94 9.47 9.67
C SER B 56 -31.70 10.58 10.68
N PHE B 57 -30.95 10.27 11.75
CA PHE B 57 -30.60 11.28 12.74
C PHE B 57 -29.11 11.20 13.06
N SER B 58 -28.61 12.31 13.61
CA SER B 58 -27.19 12.47 13.91
C SER B 58 -26.92 12.15 15.38
N LYS B 59 -25.65 12.20 15.76
CA LYS B 59 -25.26 11.79 17.10
C LYS B 59 -25.75 12.76 18.17
N ASP B 60 -26.11 13.98 17.81
CA ASP B 60 -26.77 14.88 18.75
C ASP B 60 -28.28 14.66 18.79
N TRP B 61 -28.77 13.59 18.19
CA TRP B 61 -30.16 13.15 18.17
C TRP B 61 -30.99 13.91 17.15
N SER B 62 -30.49 15.02 16.59
CA SER B 62 -31.29 15.79 15.66
C SER B 62 -31.38 15.07 14.32
N PHE B 63 -32.52 15.24 13.66
CA PHE B 63 -32.80 14.56 12.40
C PHE B 63 -32.33 15.40 11.22
N TYR B 64 -32.19 14.73 10.08
CA TYR B 64 -31.73 15.39 8.87
C TYR B 64 -32.22 14.59 7.66
N ILE B 65 -32.26 15.27 6.51
CA ILE B 65 -32.83 14.68 5.31
C ILE B 65 -32.36 15.49 4.11
N LEU B 66 -32.25 14.82 2.97
CA LEU B 66 -31.81 15.44 1.72
C LEU B 66 -32.91 15.28 0.68
N ALA B 67 -33.41 16.40 0.17
CA ALA B 67 -34.32 16.39 -0.97
C ALA B 67 -33.55 16.79 -2.21
N HIS B 68 -33.90 16.19 -3.35
CA HIS B 68 -33.21 16.52 -4.58
C HIS B 68 -34.11 16.26 -5.78
N THR B 69 -33.76 16.90 -6.89
CA THR B 69 -34.52 16.78 -8.12
C THR B 69 -33.61 17.16 -9.28
N GLU B 70 -34.01 16.77 -10.48
CA GLU B 70 -33.27 17.14 -11.68
C GLU B 70 -33.69 18.54 -12.12
N PHE B 71 -32.71 19.32 -12.57
CA PHE B 71 -33.01 20.66 -13.08
C PHE B 71 -31.92 21.07 -14.05
N THR B 72 -32.27 22.01 -14.92
CA THR B 72 -31.33 22.57 -15.89
C THR B 72 -31.29 24.08 -15.68
N PRO B 73 -30.28 24.62 -15.00
CA PRO B 73 -30.26 26.05 -14.72
C PRO B 73 -30.20 26.88 -15.99
N THR B 74 -30.74 28.10 -15.91
CA THR B 74 -30.61 29.09 -16.97
C THR B 74 -30.23 30.43 -16.36
N GLU B 75 -30.22 31.48 -17.17
CA GLU B 75 -29.84 32.80 -16.68
C GLU B 75 -30.85 33.32 -15.66
N THR B 76 -32.15 33.19 -15.95
CA THR B 76 -33.17 33.92 -15.21
C THR B 76 -34.04 33.06 -14.32
N ASP B 77 -34.07 31.75 -14.51
CA ASP B 77 -34.98 30.91 -13.74
C ASP B 77 -34.58 30.86 -12.26
N THR B 78 -35.58 30.93 -11.39
CA THR B 78 -35.38 30.93 -9.95
C THR B 78 -35.69 29.53 -9.40
N TYR B 79 -34.93 29.13 -8.38
CA TYR B 79 -35.17 27.87 -7.69
C TYR B 79 -35.05 28.11 -6.18
N ALA B 80 -35.91 27.46 -5.42
CA ALA B 80 -35.93 27.64 -3.98
C ALA B 80 -36.37 26.34 -3.30
N CYS B 81 -36.08 26.26 -2.01
CA CYS B 81 -36.58 25.17 -1.17
C CYS B 81 -37.42 25.78 -0.06
N ARG B 82 -38.59 25.21 0.17
CA ARG B 82 -39.56 25.72 1.14
C ARG B 82 -39.88 24.62 2.13
N VAL B 83 -39.65 24.88 3.42
CA VAL B 83 -39.74 23.88 4.47
C VAL B 83 -40.83 24.28 5.46
N LYS B 84 -41.65 23.30 5.84
CA LYS B 84 -42.63 23.45 6.89
C LYS B 84 -42.26 22.52 8.04
N HIS B 85 -42.27 23.04 9.26
CA HIS B 85 -41.90 22.27 10.42
C HIS B 85 -42.53 22.91 11.66
N ASP B 86 -42.89 22.05 12.63
CA ASP B 86 -43.62 22.53 13.80
C ASP B 86 -42.79 23.50 14.65
N SER B 87 -41.47 23.55 14.46
CA SER B 87 -40.64 24.50 15.18
C SER B 87 -40.85 25.94 14.73
N MET B 88 -41.50 26.15 13.58
CA MET B 88 -41.69 27.46 13.01
C MET B 88 -43.17 27.73 12.83
N ALA B 89 -43.55 29.01 12.97
CA ALA B 89 -44.96 29.38 12.80
C ALA B 89 -45.35 29.37 11.33
N GLU B 90 -44.44 29.76 10.45
CA GLU B 90 -44.71 29.84 9.02
C GLU B 90 -43.64 29.10 8.25
N PRO B 91 -43.91 28.69 7.01
CA PRO B 91 -42.91 27.98 6.22
C PRO B 91 -41.70 28.85 5.91
N LYS B 92 -40.53 28.24 5.90
CA LYS B 92 -39.28 28.91 5.59
C LYS B 92 -38.89 28.65 4.14
N THR B 93 -38.50 29.72 3.43
CA THR B 93 -38.09 29.64 2.05
C THR B 93 -36.63 30.06 1.94
N VAL B 94 -35.82 29.22 1.28
CA VAL B 94 -34.42 29.52 0.98
C VAL B 94 -34.24 29.44 -0.52
N TYR B 95 -33.64 30.47 -1.10
CA TYR B 95 -33.48 30.59 -2.54
C TYR B 95 -32.12 30.08 -2.97
N TRP B 96 -32.06 29.58 -4.21
CA TRP B 96 -30.82 29.06 -4.76
C TRP B 96 -29.94 30.20 -5.26
N ASP B 97 -28.70 30.23 -4.79
CA ASP B 97 -27.66 31.14 -5.26
C ASP B 97 -26.55 30.29 -5.86
N ARG B 98 -26.35 30.42 -7.18
CA ARG B 98 -25.41 29.55 -7.87
C ARG B 98 -23.97 29.72 -7.38
N ASP B 99 -23.69 30.75 -6.58
CA ASP B 99 -22.35 31.00 -6.07
C ASP B 99 -22.15 30.47 -4.66
N MET B 100 -23.08 29.65 -4.16
CA MET B 100 -22.98 29.16 -2.79
C MET B 100 -23.45 27.72 -2.68
N GLY C 1 3.08 -2.46 -10.17
CA GLY C 1 3.08 -3.47 -11.27
C GLY C 1 2.83 -2.85 -12.63
N PRO C 2 2.91 -3.66 -13.68
CA PRO C 2 2.68 -3.15 -15.03
C PRO C 2 1.20 -2.91 -15.28
N HIS C 3 0.93 -2.18 -16.37
CA HIS C 3 -0.43 -1.84 -16.77
C HIS C 3 -0.53 -1.92 -18.28
N SER C 4 -1.76 -1.88 -18.78
CA SER C 4 -2.00 -1.96 -20.21
C SER C 4 -3.37 -1.40 -20.53
N MET C 5 -3.56 -1.08 -21.81
CA MET C 5 -4.86 -0.74 -22.36
C MET C 5 -5.00 -1.41 -23.72
N ARG C 6 -6.21 -1.84 -24.04
CA ARG C 6 -6.48 -2.49 -25.32
C ARG C 6 -7.86 -2.10 -25.82
N TYR C 7 -8.00 -2.09 -27.14
CA TYR C 7 -9.30 -1.97 -27.80
C TYR C 7 -9.46 -3.13 -28.77
N PHE C 8 -10.48 -3.94 -28.54
CA PHE C 8 -10.79 -5.09 -29.39
C PHE C 8 -12.01 -4.74 -30.24
N GLU C 9 -11.80 -4.68 -31.55
CA GLU C 9 -12.84 -4.26 -32.49
C GLU C 9 -13.19 -5.41 -33.43
N THR C 10 -14.47 -5.53 -33.76
CA THR C 10 -14.96 -6.62 -34.59
C THR C 10 -16.05 -6.11 -35.52
N ALA C 11 -15.94 -6.44 -36.80
CA ALA C 11 -17.00 -6.22 -37.78
C ALA C 11 -17.35 -7.56 -38.40
N VAL C 12 -18.64 -7.91 -38.37
CA VAL C 12 -19.14 -9.15 -38.94
C VAL C 12 -20.17 -8.83 -40.00
N SER C 13 -19.98 -9.38 -41.19
CA SER C 13 -20.94 -9.32 -42.27
C SER C 13 -21.66 -10.65 -42.39
N ARG C 14 -22.94 -10.59 -42.73
CA ARG C 14 -23.76 -11.77 -42.97
C ARG C 14 -24.51 -11.59 -44.28
N PRO C 15 -24.97 -12.68 -44.89
CA PRO C 15 -25.66 -12.54 -46.19
C PRO C 15 -26.92 -11.69 -46.12
N GLY C 16 -27.77 -11.93 -45.11
CA GLY C 16 -29.03 -11.21 -45.04
C GLY C 16 -28.85 -9.74 -44.68
N LEU C 17 -28.03 -9.47 -43.68
CA LEU C 17 -27.80 -8.09 -43.26
C LEU C 17 -26.92 -7.37 -44.28
N GLU C 18 -27.23 -6.11 -44.54
CA GLU C 18 -26.53 -5.35 -45.57
C GLU C 18 -25.28 -4.65 -45.01
N GLU C 19 -25.44 -3.87 -43.94
CA GLU C 19 -24.24 -3.29 -43.33
C GLU C 19 -23.73 -4.20 -42.21
N PRO C 20 -22.42 -4.39 -42.08
CA PRO C 20 -21.92 -5.26 -41.01
C PRO C 20 -22.21 -4.70 -39.63
N ARG C 21 -22.22 -5.59 -38.64
CA ARG C 21 -22.31 -5.20 -37.25
C ARG C 21 -20.91 -4.92 -36.71
N TYR C 22 -20.73 -3.76 -36.10
CA TYR C 22 -19.44 -3.34 -35.57
C TYR C 22 -19.54 -3.26 -34.05
N ILE C 23 -18.57 -3.87 -33.37
CA ILE C 23 -18.49 -3.86 -31.92
C ILE C 23 -17.06 -3.49 -31.52
N SER C 24 -16.93 -2.72 -30.44
CA SER C 24 -15.63 -2.27 -29.95
C SER C 24 -15.63 -2.35 -28.43
N VAL C 25 -14.61 -2.98 -27.87
CA VAL C 25 -14.49 -3.17 -26.42
C VAL C 25 -13.14 -2.65 -25.98
N GLY C 26 -13.14 -1.76 -24.99
CA GLY C 26 -11.92 -1.22 -24.43
C GLY C 26 -11.58 -1.88 -23.10
N TYR C 27 -10.28 -2.11 -22.89
CA TYR C 27 -9.79 -2.78 -21.69
C TYR C 27 -8.66 -1.97 -21.07
N VAL C 28 -8.65 -1.89 -19.74
CA VAL C 28 -7.53 -1.36 -18.98
C VAL C 28 -7.11 -2.43 -17.99
N ASP C 29 -5.84 -2.84 -18.05
CA ASP C 29 -5.35 -3.95 -17.23
C ASP C 29 -6.25 -5.17 -17.38
N ASN C 30 -6.67 -5.45 -18.61
CA ASN C 30 -7.40 -6.66 -18.98
C ASN C 30 -8.79 -6.72 -18.34
N LYS C 31 -9.43 -5.57 -18.13
CA LYS C 31 -10.78 -5.55 -17.59
C LYS C 31 -11.59 -4.52 -18.36
N GLU C 32 -12.74 -4.97 -18.89
CA GLU C 32 -13.54 -4.12 -19.76
C GLU C 32 -13.98 -2.85 -19.02
N PHE C 33 -13.84 -1.70 -19.69
CA PHE C 33 -14.28 -0.44 -19.10
C PHE C 33 -15.09 0.45 -20.03
N VAL C 34 -15.07 0.22 -21.34
CA VAL C 34 -15.98 0.87 -22.26
C VAL C 34 -16.42 -0.14 -23.31
N ARG C 35 -17.47 0.23 -24.04
CA ARG C 35 -18.02 -0.67 -25.04
C ARG C 35 -18.91 0.10 -26.01
N PHE C 36 -18.86 -0.31 -27.28
CA PHE C 36 -19.66 0.25 -28.34
C PHE C 36 -20.21 -0.89 -29.19
N ASP C 37 -21.46 -0.75 -29.62
CA ASP C 37 -22.13 -1.79 -30.40
C ASP C 37 -23.10 -1.13 -31.36
N SER C 38 -22.91 -1.36 -32.66
CA SER C 38 -23.75 -0.75 -33.67
C SER C 38 -25.17 -1.29 -33.66
N ASP C 39 -25.44 -2.40 -32.96
CA ASP C 39 -26.78 -2.95 -32.87
C ASP C 39 -27.66 -2.21 -31.88
N ALA C 40 -27.09 -1.37 -31.01
CA ALA C 40 -27.88 -0.64 -30.04
C ALA C 40 -28.85 0.31 -30.76
N GLU C 41 -29.92 0.66 -30.04
CA GLU C 41 -30.91 1.58 -30.61
C GLU C 41 -30.32 2.97 -30.79
N ASN C 42 -29.43 3.38 -29.89
CA ASN C 42 -28.65 4.61 -30.04
C ASN C 42 -27.18 4.24 -29.83
N PRO C 43 -26.44 3.95 -30.90
CA PRO C 43 -25.07 3.44 -30.71
C PRO C 43 -24.16 4.51 -30.15
N ARG C 44 -23.49 4.18 -29.05
CA ARG C 44 -22.52 5.06 -28.43
C ARG C 44 -21.64 4.26 -27.50
N TYR C 45 -20.40 4.72 -27.33
CA TYR C 45 -19.55 4.18 -26.28
C TYR C 45 -20.20 4.46 -24.94
N GLU C 46 -20.43 3.41 -24.17
CA GLU C 46 -20.99 3.55 -22.84
C GLU C 46 -19.99 3.06 -21.80
N PRO C 47 -20.05 3.59 -20.59
CA PRO C 47 -19.16 3.08 -19.54
C PRO C 47 -19.53 1.66 -19.17
N ARG C 48 -18.52 0.85 -18.90
CA ARG C 48 -18.73 -0.52 -18.47
C ARG C 48 -18.18 -0.77 -17.08
N ALA C 49 -17.74 0.28 -16.39
CA ALA C 49 -17.29 0.17 -15.01
C ALA C 49 -17.66 1.46 -14.30
N PRO C 50 -17.90 1.42 -12.99
CA PRO C 50 -18.37 2.65 -12.31
C PRO C 50 -17.34 3.76 -12.29
N TRP C 51 -16.04 3.44 -12.25
CA TRP C 51 -15.02 4.48 -12.18
C TRP C 51 -14.98 5.33 -13.46
N MET C 52 -15.53 4.84 -14.56
CA MET C 52 -15.60 5.61 -15.80
C MET C 52 -16.82 6.53 -15.85
N GLU C 53 -17.70 6.47 -14.86
CA GLU C 53 -18.86 7.36 -14.83
C GLU C 53 -18.44 8.82 -14.68
N GLN C 54 -17.24 9.07 -14.14
CA GLN C 54 -16.79 10.43 -13.90
C GLN C 54 -16.49 11.19 -15.19
N GLU C 55 -16.32 10.50 -16.32
CA GLU C 55 -16.04 11.19 -17.56
C GLU C 55 -17.27 11.95 -18.04
N GLY C 56 -17.05 13.16 -18.55
CA GLY C 56 -18.14 14.03 -18.93
C GLY C 56 -18.73 13.68 -20.28
N PRO C 57 -19.79 14.41 -20.65
CA PRO C 57 -20.49 14.09 -21.91
C PRO C 57 -19.60 14.20 -23.14
N GLU C 58 -18.75 15.22 -23.21
CA GLU C 58 -17.96 15.44 -24.42
C GLU C 58 -16.87 14.38 -24.62
N TYR C 59 -16.47 13.69 -23.54
CA TYR C 59 -15.58 12.55 -23.72
C TYR C 59 -16.29 11.44 -24.49
N TRP C 60 -17.56 11.17 -24.13
CA TRP C 60 -18.31 10.10 -24.76
C TRP C 60 -18.71 10.45 -26.18
N GLU C 61 -18.99 11.73 -26.44
CA GLU C 61 -19.36 12.14 -27.79
C GLU C 61 -18.17 12.06 -28.74
N ARG C 62 -16.96 12.29 -28.22
CA ARG C 62 -15.75 12.15 -29.04
C ARG C 62 -15.44 10.68 -29.32
N GLU C 63 -15.55 9.83 -28.29
CA GLU C 63 -15.31 8.41 -28.49
C GLU C 63 -16.33 7.81 -29.44
N THR C 64 -17.60 8.20 -29.32
CA THR C 64 -18.62 7.70 -30.22
C THR C 64 -18.33 8.11 -31.66
N GLN C 65 -17.83 9.33 -31.86
CA GLN C 65 -17.55 9.79 -33.22
C GLN C 65 -16.40 9.01 -33.83
N LYS C 66 -15.39 8.65 -33.04
CA LYS C 66 -14.32 7.80 -33.54
C LYS C 66 -14.84 6.41 -33.90
N ALA C 67 -15.69 5.84 -33.04
CA ALA C 67 -16.25 4.52 -33.33
C ALA C 67 -17.05 4.53 -34.63
N LYS C 68 -17.81 5.59 -34.87
CA LYS C 68 -18.59 5.67 -36.10
C LYS C 68 -17.67 5.77 -37.31
N GLY C 69 -16.50 6.38 -37.15
CA GLY C 69 -15.51 6.35 -38.23
C GLY C 69 -14.94 4.96 -38.44
N GLN C 70 -14.57 4.29 -37.35
CA GLN C 70 -14.08 2.91 -37.45
C GLN C 70 -15.08 2.03 -38.19
N GLU C 71 -16.37 2.18 -37.87
CA GLU C 71 -17.40 1.35 -38.51
C GLU C 71 -17.34 1.46 -40.03
N GLN C 72 -17.16 2.68 -40.55
CA GLN C 72 -17.07 2.86 -42.00
C GLN C 72 -15.77 2.27 -42.54
N TRP C 73 -14.66 2.54 -41.86
CA TRP C 73 -13.37 1.99 -42.23
C TRP C 73 -13.43 0.47 -42.36
N PHE C 74 -13.98 -0.20 -41.34
CA PHE C 74 -14.11 -1.66 -41.36
C PHE C 74 -15.00 -2.12 -42.51
N ARG C 75 -16.00 -1.32 -42.85
CA ARG C 75 -16.95 -1.70 -43.91
C ARG C 75 -16.30 -1.68 -45.27
N VAL C 76 -15.48 -0.67 -45.55
CA VAL C 76 -14.71 -0.66 -46.79
C VAL C 76 -13.70 -1.80 -46.81
N SER C 77 -13.07 -2.07 -45.66
CA SER C 77 -12.07 -3.12 -45.57
C SER C 77 -12.66 -4.49 -45.87
N LEU C 78 -13.86 -4.78 -45.35
CA LEU C 78 -14.50 -6.05 -45.64
C LEU C 78 -14.82 -6.18 -47.12
N ARG C 79 -15.25 -5.08 -47.76
CA ARG C 79 -15.50 -5.13 -49.19
C ARG C 79 -14.21 -5.41 -49.96
N ASN C 80 -13.12 -4.77 -49.57
CA ASN C 80 -11.85 -5.01 -50.26
C ASN C 80 -11.37 -6.44 -50.04
N LEU C 81 -11.55 -6.98 -48.84
CA LEU C 81 -11.02 -8.30 -48.54
C LEU C 81 -11.73 -9.40 -49.33
N LEU C 82 -13.02 -9.22 -49.65
CA LEU C 82 -13.68 -10.15 -50.55
C LEU C 82 -12.93 -10.26 -51.88
N GLY C 83 -12.48 -9.13 -52.43
CA GLY C 83 -11.78 -9.16 -53.69
C GLY C 83 -10.40 -9.78 -53.59
N TYR C 84 -9.65 -9.46 -52.54
CA TYR C 84 -8.31 -10.02 -52.40
C TYR C 84 -8.36 -11.54 -52.32
N TYR C 85 -9.35 -12.08 -51.63
CA TYR C 85 -9.46 -13.53 -51.44
C TYR C 85 -10.41 -14.19 -52.42
N ASN C 86 -10.90 -13.44 -53.42
CA ASN C 86 -11.75 -13.99 -54.47
C ASN C 86 -12.93 -14.76 -53.88
N GLN C 87 -13.48 -14.23 -52.79
CA GLN C 87 -14.68 -14.79 -52.18
C GLN C 87 -15.91 -14.20 -52.86
N SER C 88 -16.87 -15.05 -53.16
CA SER C 88 -18.09 -14.59 -53.82
C SER C 88 -19.11 -14.13 -52.79
N ALA C 89 -20.18 -13.51 -53.29
CA ALA C 89 -21.26 -13.06 -52.44
C ALA C 89 -22.00 -14.25 -51.83
N GLY C 90 -22.56 -14.04 -50.65
CA GLY C 90 -23.38 -15.04 -49.98
C GLY C 90 -22.77 -15.71 -48.78
N GLY C 91 -21.62 -15.23 -48.28
CA GLY C 91 -20.99 -15.78 -47.11
C GLY C 91 -21.05 -14.85 -45.91
N SER C 92 -20.55 -15.37 -44.80
CA SER C 92 -20.35 -14.59 -43.58
C SER C 92 -18.85 -14.39 -43.36
N HIS C 93 -18.46 -13.19 -42.93
CA HIS C 93 -17.06 -12.84 -42.82
C HIS C 93 -16.84 -12.00 -41.56
N THR C 94 -15.59 -12.02 -41.09
CA THR C 94 -15.23 -11.36 -39.85
C THR C 94 -13.91 -10.61 -40.03
N LEU C 95 -13.86 -9.40 -39.49
CA LEU C 95 -12.63 -8.60 -39.45
C LEU C 95 -12.45 -8.10 -38.02
N GLN C 96 -11.33 -8.47 -37.40
CA GLN C 96 -11.04 -8.11 -36.02
C GLN C 96 -9.77 -7.29 -35.95
N GLN C 97 -9.67 -6.46 -34.91
CA GLN C 97 -8.51 -5.62 -34.68
C GLN C 97 -8.21 -5.57 -33.19
N MET C 98 -6.94 -5.65 -32.85
CA MET C 98 -6.46 -5.43 -31.49
C MET C 98 -5.41 -4.33 -31.51
N SER C 99 -5.53 -3.39 -30.59
CA SER C 99 -4.57 -2.30 -30.47
C SER C 99 -4.47 -1.87 -29.02
N GLY C 100 -3.32 -1.33 -28.65
CA GLY C 100 -3.13 -0.86 -27.29
C GLY C 100 -1.65 -0.74 -26.97
N CYS C 101 -1.38 -0.49 -25.68
CA CYS C 101 -0.03 -0.26 -25.21
C CYS C 101 0.18 -0.99 -23.89
N ASP C 102 1.41 -1.47 -23.69
CA ASP C 102 1.84 -2.06 -22.42
C ASP C 102 2.77 -1.09 -21.70
N LEU C 103 2.54 -0.90 -20.41
CA LEU C 103 3.39 -0.04 -19.59
C LEU C 103 4.09 -0.87 -18.53
N GLY C 104 5.34 -0.51 -18.24
CA GLY C 104 6.06 -1.12 -17.15
C GLY C 104 5.58 -0.61 -15.81
N SER C 105 6.17 -1.17 -14.75
CA SER C 105 5.87 -0.69 -13.40
C SER C 105 6.24 0.77 -13.22
N ASP C 106 7.12 1.31 -14.07
CA ASP C 106 7.49 2.72 -14.04
C ASP C 106 6.55 3.58 -14.89
N TRP C 107 5.47 3.01 -15.41
CA TRP C 107 4.48 3.69 -16.23
C TRP C 107 5.05 4.17 -17.58
N ARG C 108 6.23 3.69 -17.97
CA ARG C 108 6.78 3.98 -19.28
C ARG C 108 6.32 2.94 -20.29
N LEU C 109 6.22 3.36 -21.55
CA LEU C 109 5.78 2.46 -22.60
C LEU C 109 6.75 1.30 -22.76
N LEU C 110 6.23 0.09 -22.62
CA LEU C 110 7.02 -1.11 -22.89
C LEU C 110 6.88 -1.56 -24.34
N ARG C 111 5.66 -1.49 -24.89
CA ARG C 111 5.42 -2.05 -26.22
C ARG C 111 4.05 -1.59 -26.69
N GLY C 112 3.94 -1.35 -27.99
CA GLY C 112 2.67 -1.04 -28.61
C GLY C 112 2.17 -2.21 -29.44
N TYR C 113 0.86 -2.28 -29.66
CA TYR C 113 0.24 -3.39 -30.36
C TYR C 113 -0.72 -2.87 -31.41
N LEU C 114 -0.66 -3.46 -32.61
CA LEU C 114 -1.64 -3.20 -33.65
C LEU C 114 -1.64 -4.41 -34.58
N GLN C 115 -2.70 -5.20 -34.54
CA GLN C 115 -2.80 -6.39 -35.37
C GLN C 115 -4.23 -6.55 -35.87
N PHE C 116 -4.36 -7.10 -37.07
CA PHE C 116 -5.64 -7.35 -37.71
C PHE C 116 -5.77 -8.83 -38.04
N ALA C 117 -7.01 -9.30 -38.11
CA ALA C 117 -7.28 -10.68 -38.49
C ALA C 117 -8.51 -10.73 -39.37
N TYR C 118 -8.45 -11.57 -40.40
CA TYR C 118 -9.58 -11.81 -41.29
C TYR C 118 -10.02 -13.26 -41.13
N GLU C 119 -11.32 -13.47 -40.98
CA GLU C 119 -11.87 -14.80 -40.75
C GLU C 119 -11.27 -15.42 -39.49
N GLY C 120 -10.92 -14.60 -38.51
CA GLY C 120 -10.33 -15.10 -37.29
C GLY C 120 -8.91 -15.56 -37.42
N ARG C 121 -8.19 -15.11 -38.45
CA ARG C 121 -6.82 -15.53 -38.69
C ARG C 121 -5.95 -14.31 -38.97
N ASP C 122 -4.72 -14.35 -38.45
CA ASP C 122 -3.76 -13.27 -38.66
C ASP C 122 -3.75 -12.81 -40.12
N TYR C 123 -3.91 -11.51 -40.32
CA TYR C 123 -3.86 -10.91 -41.65
C TYR C 123 -2.66 -9.99 -41.81
N ILE C 124 -2.55 -8.95 -40.97
CA ILE C 124 -1.40 -8.05 -41.02
C ILE C 124 -1.24 -7.47 -39.62
N ALA C 125 0.01 -7.21 -39.24
CA ALA C 125 0.31 -6.71 -37.91
C ALA C 125 1.46 -5.72 -37.97
N LEU C 126 1.40 -4.73 -37.08
CA LEU C 126 2.47 -3.76 -36.96
C LEU C 126 3.57 -4.35 -36.09
N ASN C 127 4.81 -4.25 -36.57
CA ASN C 127 5.93 -4.83 -35.83
C ASN C 127 6.23 -4.03 -34.57
N GLU C 128 6.96 -4.67 -33.66
CA GLU C 128 7.31 -4.04 -32.39
C GLU C 128 8.08 -2.74 -32.60
N ASP C 129 8.76 -2.58 -33.74
CA ASP C 129 9.44 -1.32 -34.05
C ASP C 129 8.48 -0.20 -34.42
N LEU C 130 7.19 -0.52 -34.59
CA LEU C 130 6.19 0.48 -34.95
C LEU C 130 6.54 1.21 -36.24
N LYS C 131 7.27 0.54 -37.14
CA LYS C 131 7.70 1.14 -38.39
C LYS C 131 7.41 0.23 -39.58
N THR C 132 7.53 -1.08 -39.39
CA THR C 132 7.37 -2.04 -40.47
C THR C 132 6.20 -2.97 -40.19
N TRP C 133 5.74 -3.65 -41.24
CA TRP C 133 4.60 -4.55 -41.17
C TRP C 133 5.02 -5.97 -41.52
N THR C 134 4.30 -6.94 -40.97
CA THR C 134 4.39 -8.33 -41.40
C THR C 134 3.01 -8.80 -41.83
N ALA C 135 2.94 -9.42 -43.00
CA ALA C 135 1.70 -10.00 -43.50
C ALA C 135 2.04 -11.35 -44.11
N ALA C 136 1.41 -12.41 -43.60
CA ALA C 136 1.74 -13.76 -44.03
C ALA C 136 1.09 -14.10 -45.37
N ASP C 137 -0.23 -13.96 -45.45
CA ASP C 137 -0.97 -14.38 -46.63
C ASP C 137 -0.46 -13.67 -47.89
N MET C 138 -0.49 -14.40 -49.01
CA MET C 138 -0.17 -13.78 -50.29
C MET C 138 -1.14 -12.66 -50.60
N ALA C 139 -2.42 -12.84 -50.24
CA ALA C 139 -3.41 -11.79 -50.48
C ALA C 139 -3.14 -10.57 -49.62
N ALA C 140 -2.58 -10.76 -48.43
CA ALA C 140 -2.32 -9.65 -47.51
C ALA C 140 -1.14 -8.79 -47.95
N GLN C 141 -0.39 -9.20 -48.98
CA GLN C 141 0.71 -8.37 -49.44
C GLN C 141 0.20 -7.12 -50.15
N ILE C 142 -0.97 -7.20 -50.78
CA ILE C 142 -1.55 -6.01 -51.40
C ILE C 142 -1.72 -4.90 -50.37
N THR C 143 -2.27 -5.24 -49.20
CA THR C 143 -2.41 -4.26 -48.13
C THR C 143 -1.06 -3.73 -47.70
N ARG C 144 -0.10 -4.63 -47.48
CA ARG C 144 1.16 -4.22 -46.87
C ARG C 144 1.90 -3.21 -47.73
N ARG C 145 2.02 -3.50 -49.03
CA ARG C 145 2.68 -2.56 -49.92
C ARG C 145 2.02 -1.19 -49.88
N LYS C 146 0.68 -1.18 -49.83
CA LYS C 146 -0.04 0.09 -49.82
C LYS C 146 0.13 0.82 -48.50
N TRP C 147 0.10 0.11 -47.38
CA TRP C 147 0.30 0.75 -46.08
C TRP C 147 1.73 1.23 -45.93
N GLU C 148 2.69 0.45 -46.44
CA GLU C 148 4.08 0.88 -46.46
C GLU C 148 4.23 2.20 -47.21
N GLN C 149 3.60 2.30 -48.39
CA GLN C 149 3.77 3.45 -49.26
C GLN C 149 2.88 4.62 -48.87
N SER C 150 2.11 4.52 -47.79
CA SER C 150 1.25 5.60 -47.33
C SER C 150 1.68 6.18 -45.98
N GLY C 151 2.67 5.59 -45.32
CA GLY C 151 3.08 6.07 -44.02
C GLY C 151 2.08 5.81 -42.92
N ALA C 152 1.24 4.78 -43.08
CA ALA C 152 0.26 4.47 -42.05
C ALA C 152 0.93 4.10 -40.73
N ALA C 153 2.15 3.56 -40.78
CA ALA C 153 2.84 3.18 -39.55
C ALA C 153 3.11 4.39 -38.68
N GLU C 154 3.55 5.49 -39.28
CA GLU C 154 3.82 6.70 -38.50
C GLU C 154 2.58 7.15 -37.75
N HIS C 155 1.41 7.05 -38.37
CA HIS C 155 0.16 7.45 -37.73
C HIS C 155 -0.12 6.57 -36.51
N TYR C 156 -0.06 5.26 -36.68
CA TYR C 156 -0.33 4.36 -35.57
C TYR C 156 0.73 4.49 -34.48
N LYS C 157 2.00 4.65 -34.88
CA LYS C 157 3.07 4.82 -33.91
C LYS C 157 2.79 6.01 -32.99
N ALA C 158 2.29 7.11 -33.55
CA ALA C 158 2.05 8.30 -32.75
C ALA C 158 0.93 8.07 -31.74
N TYR C 159 -0.14 7.39 -32.15
CA TYR C 159 -1.21 7.08 -31.20
C TYR C 159 -0.72 6.17 -30.08
N LEU C 160 0.03 5.13 -30.43
CA LEU C 160 0.47 4.16 -29.43
C LEU C 160 1.44 4.78 -28.45
N GLU C 161 2.38 5.58 -28.93
CA GLU C 161 3.37 6.20 -28.04
C GLU C 161 2.82 7.42 -27.32
N GLY C 162 1.80 8.08 -27.86
CA GLY C 162 1.27 9.32 -27.35
C GLY C 162 -0.04 9.08 -26.64
N GLU C 163 -1.16 9.13 -27.38
CA GLU C 163 -2.47 9.11 -26.75
C GLU C 163 -2.70 7.84 -25.93
N CYS C 164 -2.26 6.69 -26.42
CA CYS C 164 -2.46 5.45 -25.68
C CYS C 164 -1.81 5.54 -24.30
N VAL C 165 -0.57 6.00 -24.25
CA VAL C 165 0.13 6.13 -22.96
C VAL C 165 -0.53 7.19 -22.10
N GLU C 166 -0.85 8.36 -22.68
CA GLU C 166 -1.27 9.49 -21.87
C GLU C 166 -2.65 9.26 -21.26
N TRP C 167 -3.56 8.64 -22.00
CA TRP C 167 -4.89 8.36 -21.45
C TRP C 167 -4.86 7.20 -20.49
N LEU C 168 -4.01 6.21 -20.72
CA LEU C 168 -3.86 5.11 -19.76
C LEU C 168 -3.39 5.65 -18.42
N HIS C 169 -2.46 6.62 -18.43
CA HIS C 169 -2.08 7.28 -17.19
C HIS C 169 -3.29 7.89 -16.50
N ARG C 170 -4.12 8.60 -17.27
CA ARG C 170 -5.31 9.24 -16.70
C ARG C 170 -6.27 8.21 -16.13
N TYR C 171 -6.59 7.18 -16.92
CA TYR C 171 -7.54 6.16 -16.45
C TYR C 171 -7.06 5.53 -15.16
N LEU C 172 -5.75 5.27 -15.04
CA LEU C 172 -5.24 4.61 -13.85
C LEU C 172 -5.39 5.50 -12.62
N LYS C 173 -5.15 6.80 -12.75
CA LYS C 173 -5.34 7.71 -11.63
C LYS C 173 -6.80 7.74 -11.20
N ASN C 174 -7.72 7.80 -12.16
CA ASN C 174 -9.14 7.84 -11.85
C ASN C 174 -9.64 6.56 -11.20
N GLY C 175 -8.87 5.48 -11.25
CA GLY C 175 -9.27 4.22 -10.64
C GLY C 175 -8.82 4.11 -9.19
N LEU C 179 -7.79 -1.84 -9.83
CA LEU C 179 -6.35 -1.72 -10.12
C LEU C 179 -5.53 -2.28 -8.98
N LEU C 180 -5.31 -1.47 -7.95
CA LEU C 180 -4.54 -1.90 -6.79
C LEU C 180 -5.05 -3.22 -6.21
N ARG C 181 -6.24 -3.68 -6.59
CA ARG C 181 -6.82 -4.89 -6.03
C ARG C 181 -6.51 -6.08 -6.92
N THR C 182 -5.71 -7.01 -6.41
CA THR C 182 -5.63 -8.36 -6.93
C THR C 182 -6.18 -9.30 -5.85
N ASP C 183 -6.90 -10.33 -6.28
CA ASP C 183 -7.57 -11.24 -5.37
C ASP C 183 -6.79 -12.55 -5.31
N SER C 184 -6.25 -12.86 -4.13
CA SER C 184 -5.47 -14.08 -3.98
C SER C 184 -6.40 -15.30 -3.97
N PRO C 185 -5.90 -16.45 -4.42
CA PRO C 185 -6.74 -17.65 -4.43
C PRO C 185 -6.81 -18.32 -3.06
N LYS C 186 -8.01 -18.72 -2.67
CA LYS C 186 -8.22 -19.63 -1.56
C LYS C 186 -8.28 -21.04 -2.12
N ALA C 187 -7.51 -21.95 -1.52
CA ALA C 187 -7.30 -23.28 -2.09
C ALA C 187 -7.67 -24.36 -1.08
N HIS C 188 -8.09 -25.50 -1.61
CA HIS C 188 -8.41 -26.67 -0.80
C HIS C 188 -8.41 -27.89 -1.71
N VAL C 189 -8.19 -29.06 -1.11
CA VAL C 189 -8.10 -30.32 -1.83
C VAL C 189 -9.32 -31.16 -1.46
N THR C 190 -10.06 -31.60 -2.46
CA THR C 190 -11.20 -32.49 -2.27
C THR C 190 -10.78 -33.93 -2.60
N HIS C 191 -11.57 -34.87 -2.08
CA HIS C 191 -11.27 -36.30 -2.15
C HIS C 191 -12.45 -37.03 -2.75
N HIS C 192 -12.21 -37.80 -3.80
CA HIS C 192 -13.28 -38.48 -4.53
C HIS C 192 -12.88 -39.89 -4.88
N PRO C 193 -13.80 -40.87 -4.75
CA PRO C 193 -13.50 -42.21 -5.25
C PRO C 193 -13.26 -42.19 -6.76
N ARG C 194 -12.48 -43.17 -7.23
CA ARG C 194 -12.14 -43.24 -8.64
C ARG C 194 -12.28 -44.68 -9.14
N SER C 195 -11.44 -45.58 -8.64
CA SER C 195 -11.51 -46.98 -9.00
C SER C 195 -11.02 -47.80 -7.82
N LYS C 196 -10.88 -49.11 -8.01
CA LYS C 196 -10.48 -49.99 -6.92
C LYS C 196 -9.06 -49.65 -6.47
N GLY C 197 -8.92 -49.34 -5.19
CA GLY C 197 -7.63 -48.99 -4.63
C GLY C 197 -7.04 -47.70 -5.17
N GLU C 198 -7.86 -46.83 -5.74
CA GLU C 198 -7.39 -45.56 -6.28
C GLU C 198 -8.44 -44.49 -6.04
N VAL C 199 -7.98 -43.31 -5.62
CA VAL C 199 -8.86 -42.16 -5.39
C VAL C 199 -8.35 -40.99 -6.22
N THR C 200 -9.21 -39.98 -6.35
CA THR C 200 -8.89 -38.75 -7.06
C THR C 200 -8.72 -37.62 -6.06
N LEU C 201 -7.58 -36.95 -6.12
CA LEU C 201 -7.33 -35.74 -5.36
C LEU C 201 -7.43 -34.55 -6.30
N ARG C 202 -8.31 -33.61 -5.98
CA ARG C 202 -8.57 -32.45 -6.83
C ARG C 202 -8.26 -31.18 -6.05
N CYS C 203 -7.30 -30.40 -6.55
CA CYS C 203 -6.87 -29.15 -5.91
C CYS C 203 -7.61 -27.99 -6.57
N TRP C 204 -8.36 -27.23 -5.78
CA TRP C 204 -9.10 -26.09 -6.25
C TRP C 204 -8.40 -24.79 -5.87
N ALA C 205 -8.53 -23.78 -6.74
CA ALA C 205 -8.20 -22.40 -6.41
C ALA C 205 -9.40 -21.53 -6.78
N LEU C 206 -9.87 -20.74 -5.83
CA LEU C 206 -11.11 -20.01 -6.00
C LEU C 206 -10.95 -18.54 -5.62
N GLY C 207 -11.76 -17.70 -6.25
CA GLY C 207 -11.87 -16.31 -5.89
C GLY C 207 -10.67 -15.47 -6.22
N PHE C 208 -9.86 -15.86 -7.19
CA PHE C 208 -8.63 -15.13 -7.47
C PHE C 208 -8.77 -14.20 -8.67
N TYR C 209 -7.92 -13.19 -8.70
CA TYR C 209 -7.91 -12.21 -9.78
C TYR C 209 -6.51 -11.61 -9.85
N PRO C 210 -5.93 -11.43 -11.05
CA PRO C 210 -6.51 -11.77 -12.36
C PRO C 210 -6.53 -13.27 -12.61
N ALA C 211 -6.74 -13.66 -13.88
CA ALA C 211 -6.99 -15.06 -14.20
C ALA C 211 -5.72 -15.89 -14.20
N ASP C 212 -4.57 -15.29 -14.48
CA ASP C 212 -3.32 -16.05 -14.60
C ASP C 212 -2.98 -16.71 -13.27
N ILE C 213 -2.66 -18.01 -13.34
CA ILE C 213 -2.41 -18.81 -12.15
C ILE C 213 -1.76 -20.12 -12.61
N THR C 214 -1.18 -20.85 -11.66
CA THR C 214 -0.59 -22.15 -11.95
C THR C 214 -0.86 -23.11 -10.81
N LEU C 215 -1.23 -24.33 -11.17
CA LEU C 215 -1.49 -25.41 -10.22
C LEU C 215 -0.56 -26.57 -10.54
N THR C 216 0.12 -27.08 -9.52
CA THR C 216 1.02 -28.21 -9.66
C THR C 216 0.70 -29.28 -8.63
N TRP C 217 0.98 -30.52 -8.98
CA TRP C 217 0.93 -31.65 -8.05
C TRP C 217 2.31 -32.28 -7.97
N GLN C 218 2.72 -32.63 -6.75
CA GLN C 218 4.04 -33.18 -6.51
C GLN C 218 3.94 -34.45 -5.67
N LEU C 219 4.77 -35.43 -6.03
CA LEU C 219 4.93 -36.66 -5.26
C LEU C 219 6.41 -36.82 -4.95
N ASN C 220 6.80 -36.53 -3.71
CA ASN C 220 8.18 -36.70 -3.27
C ASN C 220 9.12 -35.78 -4.06
N GLY C 221 8.69 -34.55 -4.31
CA GLY C 221 9.60 -33.54 -4.82
C GLY C 221 9.37 -33.11 -6.26
N GLU C 222 9.00 -34.04 -7.13
CA GLU C 222 8.93 -33.79 -8.56
C GLU C 222 7.48 -33.62 -9.01
N GLU C 223 7.26 -32.69 -9.93
CA GLU C 223 5.92 -32.39 -10.40
C GLU C 223 5.38 -33.51 -11.28
N LEU C 224 4.06 -33.56 -11.38
CA LEU C 224 3.35 -34.60 -12.14
C LEU C 224 2.72 -33.95 -13.36
N THR C 225 3.48 -33.93 -14.46
CA THR C 225 2.98 -33.31 -15.69
C THR C 225 2.10 -34.28 -16.48
N GLN C 226 2.45 -35.55 -16.50
CA GLN C 226 1.67 -36.56 -17.19
C GLN C 226 0.60 -37.14 -16.28
N ASP C 227 -0.60 -37.31 -16.82
CA ASP C 227 -1.70 -37.99 -16.14
C ASP C 227 -2.32 -37.13 -15.03
N MET C 228 -2.22 -35.80 -15.17
CA MET C 228 -2.89 -34.87 -14.27
C MET C 228 -3.94 -34.10 -15.06
N GLU C 229 -5.17 -34.10 -14.58
CA GLU C 229 -6.27 -33.46 -15.29
C GLU C 229 -6.42 -32.02 -14.84
N LEU C 230 -6.63 -31.14 -15.83
CA LEU C 230 -6.86 -29.72 -15.60
C LEU C 230 -8.22 -29.31 -16.15
N VAL C 231 -8.58 -28.07 -15.88
CA VAL C 231 -9.60 -27.35 -16.63
C VAL C 231 -9.05 -25.98 -16.94
N GLU C 232 -9.50 -25.42 -18.06
CA GLU C 232 -9.13 -24.05 -18.39
C GLU C 232 -9.67 -23.11 -17.32
N THR C 233 -8.86 -22.11 -16.97
CA THR C 233 -9.29 -21.14 -15.98
C THR C 233 -10.62 -20.53 -16.38
N ARG C 234 -11.53 -20.44 -15.43
CA ARG C 234 -12.92 -20.11 -15.70
C ARG C 234 -13.39 -18.99 -14.79
N PRO C 235 -14.28 -18.11 -15.28
CA PRO C 235 -14.81 -17.04 -14.43
C PRO C 235 -15.93 -17.55 -13.54
N ALA C 236 -15.88 -17.16 -12.26
CA ALA C 236 -17.00 -17.44 -11.37
C ALA C 236 -18.23 -16.64 -11.75
N GLY C 237 -18.08 -15.59 -12.55
CA GLY C 237 -19.17 -14.69 -12.86
C GLY C 237 -19.26 -13.47 -11.96
N ASP C 238 -18.49 -13.45 -10.87
CA ASP C 238 -18.46 -12.30 -9.96
C ASP C 238 -17.18 -11.51 -10.08
N GLY C 239 -16.49 -11.61 -11.23
CA GLY C 239 -15.23 -10.95 -11.43
C GLY C 239 -14.02 -11.78 -11.06
N THR C 240 -14.19 -12.81 -10.23
CA THR C 240 -13.11 -13.70 -9.85
C THR C 240 -13.11 -14.93 -10.75
N PHE C 241 -12.05 -15.73 -10.61
CA PHE C 241 -11.84 -16.89 -11.47
C PHE C 241 -11.62 -18.14 -10.63
N GLN C 242 -11.80 -19.29 -11.27
CA GLN C 242 -11.59 -20.59 -10.67
C GLN C 242 -10.66 -21.42 -11.53
N LYS C 243 -10.20 -22.53 -10.96
CA LYS C 243 -9.42 -23.52 -11.68
C LYS C 243 -9.19 -24.69 -10.75
N TRP C 244 -9.01 -25.88 -11.33
CA TRP C 244 -8.66 -27.02 -10.49
C TRP C 244 -7.77 -27.98 -11.26
N ALA C 245 -6.95 -28.71 -10.50
CA ALA C 245 -6.08 -29.75 -11.01
C ALA C 245 -6.27 -30.99 -10.16
N SER C 246 -6.33 -32.15 -10.82
CA SER C 246 -6.61 -33.40 -10.12
C SER C 246 -5.67 -34.49 -10.58
N VAL C 247 -5.30 -35.36 -9.64
CA VAL C 247 -4.45 -36.51 -9.91
C VAL C 247 -5.12 -37.75 -9.32
N VAL C 248 -4.75 -38.90 -9.86
CA VAL C 248 -5.24 -40.19 -9.37
C VAL C 248 -4.12 -40.84 -8.57
N VAL C 249 -4.41 -41.11 -7.30
CA VAL C 249 -3.38 -41.60 -6.37
C VAL C 249 -3.88 -42.90 -5.77
N PRO C 250 -2.99 -43.71 -5.20
CA PRO C 250 -3.44 -44.88 -4.43
C PRO C 250 -4.08 -44.47 -3.12
N LEU C 251 -5.09 -45.24 -2.71
CA LEU C 251 -5.75 -44.98 -1.44
C LEU C 251 -4.82 -45.31 -0.27
N GLY C 252 -4.97 -44.55 0.81
CA GLY C 252 -4.12 -44.72 1.97
C GLY C 252 -2.87 -43.89 1.89
N LYS C 253 -2.37 -43.68 0.67
CA LYS C 253 -1.17 -42.90 0.43
C LYS C 253 -1.49 -41.48 -0.01
N GLU C 254 -2.57 -40.89 0.52
CA GLU C 254 -2.97 -39.55 0.10
C GLU C 254 -1.99 -38.50 0.59
N GLN C 255 -1.40 -38.69 1.77
CA GLN C 255 -0.52 -37.67 2.34
C GLN C 255 0.78 -37.51 1.57
N ASN C 256 1.09 -38.42 0.64
CA ASN C 256 2.32 -38.32 -0.13
C ASN C 256 2.26 -37.24 -1.20
N TYR C 257 1.09 -36.66 -1.47
CA TYR C 257 0.89 -35.76 -2.59
C TYR C 257 0.65 -34.35 -2.09
N THR C 258 1.34 -33.38 -2.69
CA THR C 258 1.25 -31.98 -2.32
C THR C 258 0.83 -31.14 -3.52
N CYS C 259 -0.08 -30.21 -3.29
CA CYS C 259 -0.49 -29.24 -4.30
C CYS C 259 0.15 -27.89 -3.99
N ARG C 260 0.61 -27.21 -5.05
CA ARG C 260 1.13 -25.86 -4.93
C ARG C 260 0.38 -24.94 -5.88
N VAL C 261 0.14 -23.71 -5.43
CA VAL C 261 -0.63 -22.72 -6.17
C VAL C 261 0.22 -21.47 -6.31
N TYR C 262 0.38 -21.00 -7.56
CA TYR C 262 1.19 -19.82 -7.87
C TYR C 262 0.28 -18.76 -8.46
N HIS C 263 0.28 -17.58 -7.85
CA HIS C 263 -0.61 -16.51 -8.31
C HIS C 263 -0.01 -15.16 -7.98
N GLU C 264 -0.50 -14.14 -8.69
CA GLU C 264 -0.01 -12.77 -8.56
C GLU C 264 -0.06 -12.29 -7.11
N GLY C 265 -1.25 -12.30 -6.51
CA GLY C 265 -1.49 -11.68 -5.22
C GLY C 265 -1.04 -12.45 -4.00
N LEU C 266 -0.40 -13.60 -4.17
CA LEU C 266 0.05 -14.35 -3.00
C LEU C 266 1.41 -13.81 -2.52
N PRO C 267 1.60 -13.64 -1.21
CA PRO C 267 2.95 -13.30 -0.73
C PRO C 267 3.97 -14.37 -1.09
N GLU C 268 3.56 -15.63 -1.06
CA GLU C 268 4.40 -16.73 -1.48
C GLU C 268 3.49 -17.86 -1.94
N PRO C 269 3.97 -18.76 -2.80
CA PRO C 269 3.10 -19.81 -3.32
C PRO C 269 2.49 -20.65 -2.19
N LEU C 270 1.23 -21.03 -2.39
CA LEU C 270 0.54 -21.88 -1.42
C LEU C 270 0.98 -23.33 -1.58
N THR C 271 1.06 -24.04 -0.45
CA THR C 271 1.26 -25.47 -0.44
C THR C 271 0.20 -26.08 0.47
N LEU C 272 -0.41 -27.18 0.03
CA LEU C 272 -1.51 -27.76 0.78
C LEU C 272 -1.66 -29.24 0.43
N ARG C 273 -2.47 -29.92 1.22
CA ARG C 273 -2.68 -31.36 1.08
C ARG C 273 -4.12 -31.70 1.45
N TRP C 274 -4.50 -32.94 1.19
CA TRP C 274 -5.80 -33.44 1.59
C TRP C 274 -5.90 -33.52 3.11
N GLU C 275 -6.92 -32.88 3.67
CA GLU C 275 -7.13 -32.83 5.11
C GLU C 275 -8.38 -33.62 5.48
N PRO C 276 -8.26 -34.90 5.88
CA PRO C 276 -9.43 -35.73 6.20
C PRO C 276 -10.32 -35.13 7.28
N GLY D 1 -9.01 -23.86 -37.49
CA GLY D 1 -8.75 -23.70 -38.94
C GLY D 1 -9.66 -22.67 -39.58
N ILE D 2 -10.70 -23.13 -40.27
CA ILE D 2 -11.69 -22.25 -40.86
C ILE D 2 -12.80 -21.94 -39.89
N GLN D 3 -13.31 -22.97 -39.24
CA GLN D 3 -14.16 -22.85 -38.06
C GLN D 3 -13.39 -23.36 -36.85
N LYS D 4 -13.83 -22.95 -35.67
CA LYS D 4 -13.22 -23.39 -34.42
C LYS D 4 -14.34 -23.91 -33.52
N THR D 5 -14.20 -25.17 -33.07
CA THR D 5 -15.26 -25.77 -32.29
C THR D 5 -15.25 -25.23 -30.86
N PRO D 6 -16.41 -24.88 -30.30
CA PRO D 6 -16.43 -24.32 -28.95
C PRO D 6 -16.04 -25.35 -27.91
N GLN D 7 -15.29 -24.90 -26.91
CA GLN D 7 -15.01 -25.66 -25.72
C GLN D 7 -15.98 -25.22 -24.63
N ILE D 8 -16.51 -26.19 -23.88
CA ILE D 8 -17.63 -25.94 -22.98
C ILE D 8 -17.26 -26.40 -21.58
N GLN D 9 -17.69 -25.62 -20.58
CA GLN D 9 -17.57 -26.00 -19.18
C GLN D 9 -18.86 -25.61 -18.46
N VAL D 10 -19.39 -26.53 -17.66
CA VAL D 10 -20.56 -26.27 -16.83
C VAL D 10 -20.12 -26.43 -15.37
N TYR D 11 -20.30 -25.38 -14.58
CA TYR D 11 -19.84 -25.37 -13.20
C TYR D 11 -20.70 -24.40 -12.41
N SER D 12 -20.56 -24.46 -11.09
CA SER D 12 -21.29 -23.60 -10.18
C SER D 12 -20.36 -22.53 -9.64
N ARG D 13 -20.91 -21.34 -9.42
CA ARG D 13 -20.11 -20.26 -8.85
C ARG D 13 -19.61 -20.63 -7.47
N HIS D 14 -20.51 -21.03 -6.60
CA HIS D 14 -20.21 -21.38 -5.22
C HIS D 14 -20.16 -22.89 -5.06
N PRO D 15 -19.55 -23.39 -4.00
CA PRO D 15 -19.53 -24.84 -3.79
C PRO D 15 -20.94 -25.39 -3.69
N PRO D 16 -21.28 -26.41 -4.48
CA PRO D 16 -22.67 -26.90 -4.47
C PRO D 16 -23.01 -27.58 -3.15
N GLU D 17 -24.04 -27.06 -2.49
CA GLU D 17 -24.67 -27.70 -1.35
C GLU D 17 -26.14 -27.89 -1.66
N ASN D 18 -26.63 -29.11 -1.49
CA ASN D 18 -28.00 -29.41 -1.88
C ASN D 18 -28.98 -28.57 -1.06
N GLY D 19 -29.89 -27.90 -1.76
CA GLY D 19 -30.88 -27.05 -1.13
C GLY D 19 -30.51 -25.60 -1.04
N LYS D 20 -29.25 -25.24 -1.29
CA LYS D 20 -28.80 -23.86 -1.16
C LYS D 20 -28.84 -23.16 -2.52
N PRO D 21 -29.45 -21.98 -2.64
CA PRO D 21 -29.41 -21.26 -3.92
C PRO D 21 -27.98 -21.01 -4.36
N ASN D 22 -27.78 -21.02 -5.68
CA ASN D 22 -26.44 -20.92 -6.25
C ASN D 22 -26.58 -20.43 -7.69
N ILE D 23 -25.46 -20.40 -8.43
CA ILE D 23 -25.43 -19.87 -9.79
C ILE D 23 -24.74 -20.91 -10.67
N LEU D 24 -25.39 -21.25 -11.78
CA LEU D 24 -24.84 -22.22 -12.71
C LEU D 24 -24.29 -21.49 -13.93
N ASN D 25 -23.04 -21.78 -14.27
CA ASN D 25 -22.37 -21.16 -15.40
C ASN D 25 -22.19 -22.16 -16.52
N CYS D 26 -22.34 -21.69 -17.76
CA CYS D 26 -21.96 -22.44 -18.96
C CYS D 26 -20.99 -21.57 -19.74
N TYR D 27 -19.70 -21.92 -19.70
CA TYR D 27 -18.62 -21.11 -20.22
C TYR D 27 -18.16 -21.70 -21.56
N VAL D 28 -18.36 -20.95 -22.64
CA VAL D 28 -18.12 -21.41 -24.00
C VAL D 28 -17.00 -20.58 -24.60
N THR D 29 -15.95 -21.25 -25.10
CA THR D 29 -14.73 -20.56 -25.50
C THR D 29 -14.19 -21.14 -26.79
N GLN D 30 -13.25 -20.40 -27.39
CA GLN D 30 -12.48 -20.84 -28.55
C GLN D 30 -13.37 -21.30 -29.70
N PHE D 31 -14.27 -20.41 -30.14
CA PHE D 31 -15.10 -20.72 -31.30
C PHE D 31 -15.08 -19.57 -32.31
N HIS D 32 -15.35 -19.94 -33.56
CA HIS D 32 -15.45 -19.02 -34.68
C HIS D 32 -16.32 -19.69 -35.73
N PRO D 33 -17.29 -18.97 -36.34
CA PRO D 33 -17.61 -17.55 -36.17
C PRO D 33 -18.25 -17.24 -34.81
N PRO D 34 -18.49 -15.97 -34.53
CA PRO D 34 -19.04 -15.60 -33.20
C PRO D 34 -20.49 -15.99 -33.01
N HIS D 35 -21.26 -16.20 -34.08
CA HIS D 35 -22.66 -16.60 -33.92
C HIS D 35 -22.73 -17.95 -33.22
N ILE D 36 -23.56 -18.03 -32.18
CA ILE D 36 -23.69 -19.25 -31.38
C ILE D 36 -24.99 -19.17 -30.60
N GLU D 37 -25.57 -20.33 -30.34
CA GLU D 37 -26.83 -20.43 -29.59
C GLU D 37 -26.60 -21.34 -28.40
N ILE D 38 -26.77 -20.80 -27.20
CA ILE D 38 -26.54 -21.54 -25.96
C ILE D 38 -27.87 -21.70 -25.24
N GLN D 39 -28.10 -22.91 -24.73
CA GLN D 39 -29.27 -23.20 -23.92
C GLN D 39 -28.82 -23.85 -22.61
N MET D 40 -29.50 -23.51 -21.52
CA MET D 40 -29.25 -24.12 -20.22
C MET D 40 -30.51 -24.88 -19.81
N LEU D 41 -30.33 -26.11 -19.35
CA LEU D 41 -31.43 -27.04 -19.17
C LEU D 41 -31.47 -27.56 -17.74
N LYS D 42 -32.68 -27.77 -17.24
CA LYS D 42 -32.92 -28.45 -15.97
C LYS D 42 -33.90 -29.58 -16.22
N ASN D 43 -33.48 -30.82 -15.98
CA ASN D 43 -34.31 -31.98 -16.24
C ASN D 43 -34.85 -31.96 -17.67
N GLY D 44 -34.03 -31.45 -18.59
CA GLY D 44 -34.36 -31.45 -20.00
C GLY D 44 -35.20 -30.29 -20.49
N LYS D 45 -35.52 -29.34 -19.62
CA LYS D 45 -36.34 -28.19 -19.99
C LYS D 45 -35.50 -26.93 -20.07
N LYS D 46 -35.78 -26.10 -21.08
CA LYS D 46 -35.09 -24.81 -21.20
C LYS D 46 -35.35 -23.99 -19.94
N ILE D 47 -34.29 -23.44 -19.38
CA ILE D 47 -34.43 -22.56 -18.21
C ILE D 47 -34.86 -21.18 -18.71
N PRO D 48 -35.92 -20.58 -18.13
CA PRO D 48 -36.57 -19.43 -18.78
C PRO D 48 -35.64 -18.29 -19.18
N LYS D 49 -35.04 -17.59 -18.23
CA LYS D 49 -34.22 -16.40 -18.51
C LYS D 49 -32.78 -16.70 -18.08
N VAL D 50 -31.95 -17.07 -19.05
CA VAL D 50 -30.52 -17.29 -18.80
C VAL D 50 -29.77 -16.02 -19.14
N GLU D 51 -28.94 -15.56 -18.21
CA GLU D 51 -28.16 -14.35 -18.42
C GLU D 51 -26.99 -14.65 -19.34
N MET D 52 -26.77 -13.78 -20.33
CA MET D 52 -25.79 -14.01 -21.39
C MET D 52 -24.85 -12.82 -21.46
N SER D 53 -23.54 -13.09 -21.38
CA SER D 53 -22.55 -12.03 -21.46
C SER D 53 -22.40 -11.55 -22.90
N ASP D 54 -21.78 -10.38 -23.06
CA ASP D 54 -21.65 -9.74 -24.36
C ASP D 54 -20.52 -10.36 -25.17
N MET D 55 -20.58 -10.15 -26.48
CA MET D 55 -19.58 -10.68 -27.40
C MET D 55 -18.19 -10.19 -27.02
N SER D 56 -17.28 -11.14 -26.77
CA SER D 56 -15.89 -10.81 -26.50
C SER D 56 -15.03 -11.87 -27.17
N PHE D 57 -13.82 -11.47 -27.59
CA PHE D 57 -12.90 -12.43 -28.20
C PHE D 57 -11.53 -12.33 -27.55
N SER D 58 -10.82 -13.44 -27.60
CA SER D 58 -9.55 -13.57 -26.90
C SER D 58 -8.38 -13.11 -27.77
N LYS D 59 -7.19 -13.20 -27.18
CA LYS D 59 -5.99 -12.71 -27.84
C LYS D 59 -5.65 -13.55 -29.07
N ASP D 60 -6.06 -14.81 -29.08
CA ASP D 60 -5.90 -15.68 -30.25
C ASP D 60 -7.03 -15.49 -31.26
N TRP D 61 -7.81 -14.41 -31.14
CA TRP D 61 -8.88 -14.00 -32.02
C TRP D 61 -10.18 -14.77 -31.79
N SER D 62 -10.14 -15.89 -31.06
CA SER D 62 -11.34 -16.70 -30.88
C SER D 62 -12.30 -16.05 -29.90
N PHE D 63 -13.59 -16.35 -30.08
CA PHE D 63 -14.65 -15.77 -29.27
C PHE D 63 -14.99 -16.65 -28.08
N TYR D 64 -15.61 -16.04 -27.08
CA TYR D 64 -16.07 -16.75 -25.90
C TYR D 64 -17.26 -16.01 -25.32
N ILE D 65 -18.06 -16.74 -24.53
CA ILE D 65 -19.25 -16.19 -23.92
C ILE D 65 -19.54 -16.95 -22.64
N LEU D 66 -20.21 -16.27 -21.71
CA LEU D 66 -20.59 -16.87 -20.44
C LEU D 66 -22.11 -16.76 -20.26
N ALA D 67 -22.79 -17.90 -20.23
CA ALA D 67 -24.20 -17.95 -19.87
C ALA D 67 -24.32 -18.39 -18.43
N HIS D 68 -25.26 -17.79 -17.70
CA HIS D 68 -25.42 -18.14 -16.29
C HIS D 68 -26.86 -17.91 -15.87
N THR D 69 -27.27 -18.64 -14.84
CA THR D 69 -28.62 -18.53 -14.31
C THR D 69 -28.60 -19.01 -12.87
N GLU D 70 -29.69 -18.72 -12.15
CA GLU D 70 -29.84 -19.14 -10.78
C GLU D 70 -30.38 -20.57 -10.73
N PHE D 71 -29.99 -21.30 -9.70
CA PHE D 71 -30.46 -22.68 -9.54
C PHE D 71 -30.18 -23.13 -8.13
N THR D 72 -30.97 -24.11 -7.67
CA THR D 72 -30.80 -24.72 -6.36
C THR D 72 -30.54 -26.21 -6.54
N PRO D 73 -29.29 -26.67 -6.44
CA PRO D 73 -29.01 -28.09 -6.71
C PRO D 73 -29.72 -29.00 -5.73
N THR D 74 -30.20 -30.13 -6.25
CA THR D 74 -30.76 -31.22 -5.47
C THR D 74 -30.05 -32.50 -5.88
N GLU D 75 -30.31 -33.59 -5.15
CA GLU D 75 -29.55 -34.80 -5.43
C GLU D 75 -30.06 -35.56 -6.65
N THR D 76 -31.25 -35.23 -7.19
CA THR D 76 -31.77 -35.88 -8.39
C THR D 76 -31.83 -34.97 -9.60
N ASP D 77 -32.00 -33.66 -9.41
CA ASP D 77 -32.10 -32.75 -10.55
C ASP D 77 -30.81 -32.78 -11.36
N THR D 78 -30.96 -32.87 -12.68
CA THR D 78 -29.83 -32.90 -13.61
C THR D 78 -29.81 -31.61 -14.41
N TYR D 79 -28.63 -31.00 -14.50
CA TYR D 79 -28.45 -29.74 -15.21
C TYR D 79 -27.48 -29.96 -16.37
N ALA D 80 -27.71 -29.22 -17.44
CA ALA D 80 -26.89 -29.35 -18.64
C ALA D 80 -26.89 -28.05 -19.41
N CYS D 81 -25.88 -27.91 -20.28
CA CYS D 81 -25.79 -26.82 -21.24
C CYS D 81 -25.67 -27.42 -22.63
N ARG D 82 -26.56 -27.01 -23.53
CA ARG D 82 -26.53 -27.47 -24.91
C ARG D 82 -26.15 -26.29 -25.81
N VAL D 83 -25.21 -26.53 -26.72
CA VAL D 83 -24.64 -25.48 -27.56
C VAL D 83 -24.81 -25.89 -29.02
N LYS D 84 -25.27 -24.95 -29.84
CA LYS D 84 -25.41 -25.13 -31.27
C LYS D 84 -24.49 -24.15 -31.98
N HIS D 85 -23.68 -24.66 -32.91
CA HIS D 85 -22.67 -23.83 -33.57
C HIS D 85 -22.34 -24.44 -34.91
N ASP D 86 -21.89 -23.59 -35.84
CA ASP D 86 -21.62 -24.03 -37.21
C ASP D 86 -20.50 -25.04 -37.29
N SER D 87 -19.59 -25.06 -36.32
CA SER D 87 -18.48 -25.99 -36.32
C SER D 87 -18.90 -27.42 -36.00
N MET D 88 -20.16 -27.64 -35.61
CA MET D 88 -20.64 -28.93 -35.18
C MET D 88 -21.89 -29.29 -35.97
N ALA D 89 -21.90 -30.49 -36.54
CA ALA D 89 -23.05 -30.92 -37.33
C ALA D 89 -24.34 -30.87 -36.52
N GLU D 90 -24.26 -31.09 -35.22
CA GLU D 90 -25.44 -31.16 -34.37
C GLU D 90 -25.12 -30.56 -33.01
N PRO D 91 -26.14 -30.11 -32.27
CA PRO D 91 -25.88 -29.45 -30.99
C PRO D 91 -25.12 -30.34 -30.01
N LYS D 92 -24.34 -29.71 -29.14
CA LYS D 92 -23.49 -30.39 -28.18
C LYS D 92 -24.01 -30.15 -26.78
N THR D 93 -24.33 -31.23 -26.07
CA THR D 93 -24.86 -31.15 -24.71
C THR D 93 -23.77 -31.51 -23.71
N VAL D 94 -23.65 -30.72 -22.66
CA VAL D 94 -22.69 -30.95 -21.59
C VAL D 94 -23.43 -30.98 -20.27
N TYR D 95 -23.26 -32.07 -19.51
CA TYR D 95 -23.97 -32.25 -18.26
C TYR D 95 -23.14 -31.74 -17.09
N TRP D 96 -23.82 -31.19 -16.09
CA TRP D 96 -23.15 -30.64 -14.93
C TRP D 96 -22.68 -31.77 -14.01
N ASP D 97 -21.46 -31.61 -13.48
CA ASP D 97 -20.83 -32.59 -12.59
C ASP D 97 -20.40 -31.81 -11.35
N ARG D 98 -21.14 -31.98 -10.25
CA ARG D 98 -20.92 -31.14 -9.07
C ARG D 98 -19.50 -31.26 -8.52
N ASP D 99 -18.75 -32.27 -8.93
CA ASP D 99 -17.37 -32.42 -8.49
C ASP D 99 -16.36 -31.79 -9.44
N MET D 100 -16.83 -31.05 -10.44
CA MET D 100 -15.95 -30.48 -11.45
C MET D 100 -16.35 -29.05 -11.78
N GLY E 1 -2.21 8.09 8.16
CA GLY E 1 -2.25 7.87 9.63
C GLY E 1 -1.85 9.10 10.42
N PRO E 2 -2.10 9.08 11.74
CA PRO E 2 -1.73 10.22 12.58
C PRO E 2 -0.22 10.31 12.77
N HIS E 3 0.22 11.48 13.23
CA HIS E 3 1.63 11.75 13.47
C HIS E 3 1.77 12.52 14.77
N SER E 4 3.00 12.67 15.22
CA SER E 4 3.26 13.34 16.49
C SER E 4 4.68 13.89 16.50
N MET E 5 4.91 14.82 17.43
CA MET E 5 6.25 15.30 17.75
C MET E 5 6.33 15.51 19.25
N ARG E 6 7.50 15.26 19.80
CA ARG E 6 7.71 15.38 21.24
C ARG E 6 9.15 15.81 21.51
N TYR E 7 9.32 16.60 22.56
CA TYR E 7 10.63 16.89 23.13
C TYR E 7 10.62 16.46 24.58
N PHE E 8 11.48 15.50 24.92
CA PHE E 8 11.66 15.03 26.27
C PHE E 8 12.93 15.66 26.84
N GLU E 9 12.77 16.47 27.89
CA GLU E 9 13.89 17.21 28.47
C GLU E 9 14.10 16.78 29.91
N THR E 10 15.36 16.71 30.32
CA THR E 10 15.73 16.23 31.65
C THR E 10 16.92 17.03 32.16
N ALA E 11 16.84 17.45 33.42
CA ALA E 11 17.97 18.01 34.14
C ALA E 11 18.17 17.23 35.42
N VAL E 12 19.39 16.76 35.65
CA VAL E 12 19.71 15.92 36.80
C VAL E 12 20.82 16.59 37.60
N SER E 13 20.66 16.61 38.92
CA SER E 13 21.67 17.08 39.83
C SER E 13 22.05 15.96 40.78
N ARG E 14 23.34 15.89 41.10
CA ARG E 14 23.87 14.86 41.99
C ARG E 14 24.81 15.52 42.99
N PRO E 15 24.94 14.95 44.18
CA PRO E 15 25.79 15.60 45.20
C PRO E 15 27.20 15.89 44.71
N GLY E 16 27.91 14.88 44.19
CA GLY E 16 29.24 15.08 43.66
C GLY E 16 29.25 15.80 42.33
N LEU E 17 28.56 16.94 42.27
CA LEU E 17 28.46 17.72 41.03
C LEU E 17 27.83 19.07 41.38
N GLU E 18 28.40 20.13 40.80
CA GLU E 18 27.96 21.47 41.15
C GLU E 18 26.80 21.97 40.29
N GLU E 19 26.91 21.79 38.97
CA GLU E 19 25.83 22.12 38.05
C GLU E 19 25.15 20.83 37.57
N PRO E 20 23.84 20.87 37.32
CA PRO E 20 23.17 19.66 36.85
C PRO E 20 23.39 19.44 35.36
N ARG E 21 23.13 18.21 34.94
CA ARG E 21 23.29 17.81 33.56
C ARG E 21 21.95 17.93 32.84
N TYR E 22 21.96 18.51 31.64
CA TYR E 22 20.74 18.78 30.89
C TYR E 22 20.76 18.01 29.59
N ILE E 23 19.73 17.20 29.39
CA ILE E 23 19.59 16.38 28.19
C ILE E 23 18.23 16.64 27.56
N SER E 24 18.20 16.77 26.25
CA SER E 24 16.97 17.00 25.49
C SER E 24 16.94 16.08 24.29
N VAL E 25 15.81 15.41 24.08
CA VAL E 25 15.64 14.45 22.99
C VAL E 25 14.35 14.81 22.25
N GLY E 26 14.43 14.89 20.93
CA GLY E 26 13.28 15.19 20.08
C GLY E 26 12.82 13.93 19.37
N TYR E 27 11.50 13.77 19.26
CA TYR E 27 10.89 12.61 18.62
C TYR E 27 9.89 13.06 17.57
N VAL E 28 9.94 12.41 16.41
CA VAL E 28 8.91 12.53 15.38
C VAL E 28 8.33 11.15 15.16
N ASP E 29 7.02 11.01 15.35
CA ASP E 29 6.34 9.72 15.23
C ASP E 29 6.97 8.68 16.16
N ASN E 30 7.27 9.09 17.39
CA ASN E 30 7.82 8.24 18.44
C ASN E 30 9.21 7.73 18.11
N LYS E 31 9.89 8.32 17.12
CA LYS E 31 11.26 7.97 16.78
C LYS E 31 12.16 9.16 17.05
N GLU E 32 13.30 8.90 17.67
CA GLU E 32 14.25 9.95 17.99
C GLU E 32 14.85 10.54 16.71
N PHE E 33 14.98 11.86 16.66
CA PHE E 33 15.56 12.51 15.50
C PHE E 33 16.49 13.67 15.81
N VAL E 34 16.53 14.20 17.04
CA VAL E 34 17.53 15.18 17.45
C VAL E 34 17.84 14.93 18.92
N ARG E 35 18.99 15.45 19.35
CA ARG E 35 19.45 15.24 20.71
C ARG E 35 20.51 16.26 21.13
N PHE E 36 20.40 16.70 22.38
CA PHE E 36 21.35 17.66 22.94
C PHE E 36 21.74 17.16 24.34
N ASP E 37 23.03 17.19 24.63
CA ASP E 37 23.55 16.72 25.91
C ASP E 37 24.62 17.70 26.38
N SER E 38 24.39 18.32 27.55
CA SER E 38 25.32 19.31 28.07
C SER E 38 26.64 18.70 28.53
N ASP E 39 26.75 17.37 28.55
CA ASP E 39 27.98 16.71 28.96
C ASP E 39 29.00 16.59 27.84
N ALA E 40 28.60 16.82 26.59
CA ALA E 40 29.52 16.73 25.48
C ALA E 40 30.58 17.84 25.57
N GLU E 41 31.69 17.62 24.87
CA GLU E 41 32.76 18.63 24.85
C GLU E 41 32.25 19.95 24.31
N ASN E 42 31.55 19.91 23.17
CA ASN E 42 30.93 21.10 22.58
C ASN E 42 29.43 20.82 22.47
N PRO E 43 28.64 21.18 23.48
CA PRO E 43 27.21 20.84 23.45
C PRO E 43 26.51 21.49 22.26
N ARG E 44 25.79 20.67 21.50
CA ARG E 44 25.00 21.15 20.37
C ARG E 44 23.94 20.11 20.05
N TYR E 45 22.80 20.57 19.55
CA TYR E 45 21.82 19.65 19.00
C TYR E 45 22.43 18.91 17.81
N GLU E 46 22.27 17.59 17.80
CA GLU E 46 22.87 16.77 16.76
C GLU E 46 21.78 15.93 16.07
N PRO E 47 21.85 15.75 14.76
CA PRO E 47 20.87 14.89 14.08
C PRO E 47 21.04 13.45 14.51
N ARG E 48 19.91 12.78 14.73
CA ARG E 48 19.90 11.38 15.16
C ARG E 48 19.18 10.48 14.17
N ALA E 49 18.72 11.03 13.05
CA ALA E 49 18.15 10.27 11.95
C ALA E 49 18.73 10.80 10.65
N PRO E 50 19.00 9.94 9.67
CA PRO E 50 19.65 10.44 8.44
C PRO E 50 18.83 11.48 7.67
N TRP E 51 17.51 11.49 7.79
CA TRP E 51 16.73 12.49 7.06
C TRP E 51 16.89 13.89 7.64
N MET E 52 17.43 14.01 8.86
CA MET E 52 17.67 15.32 9.45
C MET E 52 18.99 15.94 9.02
N GLU E 53 19.84 15.21 8.31
CA GLU E 53 21.12 15.76 7.87
C GLU E 53 20.96 16.87 6.84
N GLN E 54 19.78 16.98 6.22
CA GLN E 54 19.57 18.01 5.20
C GLN E 54 19.37 19.40 5.79
N GLU E 55 19.14 19.51 7.11
CA GLU E 55 18.99 20.81 7.73
C GLU E 55 20.32 21.56 7.74
N GLY E 56 20.27 22.86 7.47
CA GLY E 56 21.45 23.65 7.31
C GLY E 56 22.01 24.13 8.64
N PRO E 57 23.19 24.76 8.57
CA PRO E 57 23.84 25.21 9.82
C PRO E 57 23.01 26.17 10.64
N GLU E 58 22.23 27.05 10.00
CA GLU E 58 21.44 28.01 10.76
C GLU E 58 20.37 27.33 11.61
N TYR E 59 19.81 26.23 11.10
CA TYR E 59 18.85 25.47 11.91
C TYR E 59 19.50 24.92 13.16
N TRP E 60 20.71 24.37 13.03
CA TRP E 60 21.36 23.73 14.17
C TRP E 60 21.82 24.76 15.20
N GLU E 61 22.33 25.90 14.75
CA GLU E 61 22.70 26.96 15.69
C GLU E 61 21.51 27.44 16.48
N ARG E 62 20.38 27.69 15.81
CA ARG E 62 19.19 28.19 16.49
C ARG E 62 18.71 27.21 17.55
N GLU E 63 18.63 25.92 17.21
CA GLU E 63 18.18 24.93 18.18
C GLU E 63 19.15 24.82 19.35
N THR E 64 20.46 24.85 19.06
CA THR E 64 21.45 24.80 20.13
C THR E 64 21.25 25.95 21.11
N GLN E 65 20.95 27.15 20.61
CA GLN E 65 20.77 28.30 21.49
C GLN E 65 19.52 28.17 22.34
N LYS E 66 18.47 27.55 21.81
CA LYS E 66 17.28 27.30 22.62
C LYS E 66 17.60 26.33 23.76
N ALA E 67 18.40 25.31 23.48
CA ALA E 67 18.76 24.36 24.52
C ALA E 67 19.58 25.02 25.61
N LYS E 68 20.47 25.93 25.24
CA LYS E 68 21.22 26.69 26.25
C LYS E 68 20.26 27.47 27.16
N GLY E 69 19.24 28.10 26.57
CA GLY E 69 18.24 28.77 27.38
C GLY E 69 17.47 27.82 28.27
N GLN E 70 17.09 26.65 27.73
CA GLN E 70 16.39 25.66 28.52
C GLN E 70 17.24 25.19 29.70
N GLU E 71 18.54 24.98 29.47
CA GLU E 71 19.42 24.55 30.54
C GLU E 71 19.39 25.53 31.69
N GLN E 72 19.46 26.83 31.40
CA GLN E 72 19.36 27.85 32.43
C GLN E 72 18.00 27.79 33.13
N TRP E 73 16.92 27.74 32.35
CA TRP E 73 15.58 27.64 32.91
C TRP E 73 15.48 26.45 33.88
N PHE E 74 15.97 25.29 33.45
CA PHE E 74 15.87 24.09 34.28
C PHE E 74 16.69 24.20 35.56
N ARG E 75 17.90 24.76 35.46
CA ARG E 75 18.77 24.83 36.62
C ARG E 75 18.18 25.71 37.71
N VAL E 76 17.62 26.87 37.33
CA VAL E 76 16.98 27.74 38.31
C VAL E 76 15.75 27.05 38.90
N SER E 77 15.03 26.29 38.09
CA SER E 77 13.87 25.57 38.59
C SER E 77 14.28 24.54 39.64
N LEU E 78 15.36 23.80 39.38
CA LEU E 78 15.86 22.85 40.36
C LEU E 78 16.12 23.53 41.70
N ARG E 79 16.78 24.68 41.68
CA ARG E 79 17.15 25.33 42.93
C ARG E 79 15.92 25.82 43.68
N ASN E 80 14.90 26.29 42.96
CA ASN E 80 13.67 26.71 43.63
C ASN E 80 12.92 25.52 44.20
N LEU E 81 12.94 24.38 43.49
CA LEU E 81 12.18 23.22 43.95
C LEU E 81 12.73 22.66 45.25
N LEU E 82 14.05 22.70 45.44
CA LEU E 82 14.63 22.30 46.72
C LEU E 82 13.93 23.00 47.87
N GLY E 83 13.69 24.31 47.73
CA GLY E 83 13.09 25.07 48.80
C GLY E 83 11.60 24.79 48.95
N TYR E 84 10.89 24.66 47.83
CA TYR E 84 9.47 24.35 47.89
C TYR E 84 9.21 23.09 48.71
N TYR E 85 10.10 22.10 48.59
CA TYR E 85 9.95 20.82 49.25
C TYR E 85 10.83 20.67 50.49
N ASN E 86 11.49 21.73 50.93
CA ASN E 86 12.30 21.70 52.14
C ASN E 86 13.32 20.58 52.09
N GLN E 87 13.93 20.40 50.92
CA GLN E 87 14.98 19.42 50.74
C GLN E 87 16.33 20.07 50.97
N SER E 88 17.20 19.39 51.71
CA SER E 88 18.52 19.90 51.99
C SER E 88 19.52 19.37 50.97
N ALA E 89 20.70 19.99 50.96
CA ALA E 89 21.77 19.53 50.10
C ALA E 89 22.13 18.09 50.43
N GLY E 90 22.76 17.41 49.47
CA GLY E 90 23.24 16.06 49.65
C GLY E 90 22.42 14.97 48.98
N GLY E 91 21.43 15.32 48.15
CA GLY E 91 20.61 14.36 47.46
C GLY E 91 20.67 14.55 45.96
N SER E 92 20.09 13.58 45.25
CA SER E 92 19.97 13.62 43.80
C SER E 92 18.55 14.01 43.42
N HIS E 93 18.43 14.87 42.41
CA HIS E 93 17.14 15.42 42.03
C HIS E 93 17.04 15.50 40.51
N THR E 94 15.81 15.36 40.01
CA THR E 94 15.55 15.38 38.58
C THR E 94 14.33 16.27 38.30
N LEU E 95 14.38 16.95 37.16
CA LEU E 95 13.26 17.72 36.66
C LEU E 95 13.07 17.35 35.20
N GLN E 96 11.88 16.85 34.86
CA GLN E 96 11.61 16.36 33.52
C GLN E 96 10.48 17.17 32.90
N GLN E 97 10.53 17.29 31.57
CA GLN E 97 9.52 18.00 30.81
C GLN E 97 9.17 17.19 29.58
N MET E 98 7.88 17.15 29.26
CA MET E 98 7.38 16.58 28.01
C MET E 98 6.53 17.62 27.30
N SER E 99 6.88 17.92 26.05
CA SER E 99 6.12 18.86 25.24
C SER E 99 5.96 18.28 23.85
N GLY E 100 4.87 18.65 23.18
CA GLY E 100 4.68 18.23 21.81
C GLY E 100 3.24 18.35 21.38
N CYS E 101 3.00 17.92 20.14
CA CYS E 101 1.70 18.03 19.51
C CYS E 101 1.35 16.72 18.81
N ASP E 102 0.06 16.42 18.76
CA ASP E 102 -0.46 15.24 18.08
C ASP E 102 -1.26 15.68 16.87
N LEU E 103 -1.01 15.04 15.73
CA LEU E 103 -1.72 15.34 14.48
C LEU E 103 -2.57 14.14 14.07
N GLY E 104 -3.77 14.44 13.57
CA GLY E 104 -4.60 13.43 12.97
C GLY E 104 -4.16 13.09 11.56
N SER E 105 -4.89 12.17 10.93
CA SER E 105 -4.55 11.77 9.57
C SER E 105 -4.75 12.89 8.57
N ASP E 106 -5.50 13.93 8.93
CA ASP E 106 -5.64 15.12 8.09
C ASP E 106 -4.55 16.15 8.36
N TRP E 107 -3.57 15.81 9.22
CA TRP E 107 -2.46 16.69 9.60
C TRP E 107 -2.88 17.89 10.43
N ARG E 108 -4.13 17.93 10.88
CA ARG E 108 -4.56 18.98 11.80
C ARG E 108 -4.23 18.59 13.24
N LEU E 109 -4.06 19.61 14.07
CA LEU E 109 -3.72 19.39 15.47
C LEU E 109 -4.87 18.72 16.21
N LEU E 110 -4.59 17.59 16.83
CA LEU E 110 -5.55 16.92 17.72
C LEU E 110 -5.44 17.42 19.15
N ARG E 111 -4.22 17.66 19.64
CA ARG E 111 -4.03 17.91 21.05
C ARG E 111 -2.56 18.25 21.28
N GLY E 112 -2.32 19.21 22.16
CA GLY E 112 -0.99 19.56 22.57
C GLY E 112 -0.67 19.05 23.96
N TYR E 113 0.60 18.90 24.28
CA TYR E 113 1.04 18.37 25.55
C TYR E 113 2.10 19.27 26.17
N LEU E 114 1.97 19.51 27.48
CA LEU E 114 3.01 20.19 28.25
C LEU E 114 2.90 19.70 29.68
N GLN E 115 3.88 18.91 30.12
CA GLN E 115 3.86 18.29 31.43
C GLN E 115 5.24 18.41 32.08
N PHE E 116 5.25 18.54 33.40
CA PHE E 116 6.48 18.60 34.17
C PHE E 116 6.42 17.58 35.30
N ALA E 117 7.59 17.02 35.63
CA ALA E 117 7.71 16.08 36.74
C ALA E 117 8.94 16.41 37.57
N TYR E 118 8.82 16.24 38.88
CA TYR E 118 9.93 16.42 39.81
C TYR E 118 10.14 15.12 40.56
N GLU E 119 11.36 14.59 40.51
CA GLU E 119 11.69 13.31 41.12
C GLU E 119 10.88 12.18 40.47
N GLY E 120 10.61 12.32 39.18
CA GLY E 120 9.88 11.30 38.45
C GLY E 120 8.40 11.21 38.79
N ARG E 121 7.81 12.27 39.33
CA ARG E 121 6.41 12.29 39.71
C ARG E 121 5.75 13.56 39.20
N ASP E 122 4.50 13.43 38.78
CA ASP E 122 3.76 14.56 38.19
C ASP E 122 3.83 15.78 39.10
N TYR E 123 4.27 16.90 38.54
CA TYR E 123 4.39 18.15 39.28
C TYR E 123 3.36 19.17 38.83
N ILE E 124 3.38 19.57 37.55
CA ILE E 124 2.34 20.43 37.00
C ILE E 124 2.20 20.11 35.52
N ALA E 125 0.98 20.27 35.01
CA ALA E 125 0.67 19.94 33.64
C ALA E 125 -0.31 20.96 33.07
N LEU E 126 -0.16 21.24 31.78
CA LEU E 126 -1.11 22.08 31.06
C LEU E 126 -2.27 21.23 30.59
N ASN E 127 -3.50 21.69 30.88
CA ASN E 127 -4.68 20.93 30.51
C ASN E 127 -4.88 20.94 29.00
N GLU E 128 -5.74 20.04 28.53
CA GLU E 128 -5.99 19.88 27.10
C GLU E 128 -6.51 21.17 26.47
N ASP E 129 -7.13 22.05 27.25
CA ASP E 129 -7.60 23.33 26.72
C ASP E 129 -6.46 24.31 26.46
N LEU E 130 -5.24 23.98 26.87
CA LEU E 130 -4.08 24.86 26.68
C LEU E 130 -4.31 26.24 27.27
N LYS E 131 -5.09 26.31 28.34
CA LYS E 131 -5.36 27.57 29.03
C LYS E 131 -5.21 27.47 30.53
N THR E 132 -5.55 26.32 31.13
CA THR E 132 -5.52 26.15 32.57
C THR E 132 -4.51 25.08 32.95
N TRP E 133 -4.09 25.11 34.21
CA TRP E 133 -3.04 24.24 34.72
C TRP E 133 -3.62 23.26 35.74
N THR E 134 -2.99 22.09 35.83
CA THR E 134 -3.30 21.09 36.84
C THR E 134 -2.04 20.82 37.66
N ALA E 135 -2.18 20.87 38.98
CA ALA E 135 -1.08 20.60 39.89
C ALA E 135 -1.65 19.97 41.16
N ALA E 136 -1.13 18.81 41.53
CA ALA E 136 -1.63 18.07 42.68
C ALA E 136 -0.93 18.49 43.98
N ASP E 137 0.39 18.49 44.00
CA ASP E 137 1.13 18.69 45.24
C ASP E 137 0.82 20.05 45.86
N MET E 138 0.80 20.08 47.19
CA MET E 138 0.71 21.35 47.91
C MET E 138 1.83 22.29 47.49
N ALA E 139 3.06 21.78 47.45
CA ALA E 139 4.19 22.57 46.97
C ALA E 139 3.93 23.12 45.58
N ALA E 140 3.37 22.29 44.69
CA ALA E 140 3.16 22.68 43.30
C ALA E 140 2.16 23.82 43.15
N GLN E 141 1.37 24.12 44.18
CA GLN E 141 0.43 25.23 44.08
C GLN E 141 1.17 26.56 43.97
N ILE E 142 2.36 26.66 44.56
CA ILE E 142 3.19 27.85 44.40
C ILE E 142 3.40 28.14 42.92
N THR E 143 3.80 27.10 42.16
CA THR E 143 4.01 27.26 40.73
C THR E 143 2.72 27.59 40.01
N ARG E 144 1.64 26.89 40.35
CA ARG E 144 0.37 27.10 39.65
CA ARG E 144 0.38 27.10 39.64
C ARG E 144 -0.11 28.54 39.80
N ARG E 145 -0.03 29.09 41.01
CA ARG E 145 -0.47 30.46 41.23
C ARG E 145 0.30 31.44 40.36
N LYS E 146 1.61 31.23 40.21
CA LYS E 146 2.43 32.10 39.39
C LYS E 146 1.99 32.03 37.93
N TRP E 147 2.03 30.84 37.34
CA TRP E 147 1.76 30.70 35.91
C TRP E 147 0.33 31.09 35.57
N GLU E 148 -0.60 30.96 36.53
CA GLU E 148 -1.98 31.35 36.27
C GLU E 148 -2.11 32.85 36.05
N GLN E 149 -1.34 33.65 36.79
CA GLN E 149 -1.44 35.09 36.74
C GLN E 149 -0.54 35.73 35.69
N SER E 150 0.21 34.93 34.93
CA SER E 150 1.26 35.47 34.07
C SER E 150 1.07 35.18 32.59
N GLY E 151 0.09 34.36 32.21
CA GLY E 151 -0.08 34.02 30.82
C GLY E 151 0.97 33.08 30.28
N ALA E 152 1.59 32.27 31.14
CA ALA E 152 2.49 31.23 30.66
C ALA E 152 1.77 30.28 29.71
N ALA E 153 0.47 30.05 29.95
CA ALA E 153 -0.29 29.12 29.11
C ALA E 153 -0.42 29.64 27.68
N GLU E 154 -0.65 30.95 27.52
CA GLU E 154 -0.74 31.52 26.18
C GLU E 154 0.56 31.32 25.41
N HIS E 155 1.70 31.49 26.08
CA HIS E 155 2.98 31.30 25.42
C HIS E 155 3.12 29.87 24.90
N TYR E 156 2.79 28.88 25.73
CA TYR E 156 2.90 27.49 25.32
C TYR E 156 1.83 27.13 24.29
N LYS E 157 0.62 27.67 24.46
CA LYS E 157 -0.44 27.41 23.49
C LYS E 157 -0.02 27.85 22.09
N ALA E 158 0.66 28.99 21.99
CA ALA E 158 1.09 29.47 20.67
C ALA E 158 2.10 28.49 20.05
N TYR E 159 3.06 28.01 20.84
CA TYR E 159 4.03 27.05 20.33
C TYR E 159 3.33 25.77 19.86
N LEU E 160 2.47 25.21 20.71
CA LEU E 160 1.86 23.92 20.39
C LEU E 160 0.97 24.00 19.16
N GLU E 161 0.19 25.07 19.05
CA GLU E 161 -0.71 25.22 17.91
C GLU E 161 -0.01 25.76 16.66
N GLY E 162 1.12 26.43 16.83
CA GLY E 162 1.82 27.01 15.70
C GLY E 162 3.07 26.26 15.30
N GLU E 163 4.20 26.59 15.93
CA GLU E 163 5.49 26.06 15.50
C GLU E 163 5.49 24.53 15.54
N CYS E 164 5.01 23.94 16.64
CA CYS E 164 5.03 22.49 16.76
C CYS E 164 4.37 21.84 15.56
N VAL E 165 3.18 22.32 15.18
CA VAL E 165 2.48 21.77 14.03
C VAL E 165 3.23 22.08 12.74
N GLU E 166 3.59 23.36 12.54
CA GLU E 166 4.20 23.77 11.29
C GLU E 166 5.50 23.02 11.04
N TRP E 167 6.35 22.89 12.05
CA TRP E 167 7.63 22.23 11.86
C TRP E 167 7.47 20.71 11.75
N LEU E 168 6.43 20.16 12.37
CA LEU E 168 6.16 18.73 12.18
C LEU E 168 5.75 18.45 10.75
N HIS E 169 4.98 19.35 10.13
CA HIS E 169 4.64 19.19 8.72
C HIS E 169 5.91 19.10 7.86
N ARG E 170 6.88 19.97 8.12
CA ARG E 170 8.13 19.95 7.37
C ARG E 170 8.89 18.65 7.59
N TYR E 171 8.97 18.19 8.83
CA TYR E 171 9.76 17.00 9.13
C TYR E 171 9.21 15.78 8.40
N LEU E 172 7.88 15.61 8.38
CA LEU E 172 7.31 14.46 7.72
C LEU E 172 7.51 14.53 6.21
N LYS E 173 7.50 15.74 5.65
CA LYS E 173 7.75 15.90 4.22
C LYS E 173 9.18 15.52 3.87
N ASN E 174 10.13 15.97 4.66
CA ASN E 174 11.53 15.62 4.42
C ASN E 174 11.84 14.19 4.84
N GLY E 175 10.86 13.47 5.37
CA GLY E 175 11.02 12.05 5.62
C GLY E 175 10.08 11.24 4.76
N ASN E 176 8.92 10.88 5.33
CA ASN E 176 8.01 9.89 4.74
C ASN E 176 6.98 10.46 3.78
N ALA E 177 6.50 11.69 3.99
CA ALA E 177 5.37 12.19 3.22
C ALA E 177 5.04 13.63 3.63
N ARG E 181 4.98 5.12 8.65
CA ARG E 181 5.18 3.79 8.08
C ARG E 181 5.31 2.79 9.21
N THR E 182 4.81 1.57 9.00
CA THR E 182 4.66 0.59 10.05
C THR E 182 5.21 -0.75 9.61
N ASP E 183 5.62 -1.56 10.59
CA ASP E 183 6.07 -2.93 10.38
C ASP E 183 5.07 -3.89 11.01
N SER E 184 4.73 -4.93 10.29
CA SER E 184 3.76 -5.89 10.79
C SER E 184 4.47 -7.02 11.54
N PRO E 185 3.78 -7.64 12.51
CA PRO E 185 4.41 -8.74 13.25
C PRO E 185 4.41 -10.05 12.47
N LYS E 186 5.53 -10.77 12.58
CA LYS E 186 5.66 -12.12 12.06
C LYS E 186 5.58 -13.07 13.25
N ALA E 187 4.60 -13.95 13.25
CA ALA E 187 4.27 -14.73 14.43
C ALA E 187 4.45 -16.23 14.16
N HIS E 188 4.98 -16.92 15.16
CA HIS E 188 5.08 -18.37 15.14
C HIS E 188 4.89 -18.88 16.57
N VAL E 189 4.57 -20.15 16.69
CA VAL E 189 4.37 -20.80 17.98
C VAL E 189 5.46 -21.85 18.16
N THR E 190 6.12 -21.82 19.33
CA THR E 190 7.16 -22.77 19.66
C THR E 190 6.67 -23.71 20.76
N HIS E 191 7.08 -24.97 20.67
CA HIS E 191 6.59 -26.04 21.53
C HIS E 191 7.75 -26.56 22.39
N HIS E 192 7.80 -26.12 23.65
CA HIS E 192 8.84 -26.55 24.58
C HIS E 192 8.24 -27.45 25.65
N PRO E 193 8.82 -28.62 25.93
CA PRO E 193 8.24 -29.50 26.96
C PRO E 193 8.38 -28.89 28.35
N ARG E 194 7.35 -29.09 29.17
CA ARG E 194 7.38 -28.76 30.58
C ARG E 194 7.61 -29.99 31.44
N SER E 195 7.02 -31.11 31.05
CA SER E 195 7.19 -32.38 31.76
C SER E 195 6.53 -33.45 30.90
N LYS E 196 6.70 -34.71 31.31
CA LYS E 196 6.01 -35.80 30.65
C LYS E 196 4.50 -35.63 30.68
N GLY E 197 3.99 -34.85 31.63
CA GLY E 197 2.56 -34.64 31.79
C GLY E 197 2.00 -33.53 30.93
N GLU E 198 2.75 -32.45 30.73
CA GLU E 198 2.26 -31.33 29.93
C GLU E 198 3.42 -30.56 29.33
N VAL E 199 3.09 -29.70 28.37
CA VAL E 199 4.06 -28.99 27.55
C VAL E 199 3.67 -27.52 27.48
N THR E 200 4.67 -26.66 27.28
CA THR E 200 4.46 -25.22 27.17
C THR E 200 4.47 -24.80 25.71
N LEU E 201 3.44 -24.05 25.30
CA LEU E 201 3.41 -23.40 24.00
C LEU E 201 3.64 -21.90 24.18
N ARG E 202 4.34 -21.29 23.23
CA ARG E 202 4.64 -19.88 23.28
C ARG E 202 4.42 -19.23 21.93
N CYS E 203 3.59 -18.19 21.90
CA CYS E 203 3.29 -17.44 20.69
C CYS E 203 4.23 -16.25 20.61
N TRP E 204 5.02 -16.19 19.54
CA TRP E 204 5.97 -15.12 19.32
C TRP E 204 5.43 -14.11 18.34
N ALA E 205 5.76 -12.84 18.56
CA ALA E 205 5.60 -11.79 17.57
C ALA E 205 6.95 -11.09 17.42
N LEU E 206 7.40 -10.95 16.17
CA LEU E 206 8.71 -10.39 15.90
C LEU E 206 8.63 -9.44 14.73
N GLY E 207 9.56 -8.48 14.71
CA GLY E 207 9.67 -7.55 13.60
C GLY E 207 8.48 -6.65 13.39
N PHE E 208 7.81 -6.24 14.47
CA PHE E 208 6.68 -5.33 14.36
C PHE E 208 7.06 -3.94 14.85
N TYR E 209 6.39 -2.95 14.28
CA TYR E 209 6.59 -1.57 14.65
C TYR E 209 5.27 -0.87 14.31
N PRO E 210 4.72 -0.03 15.20
CA PRO E 210 5.23 0.35 16.53
C PRO E 210 5.15 -0.79 17.55
N ALA E 211 5.46 -0.47 18.81
CA ALA E 211 5.59 -1.49 19.84
C ALA E 211 4.23 -1.96 20.35
N ASP E 212 3.26 -1.06 20.44
CA ASP E 212 1.94 -1.43 20.96
C ASP E 212 1.39 -2.63 20.21
N ILE E 213 1.20 -3.74 20.93
CA ILE E 213 0.71 -4.98 20.36
C ILE E 213 -0.06 -5.72 21.45
N THR E 214 -1.00 -6.56 21.03
CA THR E 214 -1.78 -7.37 21.95
C THR E 214 -1.63 -8.83 21.56
N LEU E 215 -1.38 -9.67 22.54
CA LEU E 215 -1.21 -11.10 22.33
C LEU E 215 -2.18 -11.87 23.20
N THR E 216 -2.87 -12.83 22.61
CA THR E 216 -3.88 -13.61 23.32
C THR E 216 -3.81 -15.06 22.89
N TRP E 217 -4.16 -15.93 23.84
CA TRP E 217 -4.38 -17.34 23.59
C TRP E 217 -5.86 -17.63 23.84
N GLN E 218 -6.40 -18.65 23.18
CA GLN E 218 -7.75 -19.05 23.52
C GLN E 218 -7.97 -20.53 23.27
N LEU E 219 -8.84 -21.10 24.10
CA LEU E 219 -9.19 -22.51 24.11
C LEU E 219 -10.71 -22.60 23.95
N ASN E 220 -11.17 -22.90 22.75
CA ASN E 220 -12.59 -23.05 22.48
C ASN E 220 -13.34 -21.72 22.62
N GLY E 221 -13.07 -20.78 21.72
CA GLY E 221 -13.84 -19.56 21.61
C GLY E 221 -13.71 -18.60 22.79
N GLU E 222 -12.91 -18.92 23.79
CA GLU E 222 -12.76 -18.08 24.98
C GLU E 222 -11.29 -17.77 25.18
N GLU E 223 -10.98 -16.49 25.34
CA GLU E 223 -9.67 -16.11 25.86
C GLU E 223 -9.48 -16.74 27.24
N LEU E 224 -8.23 -16.81 27.67
CA LEU E 224 -7.87 -17.53 28.88
C LEU E 224 -7.18 -16.59 29.87
N THR E 225 -7.55 -16.72 31.13
CA THR E 225 -6.88 -16.03 32.22
C THR E 225 -6.28 -17.06 33.16
N GLN E 226 -5.82 -18.18 32.58
CA GLN E 226 -5.18 -19.26 33.32
C GLN E 226 -3.75 -19.44 32.83
N ASP E 227 -2.81 -19.46 33.78
CA ASP E 227 -1.45 -19.95 33.55
C ASP E 227 -0.82 -19.39 32.26
N MET E 228 -1.16 -18.16 31.87
CA MET E 228 -0.54 -17.56 30.69
C MET E 228 0.51 -16.55 31.14
N GLU E 229 1.77 -16.80 30.77
CA GLU E 229 2.86 -15.86 31.03
C GLU E 229 3.25 -15.14 29.74
N LEU E 230 3.82 -13.95 29.91
CA LEU E 230 4.27 -13.14 28.79
C LEU E 230 5.56 -12.43 29.20
N VAL E 231 5.95 -11.44 28.40
CA VAL E 231 7.02 -10.51 28.77
C VAL E 231 6.61 -9.13 28.28
N GLU E 232 7.25 -8.11 28.85
CA GLU E 232 7.04 -6.76 28.37
C GLU E 232 7.57 -6.64 26.95
N THR E 233 6.88 -5.84 26.13
CA THR E 233 7.35 -5.59 24.77
C THR E 233 8.75 -5.00 24.81
N ARG E 234 9.69 -5.67 24.15
CA ARG E 234 11.09 -5.29 24.23
C ARG E 234 11.65 -5.03 22.84
N PRO E 235 12.66 -4.16 22.73
CA PRO E 235 13.23 -3.86 21.42
C PRO E 235 14.22 -4.92 20.96
N ALA E 236 14.14 -5.24 19.66
CA ALA E 236 15.12 -6.13 19.06
C ALA E 236 16.47 -5.45 18.83
N GLY E 237 16.47 -4.12 18.72
CA GLY E 237 17.68 -3.35 18.49
C GLY E 237 17.85 -2.88 17.06
N ASP E 238 16.97 -3.30 16.14
CA ASP E 238 17.02 -2.89 14.76
C ASP E 238 15.88 -1.94 14.40
N GLY E 239 15.23 -1.35 15.39
CA GLY E 239 14.07 -0.51 15.19
C GLY E 239 12.75 -1.22 15.33
N THR E 240 12.75 -2.54 15.52
CA THR E 240 11.54 -3.32 15.66
C THR E 240 11.49 -3.95 17.06
N PHE E 241 10.37 -4.60 17.35
CA PHE E 241 10.08 -5.04 18.71
C PHE E 241 9.66 -6.50 18.73
N GLN E 242 9.66 -7.07 19.94
CA GLN E 242 9.27 -8.45 20.14
C GLN E 242 8.47 -8.58 21.43
N LYS E 243 7.66 -9.64 21.48
CA LYS E 243 6.85 -9.99 22.63
C LYS E 243 6.46 -11.44 22.48
N TRP E 244 6.23 -12.11 23.61
CA TRP E 244 5.73 -13.48 23.55
C TRP E 244 4.78 -13.73 24.71
N ALA E 245 3.91 -14.72 24.49
CA ALA E 245 2.90 -15.14 25.46
C ALA E 245 2.84 -16.65 25.47
N SER E 246 2.67 -17.22 26.66
CA SER E 246 2.84 -18.65 26.86
C SER E 246 1.65 -19.24 27.61
N VAL E 247 1.34 -20.50 27.32
CA VAL E 247 0.35 -21.25 28.07
C VAL E 247 0.84 -22.69 28.20
N VAL E 248 0.41 -23.35 29.28
CA VAL E 248 0.80 -24.72 29.57
C VAL E 248 -0.34 -25.64 29.14
N VAL E 249 -0.02 -26.62 28.31
CA VAL E 249 -1.04 -27.48 27.70
C VAL E 249 -0.52 -28.91 27.65
N PRO E 250 -1.43 -29.90 27.77
CA PRO E 250 -0.89 -31.25 27.70
C PRO E 250 -0.80 -31.80 26.28
N GLU E 254 -3.70 -30.22 22.61
CA GLU E 254 -2.54 -29.47 22.15
C GLU E 254 -2.91 -28.49 21.03
N GLN E 255 -3.69 -28.96 20.06
CA GLN E 255 -4.08 -28.13 18.93
C GLN E 255 -5.40 -27.41 19.15
N ASN E 256 -6.13 -27.72 20.22
CA ASN E 256 -7.36 -26.99 20.52
C ASN E 256 -7.05 -25.53 20.89
N TYR E 257 -5.78 -25.14 20.86
CA TYR E 257 -5.33 -23.84 21.31
C TYR E 257 -4.94 -22.97 20.12
N THR E 258 -5.21 -21.68 20.24
CA THR E 258 -4.97 -20.73 19.17
C THR E 258 -4.53 -19.39 19.74
N CYS E 259 -3.52 -18.81 19.12
CA CYS E 259 -3.00 -17.50 19.50
C CYS E 259 -3.43 -16.47 18.47
N ARG E 260 -3.86 -15.31 18.96
CA ARG E 260 -4.22 -14.20 18.09
C ARG E 260 -3.34 -13.00 18.40
N VAL E 261 -2.88 -12.33 17.35
CA VAL E 261 -2.00 -11.18 17.46
C VAL E 261 -2.71 -9.98 16.87
N TYR E 262 -2.70 -8.85 17.57
CA TYR E 262 -3.36 -7.63 17.14
C TYR E 262 -2.33 -6.52 17.00
N HIS E 263 -2.28 -5.89 15.83
CA HIS E 263 -1.31 -4.84 15.56
C HIS E 263 -1.88 -3.93 14.49
N GLU E 264 -1.62 -2.62 14.63
CA GLU E 264 -2.22 -1.64 13.72
C GLU E 264 -1.77 -1.88 12.28
N GLY E 265 -0.57 -2.43 12.08
CA GLY E 265 -0.07 -2.65 10.74
C GLY E 265 -0.68 -3.84 10.03
N LEU E 266 -1.34 -4.73 10.76
CA LEU E 266 -1.92 -5.92 10.15
C LEU E 266 -3.24 -5.57 9.46
N PRO E 267 -3.52 -6.15 8.29
CA PRO E 267 -4.86 -5.96 7.71
C PRO E 267 -5.97 -6.52 8.58
N GLU E 268 -5.70 -7.62 9.29
CA GLU E 268 -6.64 -8.18 10.24
C GLU E 268 -5.84 -8.95 11.27
N PRO E 269 -6.43 -9.22 12.45
CA PRO E 269 -5.69 -9.94 13.49
C PRO E 269 -5.29 -11.34 13.02
N LEU E 270 -4.07 -11.73 13.38
CA LEU E 270 -3.58 -13.06 13.04
C LEU E 270 -4.20 -14.11 13.96
N THR E 271 -4.23 -15.34 13.46
CA THR E 271 -4.61 -16.51 14.25
C THR E 271 -3.62 -17.61 13.96
N LEU E 272 -3.10 -18.24 15.01
CA LEU E 272 -2.01 -19.19 14.87
C LEU E 272 -2.31 -20.48 15.64
N ARG E 273 -1.81 -21.58 15.10
CA ARG E 273 -1.79 -22.86 15.78
C ARG E 273 -0.37 -23.40 15.76
N TRP E 274 -0.06 -24.26 16.72
CA TRP E 274 1.22 -24.95 16.72
C TRP E 274 1.32 -25.85 15.49
N GLU E 275 2.41 -25.72 14.75
CA GLU E 275 2.60 -26.44 13.49
C GLU E 275 3.82 -27.34 13.60
N PRO E 276 3.65 -28.66 13.84
CA PRO E 276 4.76 -29.60 13.97
C PRO E 276 5.59 -29.72 12.69
N ILE F 1 11.39 9.27 44.72
CA ILE F 1 11.85 7.97 45.27
C ILE F 1 12.29 7.02 44.17
N GLN F 2 12.86 5.89 44.59
CA GLN F 2 13.53 4.98 43.69
C GLN F 2 12.54 4.00 43.05
N LYS F 3 12.75 3.75 41.76
CA LYS F 3 12.07 2.67 41.05
C LYS F 3 13.13 1.66 40.64
N THR F 4 12.90 0.39 41.00
CA THR F 4 13.93 -0.62 40.75
C THR F 4 13.91 -1.04 39.29
N PRO F 5 15.06 -1.10 38.62
CA PRO F 5 15.05 -1.46 37.19
C PRO F 5 14.55 -2.87 36.96
N GLN F 6 13.70 -3.01 35.94
CA GLN F 6 13.31 -4.32 35.44
C GLN F 6 14.24 -4.69 34.30
N ILE F 7 14.63 -5.96 34.25
CA ILE F 7 15.69 -6.41 33.35
C ILE F 7 15.19 -7.58 32.52
N GLN F 8 15.49 -7.54 31.22
CA GLN F 8 15.36 -8.69 30.34
C GLN F 8 16.67 -8.89 29.59
N VAL F 9 17.07 -10.15 29.44
CA VAL F 9 18.25 -10.51 28.67
C VAL F 9 17.81 -11.48 27.59
N TYR F 10 18.13 -11.16 26.34
CA TYR F 10 17.58 -11.88 25.20
C TYR F 10 18.38 -11.49 23.97
N SER F 11 18.26 -12.32 22.93
CA SER F 11 19.01 -12.13 21.71
C SER F 11 18.12 -11.59 20.60
N ARG F 12 18.73 -10.82 19.69
CA ARG F 12 17.96 -10.19 18.61
C ARG F 12 17.26 -11.23 17.75
N HIS F 13 17.92 -12.33 17.45
CA HIS F 13 17.37 -13.38 16.59
C HIS F 13 17.24 -14.68 17.35
N PRO F 14 16.40 -15.60 16.88
CA PRO F 14 16.34 -16.93 17.49
C PRO F 14 17.74 -17.53 17.60
N PRO F 15 18.18 -17.88 18.81
CA PRO F 15 19.57 -18.32 18.97
C PRO F 15 19.81 -19.67 18.32
N GLU F 16 20.86 -19.74 17.51
CA GLU F 16 21.30 -20.98 16.87
C GLU F 16 22.80 -21.09 17.09
N ASN F 17 23.23 -22.19 17.70
CA ASN F 17 24.63 -22.34 18.09
C ASN F 17 25.53 -22.29 16.86
N GLY F 18 26.52 -21.40 16.90
CA GLY F 18 27.47 -21.23 15.82
C GLY F 18 27.12 -20.12 14.85
N LYS F 19 25.95 -19.49 14.99
CA LYS F 19 25.50 -18.50 14.04
C LYS F 19 25.52 -17.11 14.67
N PRO F 20 26.12 -16.11 14.02
CA PRO F 20 26.21 -14.79 14.65
C PRO F 20 24.85 -14.25 15.08
N ASN F 21 24.85 -13.40 16.10
CA ASN F 21 23.64 -12.91 16.70
C ASN F 21 23.96 -11.66 17.50
N ILE F 22 22.94 -11.10 18.15
CA ILE F 22 23.09 -9.94 19.02
C ILE F 22 22.42 -10.27 20.35
N LEU F 23 23.13 -10.04 21.45
CA LEU F 23 22.57 -10.22 22.78
C LEU F 23 22.18 -8.85 23.34
N ASN F 24 20.96 -8.74 23.84
CA ASN F 24 20.44 -7.50 24.38
C ASN F 24 20.26 -7.60 25.89
N CYS F 25 20.43 -6.46 26.56
CA CYS F 25 20.08 -6.33 27.98
C CYS F 25 19.20 -5.07 28.10
N TYR F 26 17.91 -5.29 28.26
CA TYR F 26 16.90 -4.22 28.24
C TYR F 26 16.54 -3.90 29.68
N VAL F 27 16.85 -2.68 30.12
CA VAL F 27 16.71 -2.25 31.50
C VAL F 27 15.73 -1.08 31.53
N THR F 28 14.63 -1.24 32.27
CA THR F 28 13.49 -0.33 32.17
C THR F 28 13.00 0.10 33.55
N GLN F 29 12.16 1.13 33.52
CA GLN F 29 11.37 1.58 34.67
C GLN F 29 12.21 1.72 35.94
N PHE F 30 13.30 2.48 35.84
CA PHE F 30 14.12 2.78 37.01
C PHE F 30 14.24 4.29 37.18
N HIS F 31 14.62 4.69 38.41
CA HIS F 31 14.76 6.09 38.75
C HIS F 31 15.68 6.21 39.95
N PRO F 32 16.62 7.17 39.98
CA PRO F 32 16.91 8.21 38.99
C PRO F 32 17.75 7.64 37.83
N PRO F 33 18.15 8.46 36.84
CA PRO F 33 18.70 7.86 35.62
C PRO F 33 20.08 7.24 35.78
N HIS F 34 20.87 7.66 36.76
CA HIS F 34 22.20 7.08 36.87
C HIS F 34 22.10 5.58 37.10
N ILE F 35 22.79 4.81 36.26
CA ILE F 35 22.72 3.36 36.33
C ILE F 35 23.97 2.80 35.68
N GLU F 36 24.34 1.59 36.09
CA GLU F 36 25.55 0.95 35.60
C GLU F 36 25.22 -0.45 35.10
N ILE F 37 25.51 -0.70 33.84
CA ILE F 37 25.16 -1.94 33.16
C ILE F 37 26.43 -2.51 32.54
N GLN F 38 26.69 -3.80 32.77
CA GLN F 38 27.74 -4.49 32.05
C GLN F 38 27.31 -5.91 31.77
N MET F 39 27.69 -6.41 30.60
CA MET F 39 27.31 -7.73 30.14
C MET F 39 28.49 -8.66 30.33
N LEU F 40 28.20 -9.90 30.72
CA LEU F 40 29.23 -10.85 31.13
C LEU F 40 29.18 -12.09 30.24
N LYS F 41 30.36 -12.62 29.93
CA LYS F 41 30.49 -13.90 29.23
C LYS F 41 31.28 -14.84 30.13
N ASN F 42 30.64 -15.92 30.58
CA ASN F 42 31.26 -16.87 31.50
C ASN F 42 31.75 -16.14 32.76
N GLY F 43 30.92 -15.24 33.28
CA GLY F 43 31.26 -14.48 34.47
C GLY F 43 32.28 -13.39 34.26
N LYS F 44 32.67 -13.10 33.01
CA LYS F 44 33.66 -12.09 32.70
C LYS F 44 33.06 -10.99 31.86
N LYS F 45 33.47 -9.75 32.14
CA LYS F 45 32.89 -8.60 31.49
C LYS F 45 33.26 -8.54 30.02
N ILE F 46 32.29 -8.18 29.19
CA ILE F 46 32.47 -8.03 27.75
C ILE F 46 32.90 -6.60 27.49
N PRO F 47 33.97 -6.36 26.70
CA PRO F 47 34.54 -5.00 26.65
C PRO F 47 33.67 -3.96 25.96
N LYS F 48 33.53 -4.08 24.63
CA LYS F 48 32.86 -3.05 23.83
C LYS F 48 31.36 -3.38 23.80
N VAL F 49 30.64 -2.92 24.82
CA VAL F 49 29.19 -3.08 24.87
C VAL F 49 28.56 -1.76 24.43
N GLU F 50 27.75 -1.83 23.39
CA GLU F 50 27.07 -0.66 22.87
C GLU F 50 25.91 -0.31 23.79
N MET F 51 25.84 0.97 24.18
CA MET F 51 24.88 1.44 25.17
C MET F 51 24.03 2.55 24.56
N SER F 52 22.71 2.44 24.70
CA SER F 52 21.82 3.48 24.23
C SER F 52 21.91 4.70 25.13
N ASP F 53 21.49 5.85 24.59
CA ASP F 53 21.57 7.11 25.31
C ASP F 53 20.33 7.30 26.20
N MET F 54 20.54 8.00 27.31
CA MET F 54 19.51 8.15 28.35
C MET F 54 18.16 8.54 27.75
N SER F 55 17.12 7.81 28.13
CA SER F 55 15.78 8.06 27.62
C SER F 55 14.78 7.72 28.71
N PHE F 56 13.62 8.40 28.70
CA PHE F 56 12.54 8.08 29.61
C PHE F 56 11.22 7.98 28.85
N SER F 57 10.28 7.27 29.47
CA SER F 57 9.00 6.96 28.87
C SER F 57 7.94 7.97 29.32
N LYS F 58 6.72 7.77 28.83
CA LYS F 58 5.63 8.69 29.15
C LYS F 58 5.22 8.62 30.62
N ASP F 59 5.58 7.57 31.33
CA ASP F 59 5.35 7.50 32.78
C ASP F 59 6.53 8.07 33.57
N TRP F 60 7.47 8.72 32.91
CA TRP F 60 8.61 9.43 33.48
C TRP F 60 9.78 8.52 33.79
N SER F 61 9.61 7.20 33.78
CA SER F 61 10.68 6.29 34.16
C SER F 61 11.69 6.14 33.02
N PHE F 62 12.92 5.81 33.39
CA PHE F 62 14.04 5.76 32.46
C PHE F 62 14.27 4.32 31.98
N TYR F 63 14.82 4.20 30.77
CA TYR F 63 15.08 2.90 30.17
C TYR F 63 16.37 2.95 29.37
N ILE F 64 17.04 1.80 29.28
CA ILE F 64 18.31 1.66 28.59
C ILE F 64 18.30 0.34 27.84
N LEU F 65 18.96 0.33 26.66
CA LEU F 65 19.22 -0.90 25.93
C LEU F 65 20.71 -1.06 25.75
N ALA F 66 21.26 -2.15 26.29
CA ALA F 66 22.65 -2.52 26.07
C ALA F 66 22.68 -3.78 25.21
N HIS F 67 23.60 -3.82 24.25
CA HIS F 67 23.68 -4.96 23.35
C HIS F 67 25.13 -5.20 22.94
N THR F 68 25.43 -6.45 22.61
CA THR F 68 26.75 -6.84 22.14
C THR F 68 26.61 -7.94 21.10
N GLU F 69 27.52 -7.95 20.14
CA GLU F 69 27.56 -9.02 19.14
C GLU F 69 28.13 -10.28 19.77
N PHE F 70 27.46 -11.40 19.55
CA PHE F 70 27.97 -12.66 20.06
C PHE F 70 27.55 -13.80 19.14
N THR F 71 28.28 -14.91 19.25
CA THR F 71 27.94 -16.16 18.57
C THR F 71 27.73 -17.22 19.65
N PRO F 72 26.49 -17.55 19.99
CA PRO F 72 26.28 -18.48 21.12
C PRO F 72 26.83 -19.87 20.82
N THR F 73 27.34 -20.50 21.87
CA THR F 73 27.78 -21.88 21.82
C THR F 73 27.03 -22.69 22.87
N GLU F 74 27.28 -24.01 22.85
CA GLU F 74 26.59 -24.89 23.78
C GLU F 74 26.81 -24.47 25.23
N THR F 75 28.03 -24.03 25.57
CA THR F 75 28.44 -23.92 26.96
C THR F 75 28.80 -22.52 27.42
N ASP F 76 28.83 -21.52 26.53
CA ASP F 76 29.11 -20.16 26.95
C ASP F 76 27.87 -19.58 27.60
N THR F 77 28.00 -19.13 28.85
CA THR F 77 26.92 -18.48 29.56
C THR F 77 27.04 -16.96 29.42
N TYR F 78 25.90 -16.29 29.40
CA TYR F 78 25.84 -14.84 29.30
C TYR F 78 24.91 -14.29 30.36
N ALA F 79 25.21 -13.08 30.81
CA ALA F 79 24.43 -12.42 31.85
C ALA F 79 24.55 -10.92 31.71
N CYS F 80 23.69 -10.21 32.44
CA CYS F 80 23.71 -8.76 32.52
C CYS F 80 23.71 -8.38 33.99
N ARG F 81 24.69 -7.57 34.40
CA ARG F 81 24.84 -7.14 35.78
C ARG F 81 24.49 -5.66 35.87
N VAL F 82 23.55 -5.34 36.76
CA VAL F 82 22.99 -4.00 36.88
C VAL F 82 23.21 -3.50 38.30
N LYS F 83 23.82 -2.32 38.42
CA LYS F 83 24.11 -1.70 39.70
C LYS F 83 23.37 -0.36 39.77
N HIS F 84 22.47 -0.22 40.74
CA HIS F 84 21.57 0.92 40.80
C HIS F 84 21.24 1.23 42.24
N ASP F 85 20.91 2.50 42.50
CA ASP F 85 20.72 2.98 43.87
C ASP F 85 19.61 2.23 44.58
N SER F 86 18.53 1.91 43.89
CA SER F 86 17.41 1.21 44.52
C SER F 86 17.79 -0.15 45.06
N MET F 87 18.95 -0.68 44.70
CA MET F 87 19.39 -2.00 45.12
C MET F 87 20.67 -1.86 45.94
N ALA F 88 20.76 -2.63 47.02
CA ALA F 88 21.93 -2.58 47.88
C ALA F 88 23.15 -3.22 47.24
N GLU F 89 22.93 -4.23 46.38
CA GLU F 89 24.00 -4.93 45.71
C GLU F 89 23.61 -5.11 44.25
N PRO F 90 24.58 -5.18 43.33
CA PRO F 90 24.22 -5.34 41.92
C PRO F 90 23.41 -6.59 41.68
N LYS F 91 22.54 -6.53 40.69
CA LYS F 91 21.68 -7.64 40.29
C LYS F 91 22.20 -8.23 38.99
N THR F 92 22.36 -9.55 38.95
CA THR F 92 22.82 -10.26 37.78
C THR F 92 21.66 -11.09 37.21
N VAL F 93 21.41 -10.94 35.92
CA VAL F 93 20.35 -11.67 35.23
C VAL F 93 21.00 -12.52 34.14
N TYR F 94 20.71 -13.82 34.17
CA TYR F 94 21.35 -14.77 33.27
C TYR F 94 20.51 -14.99 32.02
N TRP F 95 21.19 -15.05 30.88
CA TRP F 95 20.50 -15.24 29.61
C TRP F 95 19.91 -16.64 29.55
N ASP F 96 18.60 -16.70 29.31
CA ASP F 96 17.89 -17.94 29.08
C ASP F 96 17.51 -17.95 27.60
N ARG F 97 18.19 -18.77 26.81
CA ARG F 97 18.01 -18.74 25.37
C ARG F 97 16.60 -19.15 24.94
N ASP F 98 15.79 -19.61 25.88
CA ASP F 98 14.35 -19.62 25.68
C ASP F 98 13.77 -18.22 25.78
N MET F 99 14.60 -17.23 26.12
CA MET F 99 14.27 -15.81 26.05
C MET F 99 12.96 -15.47 26.76
N GLY G 1 6.77 -8.19 -6.67
CA GLY G 1 7.14 -8.19 -8.11
C GLY G 1 8.04 -9.36 -8.49
N PRO G 2 8.70 -9.28 -9.63
CA PRO G 2 9.58 -10.36 -10.06
C PRO G 2 10.88 -10.37 -9.26
N HIS G 3 11.55 -11.52 -9.30
CA HIS G 3 12.81 -11.72 -8.59
C HIS G 3 13.78 -12.44 -9.51
N SER G 4 15.04 -12.49 -9.08
CA SER G 4 16.08 -13.10 -9.90
C SER G 4 17.26 -13.50 -9.01
N MET G 5 17.98 -14.52 -9.45
CA MET G 5 19.26 -14.89 -8.89
C MET G 5 20.28 -14.95 -10.02
N ARG G 6 21.50 -14.50 -9.74
CA ARG G 6 22.57 -14.55 -10.73
C ARG G 6 23.87 -14.97 -10.07
N TYR G 7 24.74 -15.59 -10.86
CA TYR G 7 26.11 -15.87 -10.43
C TYR G 7 27.06 -15.40 -11.53
N PHE G 8 27.85 -14.39 -11.21
CA PHE G 8 28.86 -13.86 -12.13
C PHE G 8 30.21 -14.42 -11.72
N GLU G 9 30.85 -15.14 -12.64
CA GLU G 9 32.11 -15.80 -12.36
C GLU G 9 33.16 -15.35 -13.37
N THR G 10 34.38 -15.11 -12.87
CA THR G 10 35.46 -14.57 -13.69
C THR G 10 36.74 -15.30 -13.37
N ALA G 11 37.47 -15.68 -14.41
CA ALA G 11 38.82 -16.23 -14.28
C ALA G 11 39.75 -15.34 -15.10
N VAL G 12 40.76 -14.76 -14.45
CA VAL G 12 41.69 -13.85 -15.08
C VAL G 12 43.09 -14.42 -14.94
N SER G 13 43.80 -14.54 -16.06
CA SER G 13 45.20 -14.91 -16.07
C SER G 13 46.04 -13.71 -16.47
N ARG G 14 47.22 -13.59 -15.88
CA ARG G 14 48.13 -12.49 -16.18
C ARG G 14 49.52 -13.03 -16.46
N PRO G 15 50.32 -12.33 -17.26
CA PRO G 15 51.59 -12.92 -17.73
C PRO G 15 52.54 -13.33 -16.62
N GLY G 16 52.60 -12.58 -15.53
CA GLY G 16 53.53 -12.91 -14.47
C GLY G 16 53.11 -14.12 -13.67
N LEU G 17 51.81 -14.41 -13.60
CA LEU G 17 51.27 -15.34 -12.63
C LEU G 17 51.29 -16.78 -13.12
N GLU G 18 51.53 -17.70 -12.18
CA GLU G 18 51.50 -19.13 -12.49
C GLU G 18 50.09 -19.62 -12.78
N GLU G 19 49.12 -19.14 -12.00
CA GLU G 19 47.74 -19.57 -12.13
C GLU G 19 46.82 -18.36 -12.19
N PRO G 20 45.67 -18.49 -12.86
CA PRO G 20 44.72 -17.36 -12.92
C PRO G 20 44.05 -17.13 -11.58
N ARG G 21 43.26 -16.06 -11.50
CA ARG G 21 42.52 -15.71 -10.29
C ARG G 21 41.03 -15.92 -10.54
N TYR G 22 40.39 -16.68 -9.67
CA TYR G 22 38.97 -17.01 -9.80
C TYR G 22 38.18 -16.20 -8.79
N ILE G 23 37.18 -15.45 -9.28
CA ILE G 23 36.25 -14.71 -8.45
C ILE G 23 34.85 -15.07 -8.89
N SER G 24 33.96 -15.34 -7.94
CA SER G 24 32.57 -15.66 -8.20
C SER G 24 31.70 -14.81 -7.28
N VAL G 25 30.67 -14.19 -7.85
CA VAL G 25 29.78 -13.30 -7.11
C VAL G 25 28.34 -13.77 -7.34
N GLY G 26 27.58 -13.88 -6.27
CA GLY G 26 26.17 -14.25 -6.33
C GLY G 26 25.31 -13.05 -5.99
N TYR G 27 24.19 -12.91 -6.70
CA TYR G 27 23.26 -11.81 -6.50
C TYR G 27 21.85 -12.36 -6.36
N VAL G 28 21.05 -11.67 -5.56
CA VAL G 28 19.61 -11.88 -5.49
C VAL G 28 18.94 -10.53 -5.69
N ASP G 29 18.02 -10.46 -6.66
CA ASP G 29 17.35 -9.21 -6.99
C ASP G 29 18.37 -8.10 -7.23
N ASN G 30 19.46 -8.46 -7.90
CA ASN G 30 20.51 -7.52 -8.29
C ASN G 30 21.21 -6.90 -7.08
N LYS G 31 21.22 -7.60 -5.94
CA LYS G 31 21.96 -7.16 -4.76
C LYS G 31 22.91 -8.27 -4.37
N GLU G 32 24.19 -7.94 -4.29
CA GLU G 32 25.22 -8.91 -3.95
C GLU G 32 24.89 -9.60 -2.62
N PHE G 33 25.08 -10.91 -2.57
CA PHE G 33 24.79 -11.65 -1.34
C PHE G 33 25.77 -12.78 -1.02
N VAL G 34 26.66 -13.16 -1.93
CA VAL G 34 27.76 -14.08 -1.61
C VAL G 34 28.93 -13.76 -2.54
N ARG G 35 30.12 -14.18 -2.13
CA ARG G 35 31.31 -13.93 -2.93
C ARG G 35 32.39 -14.95 -2.57
N PHE G 36 33.16 -15.34 -3.58
CA PHE G 36 34.35 -16.18 -3.41
C PHE G 36 35.49 -15.57 -4.21
N ASP G 37 36.69 -15.58 -3.62
CA ASP G 37 37.87 -15.02 -4.26
C ASP G 37 39.06 -15.90 -3.92
N SER G 38 39.69 -16.46 -4.95
CA SER G 38 40.84 -17.34 -4.77
C SER G 38 42.05 -16.62 -4.21
N ASP G 39 42.03 -15.28 -4.13
CA ASP G 39 43.20 -14.53 -3.70
C ASP G 39 43.36 -14.49 -2.18
N ALA G 40 42.32 -14.82 -1.42
CA ALA G 40 42.39 -14.71 0.03
C ALA G 40 43.06 -15.95 0.63
N GLU G 41 43.46 -15.82 1.91
CA GLU G 41 44.19 -16.89 2.58
C GLU G 41 43.30 -18.10 2.83
N ASN G 42 42.06 -17.87 3.26
CA ASN G 42 41.10 -18.95 3.45
C ASN G 42 40.00 -18.82 2.41
N PRO G 43 40.23 -19.23 1.16
CA PRO G 43 39.18 -19.11 0.14
C PRO G 43 37.93 -19.88 0.55
N ARG G 44 36.80 -19.20 0.44
CA ARG G 44 35.51 -19.73 0.89
C ARG G 44 34.44 -18.78 0.41
N TYR G 45 33.26 -19.31 0.15
CA TYR G 45 32.13 -18.45 -0.12
C TYR G 45 31.78 -17.69 1.17
N GLU G 46 31.77 -16.38 1.08
CA GLU G 46 31.53 -15.56 2.26
C GLU G 46 30.17 -14.86 2.16
N PRO G 47 29.42 -14.79 3.25
CA PRO G 47 28.20 -13.98 3.23
C PRO G 47 28.56 -12.51 3.10
N ARG G 48 27.82 -11.82 2.23
CA ARG G 48 28.02 -10.39 2.00
C ARG G 48 26.78 -9.58 2.31
N ALA G 49 25.71 -10.20 2.83
CA ALA G 49 24.54 -9.52 3.31
C ALA G 49 24.13 -10.21 4.62
N PRO G 50 23.65 -9.46 5.61
CA PRO G 50 23.40 -10.07 6.93
C PRO G 50 22.46 -11.27 6.89
N TRP G 51 21.48 -11.30 5.98
CA TRP G 51 20.51 -12.39 6.00
C TRP G 51 21.11 -13.73 5.58
N MET G 52 22.31 -13.74 5.01
CA MET G 52 22.98 -14.99 4.67
C MET G 52 23.72 -15.60 5.86
N GLU G 53 23.82 -14.88 6.98
CA GLU G 53 24.47 -15.44 8.17
C GLU G 53 23.66 -16.59 8.77
N GLN G 54 22.40 -16.73 8.38
CA GLN G 54 21.53 -17.75 8.99
C GLN G 54 21.87 -19.16 8.50
N GLU G 55 22.58 -19.30 7.40
CA GLU G 55 22.85 -20.62 6.85
C GLU G 55 23.92 -21.34 7.68
N GLY G 56 23.98 -22.66 7.51
CA GLY G 56 24.81 -23.50 8.33
C GLY G 56 26.19 -23.77 7.74
N PRO G 57 27.06 -24.39 8.54
CA PRO G 57 28.42 -24.66 8.04
C PRO G 57 28.44 -25.64 6.87
N GLU G 58 27.55 -26.64 6.88
CA GLU G 58 27.50 -27.59 5.78
C GLU G 58 27.20 -26.89 4.46
N TYR G 59 26.33 -25.88 4.49
CA TYR G 59 26.00 -25.14 3.27
C TYR G 59 27.24 -24.44 2.72
N TRP G 60 27.91 -23.64 3.55
CA TRP G 60 29.13 -22.97 3.12
C TRP G 60 30.15 -23.98 2.64
N GLU G 61 30.32 -25.08 3.38
CA GLU G 61 31.28 -26.09 2.96
C GLU G 61 30.95 -26.61 1.56
N ARG G 62 29.66 -26.81 1.26
CA ARG G 62 29.33 -27.30 -0.06
C ARG G 62 29.54 -26.24 -1.12
N GLU G 63 29.13 -25.00 -0.85
CA GLU G 63 29.34 -23.93 -1.83
C GLU G 63 30.83 -23.71 -2.09
N THR G 64 31.64 -23.74 -1.04
CA THR G 64 33.08 -23.57 -1.21
C THR G 64 33.67 -24.69 -2.07
N GLN G 65 33.28 -25.94 -1.80
CA GLN G 65 33.76 -27.04 -2.63
C GLN G 65 33.32 -26.86 -4.08
N LYS G 66 32.10 -26.34 -4.29
CA LYS G 66 31.67 -26.04 -5.65
C LYS G 66 32.57 -24.99 -6.29
N ALA G 67 32.88 -23.92 -5.55
CA ALA G 67 33.76 -22.90 -6.08
C ALA G 67 35.12 -23.48 -6.43
N LYS G 68 35.65 -24.36 -5.58
CA LYS G 68 36.93 -24.99 -5.88
C LYS G 68 36.87 -25.81 -7.15
N GLY G 69 35.74 -26.47 -7.40
CA GLY G 69 35.56 -27.17 -8.66
C GLY G 69 35.52 -26.21 -9.84
N GLN G 70 34.78 -25.10 -9.70
CA GLN G 70 34.69 -24.12 -10.76
C GLN G 70 36.06 -23.55 -11.09
N GLU G 71 36.87 -23.27 -10.07
CA GLU G 71 38.22 -22.76 -10.30
C GLU G 71 39.00 -23.67 -11.23
N GLN G 72 38.97 -24.98 -10.96
CA GLN G 72 39.67 -25.92 -11.82
C GLN G 72 39.05 -25.93 -13.22
N TRP G 73 37.73 -25.92 -13.30
CA TRP G 73 37.05 -25.89 -14.59
C TRP G 73 37.49 -24.67 -15.42
N PHE G 74 37.48 -23.49 -14.80
CA PHE G 74 37.92 -22.28 -15.50
C PHE G 74 39.39 -22.39 -15.89
N ARG G 75 40.22 -22.96 -15.02
CA ARG G 75 41.64 -23.13 -15.34
C ARG G 75 41.82 -23.93 -16.63
N VAL G 76 41.18 -25.10 -16.70
CA VAL G 76 41.30 -25.94 -17.89
C VAL G 76 40.76 -25.21 -19.12
N SER G 77 39.63 -24.53 -18.96
CA SER G 77 39.02 -23.85 -20.10
C SER G 77 39.95 -22.76 -20.65
N LEU G 78 40.51 -21.94 -19.76
CA LEU G 78 41.45 -20.91 -20.20
C LEU G 78 42.59 -21.51 -20.99
N ARG G 79 43.12 -22.66 -20.53
CA ARG G 79 44.20 -23.32 -21.25
C ARG G 79 43.73 -23.72 -22.65
N ASN G 80 42.57 -24.35 -22.75
CA ASN G 80 42.06 -24.76 -24.05
C ASN G 80 41.81 -23.55 -24.94
N LEU G 81 41.27 -22.47 -24.39
CA LEU G 81 40.94 -21.30 -25.20
C LEU G 81 42.17 -20.68 -25.81
N LEU G 82 43.31 -20.75 -25.12
CA LEU G 82 44.56 -20.27 -25.71
C LEU G 82 44.84 -20.96 -27.03
N GLY G 83 44.67 -22.28 -27.07
CA GLY G 83 44.92 -23.02 -28.30
C GLY G 83 43.87 -22.77 -29.35
N TYR G 84 42.61 -22.63 -28.94
CA TYR G 84 41.54 -22.38 -29.90
C TYR G 84 41.82 -21.12 -30.73
N TYR G 85 42.33 -20.07 -30.08
CA TYR G 85 42.55 -18.80 -30.74
C TYR G 85 44.02 -18.58 -31.12
N ASN G 86 44.81 -19.65 -31.13
CA ASN G 86 46.23 -19.56 -31.49
C ASN G 86 46.89 -18.37 -30.80
N GLN G 87 46.61 -18.19 -29.50
CA GLN G 87 47.23 -17.14 -28.72
C GLN G 87 48.51 -17.67 -28.09
N SER G 88 49.54 -16.84 -28.10
CA SER G 88 50.83 -17.22 -27.53
C SER G 88 51.03 -16.52 -26.19
N ALA G 89 51.95 -17.06 -25.40
CA ALA G 89 52.24 -16.55 -24.07
C ALA G 89 52.51 -15.05 -24.09
N GLY G 90 52.33 -14.40 -22.95
CA GLY G 90 52.63 -12.99 -22.81
C GLY G 90 51.43 -12.07 -22.81
N GLY G 91 50.21 -12.59 -22.75
CA GLY G 91 49.01 -11.78 -22.75
C GLY G 91 48.18 -11.99 -21.50
N SER G 92 47.24 -11.07 -21.29
CA SER G 92 46.22 -11.21 -20.27
C SER G 92 44.94 -11.71 -20.90
N HIS G 93 44.25 -12.61 -20.20
CA HIS G 93 43.06 -13.25 -20.73
C HIS G 93 42.01 -13.34 -19.64
N THR G 94 40.74 -13.31 -20.06
CA THR G 94 39.61 -13.34 -19.14
C THR G 94 38.58 -14.34 -19.63
N LEU G 95 37.99 -15.07 -18.70
CA LEU G 95 36.88 -15.98 -18.99
C LEU G 95 35.77 -15.67 -18.01
N GLN G 96 34.58 -15.37 -18.53
CA GLN G 96 33.47 -14.90 -17.72
C GLN G 96 32.25 -15.78 -17.94
N GLN G 97 31.41 -15.85 -16.91
CA GLN G 97 30.20 -16.66 -16.96
C GLN G 97 29.09 -15.96 -16.18
N MET G 98 27.88 -16.03 -16.72
CA MET G 98 26.69 -15.52 -16.05
C MET G 98 25.63 -16.63 -16.03
N SER G 99 25.11 -16.92 -14.84
CA SER G 99 24.11 -17.97 -14.67
C SER G 99 23.07 -17.49 -13.68
N GLY G 100 21.86 -18.00 -13.83
CA GLY G 100 20.80 -17.66 -12.92
C GLY G 100 19.43 -17.86 -13.56
N CYS G 101 18.41 -17.43 -12.82
CA CYS G 101 17.03 -17.63 -13.22
C CYS G 101 16.23 -16.36 -12.93
N ASP G 102 15.19 -16.13 -13.72
CA ASP G 102 14.25 -15.03 -13.51
C ASP G 102 12.90 -15.60 -13.09
N LEU G 103 12.33 -15.06 -12.02
CA LEU G 103 11.01 -15.45 -11.56
C LEU G 103 10.01 -14.34 -11.85
N GLY G 104 8.77 -14.75 -12.12
CA GLY G 104 7.67 -13.81 -12.23
C GLY G 104 7.14 -13.44 -10.86
N SER G 105 6.17 -12.53 -10.86
CA SER G 105 5.54 -12.13 -9.61
C SER G 105 4.84 -13.29 -8.92
N ASP G 106 4.55 -14.36 -9.66
CA ASP G 106 3.99 -15.58 -9.09
C ASP G 106 5.04 -16.55 -8.60
N TRP G 107 6.31 -16.16 -8.63
CA TRP G 107 7.45 -16.97 -8.21
C TRP G 107 7.70 -18.16 -9.12
N ARG G 108 7.09 -18.20 -10.31
CA ARG G 108 7.39 -19.23 -11.29
C ARG G 108 8.56 -18.80 -12.16
N LEU G 109 9.22 -19.80 -12.75
CA LEU G 109 10.38 -19.53 -13.60
C LEU G 109 9.94 -18.87 -14.90
N LEU G 110 10.42 -17.65 -15.13
CA LEU G 110 10.22 -16.98 -16.41
C LEU G 110 11.30 -17.34 -17.43
N ARG G 111 12.54 -17.50 -16.98
CA ARG G 111 13.65 -17.63 -17.90
C ARG G 111 14.95 -18.01 -17.21
N GLY G 112 15.63 -19.04 -17.72
CA GLY G 112 16.95 -19.38 -17.24
C GLY G 112 18.05 -18.72 -18.06
N TYR G 113 19.25 -18.65 -17.47
CA TYR G 113 20.37 -17.97 -18.09
C TYR G 113 21.65 -18.75 -17.89
N LEU G 114 22.45 -18.84 -18.96
CA LEU G 114 23.78 -19.41 -18.87
C LEU G 114 24.58 -18.87 -20.05
N GLN G 115 25.56 -18.01 -19.79
CA GLN G 115 26.32 -17.33 -20.81
C GLN G 115 27.79 -17.34 -20.47
N PHE G 116 28.64 -17.39 -21.49
CA PHE G 116 30.08 -17.34 -21.34
C PHE G 116 30.65 -16.28 -22.27
N ALA G 117 31.71 -15.62 -21.81
CA ALA G 117 32.45 -14.67 -22.64
C ALA G 117 33.94 -14.92 -22.47
N TYR G 118 34.68 -14.76 -23.56
CA TYR G 118 36.13 -14.84 -23.55
C TYR G 118 36.70 -13.52 -24.03
N GLU G 119 37.64 -12.98 -23.27
CA GLU G 119 38.22 -11.67 -23.58
C GLU G 119 37.15 -10.57 -23.55
N GLY G 120 36.11 -10.75 -22.74
CA GLY G 120 35.03 -9.79 -22.69
C GLY G 120 34.07 -9.86 -23.85
N ARG G 121 34.12 -10.91 -24.67
CA ARG G 121 33.29 -11.05 -25.85
C ARG G 121 32.48 -12.32 -25.77
N ASP G 122 31.23 -12.24 -26.23
CA ASP G 122 30.36 -13.41 -26.25
C ASP G 122 31.08 -14.59 -26.89
N TYR G 123 31.13 -15.70 -26.15
CA TYR G 123 31.77 -16.92 -26.64
C TYR G 123 30.73 -18.00 -26.96
N ILE G 124 29.92 -18.40 -25.97
CA ILE G 124 28.83 -19.34 -26.21
C ILE G 124 27.80 -19.09 -25.12
N ALA G 125 26.54 -19.37 -25.44
CA ALA G 125 25.45 -19.14 -24.50
C ALA G 125 24.36 -20.17 -24.71
N LEU G 126 23.65 -20.50 -23.63
CA LEU G 126 22.53 -21.41 -23.68
C LEU G 126 21.28 -20.66 -24.13
N ASN G 127 20.63 -21.17 -25.18
CA ASN G 127 19.45 -20.50 -25.72
C ASN G 127 18.28 -20.62 -24.74
N GLU G 128 17.28 -19.75 -24.95
CA GLU G 128 16.19 -19.64 -24.00
C GLU G 128 15.45 -20.96 -23.81
N ASP G 129 15.40 -21.81 -24.83
CA ASP G 129 14.77 -23.11 -24.69
C ASP G 129 15.51 -24.03 -23.72
N LEU G 130 16.75 -23.69 -23.37
CA LEU G 130 17.54 -24.43 -22.38
C LEU G 130 17.96 -25.82 -22.89
N LYS G 131 18.09 -25.99 -24.21
CA LYS G 131 18.66 -27.22 -24.74
C LYS G 131 19.61 -27.03 -25.92
N THR G 132 19.53 -25.92 -26.65
CA THR G 132 20.41 -25.67 -27.79
C THR G 132 21.33 -24.49 -27.48
N TRP G 133 22.46 -24.47 -28.18
CA TRP G 133 23.53 -23.51 -27.91
C TRP G 133 23.68 -22.53 -29.05
N THR G 134 24.10 -21.31 -28.71
CA THR G 134 24.43 -20.27 -29.67
C THR G 134 25.90 -19.91 -29.52
N ALA G 135 26.64 -19.97 -30.61
CA ALA G 135 28.06 -19.64 -30.61
C ALA G 135 28.43 -19.05 -31.96
N ALA G 136 28.96 -17.83 -31.96
CA ALA G 136 29.26 -17.12 -33.20
C ALA G 136 30.66 -17.44 -33.72
N ASP G 137 31.67 -17.38 -32.85
CA ASP G 137 33.04 -17.52 -33.30
C ASP G 137 33.29 -18.87 -33.94
N MET G 138 34.15 -18.89 -34.97
CA MET G 138 34.60 -20.16 -35.53
C MET G 138 35.30 -21.00 -34.46
N ALA G 139 36.16 -20.36 -33.67
CA ALA G 139 36.85 -21.09 -32.61
C ALA G 139 35.88 -21.67 -31.60
N ALA G 140 34.73 -21.01 -31.39
CA ALA G 140 33.76 -21.47 -30.41
C ALA G 140 32.92 -22.65 -30.90
N GLN G 141 32.96 -22.96 -32.20
CA GLN G 141 32.23 -24.12 -32.70
C GLN G 141 32.77 -25.41 -32.10
N ILE G 142 34.07 -25.45 -31.81
CA ILE G 142 34.65 -26.62 -31.15
C ILE G 142 33.92 -26.90 -29.84
N THR G 143 33.77 -25.87 -29.01
CA THR G 143 33.05 -26.04 -27.74
C THR G 143 31.61 -26.45 -27.98
N ARG G 144 30.93 -25.82 -28.93
CA ARG G 144 29.52 -26.12 -29.15
C ARG G 144 29.32 -27.58 -29.51
N ARG G 145 30.14 -28.10 -30.43
CA ARG G 145 30.01 -29.51 -30.81
C ARG G 145 30.33 -30.44 -29.63
N LYS G 146 31.32 -30.09 -28.82
CA LYS G 146 31.57 -30.84 -27.60
C LYS G 146 30.33 -30.89 -26.71
N TRP G 147 29.79 -29.72 -26.39
CA TRP G 147 28.67 -29.65 -25.45
C TRP G 147 27.39 -30.22 -26.04
N GLU G 148 27.20 -30.09 -27.35
CA GLU G 148 26.02 -30.68 -27.99
C GLU G 148 26.04 -32.19 -27.86
N GLN G 149 27.19 -32.82 -28.05
CA GLN G 149 27.28 -34.27 -28.06
C GLN G 149 27.34 -34.88 -26.67
N SER G 150 27.54 -34.07 -25.62
CA SER G 150 27.69 -34.58 -24.27
C SER G 150 26.47 -34.33 -23.40
N GLY G 151 25.43 -33.67 -23.91
CA GLY G 151 24.26 -33.40 -23.11
C GLY G 151 24.48 -32.40 -21.99
N ALA G 152 25.44 -31.48 -22.17
CA ALA G 152 25.68 -30.47 -21.15
C ALA G 152 24.45 -29.62 -20.91
N ALA G 153 23.64 -29.38 -21.94
CA ALA G 153 22.48 -28.51 -21.79
C ALA G 153 21.47 -29.09 -20.80
N GLU G 154 21.30 -30.42 -20.82
CA GLU G 154 20.37 -31.05 -19.88
C GLU G 154 20.77 -30.80 -18.44
N HIS G 155 22.07 -30.85 -18.16
CA HIS G 155 22.55 -30.65 -16.79
C HIS G 155 22.28 -29.22 -16.32
N TYR G 156 22.63 -28.23 -17.14
CA TYR G 156 22.34 -26.84 -16.80
C TYR G 156 20.83 -26.61 -16.73
N LYS G 157 20.08 -27.20 -17.64
CA LYS G 157 18.63 -27.05 -17.64
C LYS G 157 18.05 -27.49 -16.30
N ALA G 158 18.54 -28.59 -15.74
CA ALA G 158 18.01 -29.07 -14.47
C ALA G 158 18.38 -28.13 -13.32
N TYR G 159 19.57 -27.53 -13.37
CA TYR G 159 19.94 -26.57 -12.34
C TYR G 159 19.05 -25.34 -12.37
N LEU G 160 18.88 -24.75 -13.56
CA LEU G 160 18.11 -23.53 -13.68
C LEU G 160 16.65 -23.75 -13.32
N GLU G 161 16.05 -24.83 -13.83
CA GLU G 161 14.65 -25.11 -13.57
C GLU G 161 14.39 -25.66 -12.17
N GLY G 162 15.40 -26.26 -11.55
CA GLY G 162 15.27 -26.88 -10.24
C GLY G 162 15.84 -25.99 -9.18
N GLU G 163 17.12 -26.16 -8.85
CA GLU G 163 17.68 -25.61 -7.63
C GLU G 163 17.82 -24.08 -7.68
N CYS G 164 18.09 -23.51 -8.85
CA CYS G 164 18.09 -22.06 -8.97
C CYS G 164 16.76 -21.48 -8.50
N VAL G 165 15.65 -22.08 -8.95
CA VAL G 165 14.32 -21.65 -8.53
C VAL G 165 14.09 -22.00 -7.06
N GLU G 166 14.39 -23.25 -6.69
CA GLU G 166 14.11 -23.69 -5.32
C GLU G 166 14.88 -22.85 -4.31
N TRP G 167 16.18 -22.66 -4.53
CA TRP G 167 16.99 -21.93 -3.56
C TRP G 167 16.66 -20.46 -3.53
N LEU G 168 16.25 -19.88 -4.67
CA LEU G 168 15.84 -18.49 -4.68
C LEU G 168 14.61 -18.29 -3.82
N HIS G 169 13.61 -19.17 -3.95
CA HIS G 169 12.47 -19.17 -3.05
C HIS G 169 12.94 -19.15 -1.60
N ARG G 170 13.85 -20.08 -1.26
CA ARG G 170 14.39 -20.14 0.10
C ARG G 170 15.07 -18.84 0.48
N TYR G 171 15.84 -18.25 -0.43
CA TYR G 171 16.54 -17.00 -0.12
C TYR G 171 15.55 -15.87 0.10
N LEU G 172 14.48 -15.82 -0.71
CA LEU G 172 13.51 -14.74 -0.57
C LEU G 172 12.74 -14.85 0.76
N LYS G 173 12.45 -16.07 1.19
CA LYS G 173 11.78 -16.26 2.48
C LYS G 173 12.69 -15.85 3.63
N ASN G 174 13.97 -16.23 3.56
CA ASN G 174 14.92 -15.82 4.60
C ASN G 174 15.21 -14.33 4.55
N GLY G 175 14.97 -13.68 3.41
CA GLY G 175 15.20 -12.25 3.29
C GLY G 175 14.21 -11.43 4.08
N THR G 182 12.35 -1.75 -2.33
CA THR G 182 12.25 -0.65 -3.27
C THR G 182 12.29 0.69 -2.55
N ASP G 183 13.11 1.61 -3.04
CA ASP G 183 13.18 2.98 -2.52
C ASP G 183 12.83 3.93 -3.66
N SER G 184 11.88 4.83 -3.39
CA SER G 184 11.45 5.77 -4.41
C SER G 184 12.44 6.93 -4.53
N PRO G 185 12.52 7.56 -5.70
CA PRO G 185 13.43 8.71 -5.87
C PRO G 185 12.85 9.99 -5.29
N LYS G 186 13.71 10.72 -4.57
CA LYS G 186 13.43 12.09 -4.19
C LYS G 186 14.02 13.01 -5.26
N ALA G 187 13.22 13.95 -5.75
CA ALA G 187 13.60 14.76 -6.89
C ALA G 187 13.54 16.25 -6.54
N HIS G 188 14.41 17.01 -7.21
CA HIS G 188 14.45 18.46 -7.08
C HIS G 188 15.26 19.03 -8.23
N VAL G 189 14.96 20.26 -8.61
CA VAL G 189 15.68 20.96 -9.66
C VAL G 189 16.62 21.97 -9.02
N THR G 190 17.78 22.17 -9.66
CA THR G 190 18.74 23.16 -9.20
C THR G 190 19.03 24.14 -10.33
N HIS G 191 19.49 25.32 -9.94
CA HIS G 191 19.65 26.45 -10.85
C HIS G 191 21.14 26.81 -10.96
N HIS G 192 21.62 27.00 -12.19
CA HIS G 192 23.02 27.36 -12.44
C HIS G 192 23.07 28.36 -13.61
N PRO G 193 23.13 29.67 -13.33
CA PRO G 193 23.22 30.64 -14.42
C PRO G 193 24.49 30.46 -15.24
N ARG G 194 24.31 30.41 -16.55
CA ARG G 194 25.41 30.33 -17.50
C ARG G 194 25.59 31.70 -18.17
N SER G 195 26.37 31.72 -19.25
CA SER G 195 26.65 32.94 -19.99
C SER G 195 25.86 32.94 -21.30
N LYS G 196 25.99 34.04 -22.04
CA LYS G 196 25.19 34.29 -23.23
C LYS G 196 23.74 34.57 -22.89
N GLY G 197 23.44 34.86 -21.63
CA GLY G 197 22.07 35.01 -21.20
C GLY G 197 21.32 33.70 -21.36
N GLU G 198 21.81 32.65 -20.71
CA GLU G 198 21.13 31.37 -20.70
C GLU G 198 21.52 30.63 -19.43
N VAL G 199 20.55 29.94 -18.83
CA VAL G 199 20.76 29.19 -17.61
C VAL G 199 20.52 27.71 -17.85
N THR G 200 21.14 26.89 -17.00
CA THR G 200 21.00 25.44 -17.04
C THR G 200 20.14 24.96 -15.88
N LEU G 201 19.11 24.19 -16.19
CA LEU G 201 18.27 23.54 -15.19
C LEU G 201 18.68 22.08 -15.08
N ARG G 202 18.89 21.61 -13.86
CA ARG G 202 19.33 20.23 -13.61
C ARG G 202 18.34 19.55 -12.68
N CYS G 203 17.70 18.49 -13.18
CA CYS G 203 16.75 17.71 -12.41
C CYS G 203 17.45 16.54 -11.76
N TRP G 204 17.32 16.43 -10.43
CA TRP G 204 17.98 15.38 -9.67
C TRP G 204 16.99 14.30 -9.26
N ALA G 205 17.50 13.07 -9.14
CA ALA G 205 16.76 11.97 -8.54
C ALA G 205 17.72 11.24 -7.62
N LEU G 206 17.35 11.07 -6.35
CA LEU G 206 18.26 10.55 -5.35
C LEU G 206 17.54 9.55 -4.44
N GLY G 207 18.34 8.67 -3.84
CA GLY G 207 17.83 7.73 -2.87
C GLY G 207 16.94 6.64 -3.42
N PHE G 208 16.96 6.41 -4.72
CA PHE G 208 16.07 5.42 -5.31
C PHE G 208 16.74 4.07 -5.44
N TYR G 209 15.91 3.05 -5.64
CA TYR G 209 16.37 1.67 -5.76
C TYR G 209 15.21 0.81 -6.30
N PRO G 210 15.44 -0.05 -7.30
CA PRO G 210 16.73 -0.32 -7.95
C PRO G 210 17.18 0.80 -8.88
N ALA G 211 18.26 0.54 -9.62
CA ALA G 211 18.94 1.62 -10.34
C ALA G 211 18.16 2.09 -11.56
N ASP G 212 17.35 1.22 -12.16
CA ASP G 212 16.62 1.61 -13.36
C ASP G 212 15.69 2.78 -13.07
N ILE G 213 15.85 3.86 -13.84
CA ILE G 213 15.07 5.07 -13.65
C ILE G 213 15.09 5.81 -14.98
N THR G 214 14.09 6.65 -15.20
CA THR G 214 14.04 7.47 -16.41
C THR G 214 13.73 8.91 -16.05
N LEU G 215 14.55 9.83 -16.55
CA LEU G 215 14.38 11.26 -16.34
C LEU G 215 14.10 11.90 -17.69
N THR G 216 13.05 12.71 -17.76
CA THR G 216 12.75 13.46 -18.98
C THR G 216 12.58 14.93 -18.65
N TRP G 217 12.79 15.76 -19.67
CA TRP G 217 12.51 17.18 -19.61
C TRP G 217 11.44 17.50 -20.64
N GLN G 218 10.63 18.52 -20.35
CA GLN G 218 9.59 18.92 -21.28
C GLN G 218 9.40 20.42 -21.25
N LEU G 219 9.23 21.00 -22.44
CA LEU G 219 8.83 22.38 -22.61
C LEU G 219 7.32 22.47 -22.90
N ASN G 220 6.56 21.52 -22.35
CA ASN G 220 5.13 21.40 -22.61
C ASN G 220 4.89 20.90 -24.03
N GLY G 221 5.45 21.58 -25.02
CA GLY G 221 5.33 21.16 -26.40
C GLY G 221 5.71 19.71 -26.63
N GLU G 222 6.95 19.34 -26.29
CA GLU G 222 7.46 18.01 -26.57
C GLU G 222 8.59 17.69 -25.60
N GLU G 223 8.97 16.42 -25.56
CA GLU G 223 10.13 16.00 -24.80
C GLU G 223 11.40 16.53 -25.44
N LEU G 224 12.40 16.81 -24.61
CA LEU G 224 13.67 17.38 -25.07
C LEU G 224 14.77 16.34 -24.93
N THR G 225 14.73 15.33 -25.80
CA THR G 225 15.84 14.38 -25.87
C THR G 225 17.07 15.00 -26.50
N GLN G 226 16.91 16.04 -27.32
CA GLN G 226 18.03 16.71 -27.96
C GLN G 226 18.57 17.80 -27.05
N ASP G 227 19.88 17.76 -26.81
CA ASP G 227 20.59 18.75 -26.00
C ASP G 227 20.32 18.60 -24.51
N MET G 228 19.61 17.55 -24.08
CA MET G 228 19.48 17.27 -22.66
C MET G 228 20.74 16.56 -22.18
N GLU G 229 21.41 17.15 -21.21
CA GLU G 229 22.59 16.54 -20.61
C GLU G 229 22.17 15.67 -19.45
N LEU G 230 22.72 14.45 -19.38
CA LEU G 230 22.47 13.55 -18.27
C LEU G 230 23.79 12.91 -17.85
N VAL G 231 23.71 12.04 -16.86
CA VAL G 231 24.83 11.20 -16.45
C VAL G 231 24.34 9.78 -16.28
N GLU G 232 25.23 8.83 -16.48
CA GLU G 232 24.88 7.44 -16.20
C GLU G 232 24.49 7.29 -14.74
N THR G 233 23.51 6.43 -14.48
CA THR G 233 23.11 6.15 -13.12
C THR G 233 24.30 5.70 -12.30
N ARG G 234 24.44 6.24 -11.10
CA ARG G 234 25.61 6.00 -10.27
C ARG G 234 25.21 5.66 -8.85
N PRO G 235 25.96 4.79 -8.17
CA PRO G 235 25.62 4.43 -6.79
C PRO G 235 26.04 5.51 -5.80
N ALA G 236 25.13 5.90 -4.93
CA ALA G 236 25.48 6.77 -3.81
C ALA G 236 26.48 6.10 -2.87
N GLY G 237 26.50 4.77 -2.84
CA GLY G 237 27.37 4.02 -1.96
C GLY G 237 26.68 3.43 -0.75
N ASP G 238 25.39 3.69 -0.57
CA ASP G 238 24.64 3.19 0.58
C ASP G 238 23.47 2.31 0.13
N GLY G 239 23.59 1.68 -1.03
CA GLY G 239 22.54 0.83 -1.56
C GLY G 239 21.53 1.55 -2.43
N THR G 240 21.57 2.87 -2.51
CA THR G 240 20.69 3.65 -3.36
C THR G 240 21.51 4.27 -4.49
N PHE G 241 20.81 4.93 -5.41
CA PHE G 241 21.42 5.40 -6.64
C PHE G 241 21.08 6.88 -6.86
N GLN G 242 21.81 7.48 -7.80
CA GLN G 242 21.66 8.87 -8.16
C GLN G 242 21.59 9.00 -9.68
N LYS G 243 21.00 10.10 -10.12
CA LYS G 243 20.99 10.43 -11.54
C LYS G 243 20.47 11.84 -11.70
N TRP G 244 21.01 12.59 -12.66
CA TRP G 244 20.46 13.90 -12.98
C TRP G 244 20.43 14.09 -14.48
N ALA G 245 19.51 14.96 -14.90
CA ALA G 245 19.30 15.31 -16.29
C ALA G 245 19.11 16.81 -16.36
N SER G 246 19.86 17.48 -17.23
CA SER G 246 19.88 18.94 -17.26
C SER G 246 19.66 19.45 -18.68
N VAL G 247 19.24 20.71 -18.76
CA VAL G 247 18.89 21.36 -20.01
C VAL G 247 19.25 22.83 -19.91
N VAL G 248 19.47 23.47 -21.05
CA VAL G 248 19.77 24.90 -21.11
C VAL G 248 18.49 25.65 -21.43
N VAL G 249 18.27 26.76 -20.72
CA VAL G 249 16.98 27.46 -20.75
C VAL G 249 17.19 28.97 -20.71
N PRO G 250 16.41 29.76 -21.45
CA PRO G 250 16.51 31.22 -21.33
C PRO G 250 16.07 31.70 -19.95
N LEU G 251 16.57 32.86 -19.57
CA LEU G 251 16.31 33.36 -18.23
C LEU G 251 14.92 33.97 -18.15
N GLY G 252 14.38 34.03 -16.93
CA GLY G 252 13.03 34.48 -16.71
C GLY G 252 11.95 33.52 -17.19
N LYS G 253 12.33 32.44 -17.87
CA LYS G 253 11.39 31.41 -18.31
C LYS G 253 11.64 30.09 -17.60
N GLU G 254 12.05 30.15 -16.33
CA GLU G 254 12.47 28.95 -15.62
C GLU G 254 11.30 28.00 -15.40
N GLN G 255 10.08 28.51 -15.24
CA GLN G 255 8.92 27.68 -14.93
C GLN G 255 8.23 27.17 -16.19
N ASN G 256 8.78 27.44 -17.38
CA ASN G 256 8.26 26.86 -18.61
C ASN G 256 8.69 25.41 -18.82
N TYR G 257 9.51 24.86 -17.92
CA TYR G 257 10.13 23.56 -18.11
C TYR G 257 9.76 22.62 -16.98
N THR G 258 9.37 21.40 -17.34
CA THR G 258 8.95 20.39 -16.39
C THR G 258 9.84 19.16 -16.51
N CYS G 259 10.25 18.64 -15.36
CA CYS G 259 10.99 17.38 -15.28
C CYS G 259 10.07 16.29 -14.78
N ARG G 260 10.14 15.12 -15.41
CA ARG G 260 9.38 13.96 -14.97
C ARG G 260 10.33 12.85 -14.59
N VAL G 261 9.87 11.99 -13.67
CA VAL G 261 10.68 10.90 -13.14
C VAL G 261 9.83 9.65 -13.11
N TYR G 262 10.36 8.57 -13.66
CA TYR G 262 9.69 7.29 -13.74
C TYR G 262 10.52 6.25 -12.99
N HIS G 263 9.90 5.56 -12.04
CA HIS G 263 10.61 4.58 -11.24
C HIS G 263 9.60 3.57 -10.71
N GLU G 264 10.01 2.30 -10.69
CA GLU G 264 9.09 1.22 -10.35
C GLU G 264 8.59 1.31 -8.92
N GLY G 265 9.21 2.12 -8.08
CA GLY G 265 8.76 2.31 -6.71
C GLY G 265 7.79 3.46 -6.52
N LEU G 266 7.63 4.31 -7.52
CA LEU G 266 6.72 5.44 -7.42
C LEU G 266 5.28 4.99 -7.68
N PRO G 267 4.31 5.49 -6.91
CA PRO G 267 2.91 5.23 -7.27
C PRO G 267 2.54 5.76 -8.63
N GLU G 268 3.12 6.88 -9.03
CA GLU G 268 2.92 7.47 -10.34
C GLU G 268 4.11 8.37 -10.64
N PRO G 269 4.39 8.66 -11.91
CA PRO G 269 5.55 9.49 -12.23
C PRO G 269 5.51 10.82 -11.50
N LEU G 270 6.71 11.32 -11.15
CA LEU G 270 6.83 12.65 -10.58
C LEU G 270 6.81 13.70 -11.67
N THR G 271 6.33 14.88 -11.31
CA THR G 271 6.45 16.07 -12.15
C THR G 271 6.87 17.23 -11.28
N LEU G 272 7.85 17.99 -11.74
CA LEU G 272 8.36 19.11 -10.96
C LEU G 272 9.15 20.03 -11.87
N ARG G 273 9.24 21.29 -11.46
CA ARG G 273 9.99 22.31 -12.17
C ARG G 273 10.84 23.06 -11.15
N TRP G 274 11.56 24.08 -11.61
CA TRP G 274 12.36 24.87 -10.69
C TRP G 274 11.45 25.66 -9.76
N GLU G 275 11.74 25.62 -8.46
CA GLU G 275 10.88 26.22 -7.46
C GLU G 275 11.47 27.55 -7.02
N PRO G 276 10.81 28.69 -7.30
CA PRO G 276 11.25 29.97 -6.74
C PRO G 276 11.20 30.00 -5.22
N GLY H 1 40.21 -9.44 -27.80
CA GLY H 1 40.68 -8.91 -26.49
C GLY H 1 40.69 -7.41 -26.50
N ILE H 2 39.64 -6.83 -27.06
CA ILE H 2 39.60 -5.39 -27.26
C ILE H 2 39.60 -4.69 -25.92
N GLN H 3 40.37 -3.62 -25.82
CA GLN H 3 40.36 -2.78 -24.65
C GLN H 3 39.11 -1.92 -24.64
N LYS H 4 38.55 -1.72 -23.46
CA LYS H 4 37.42 -0.82 -23.25
C LYS H 4 37.86 0.23 -22.23
N THR H 5 37.81 1.49 -22.64
CA THR H 5 38.35 2.56 -21.80
C THR H 5 37.39 2.86 -20.66
N PRO H 6 37.88 2.99 -19.42
CA PRO H 6 36.97 3.25 -18.29
C PRO H 6 36.28 4.60 -18.41
N GLN H 7 35.02 4.63 -18.00
CA GLN H 7 34.27 5.87 -17.82
C GLN H 7 34.26 6.22 -16.34
N ILE H 8 34.46 7.50 -16.03
CA ILE H 8 34.72 7.95 -14.66
C ILE H 8 33.73 9.03 -14.27
N GLN H 9 33.20 8.89 -13.05
CA GLN H 9 32.43 9.95 -12.40
C GLN H 9 32.97 10.18 -11.00
N VAL H 10 33.06 11.45 -10.61
CA VAL H 10 33.48 11.86 -9.28
C VAL H 10 32.35 12.71 -8.70
N TYR H 11 31.81 12.28 -7.56
CA TYR H 11 30.64 12.90 -6.99
C TYR H 11 30.55 12.52 -5.53
N SER H 12 29.83 13.34 -4.75
CA SER H 12 29.67 13.10 -3.33
C SER H 12 28.41 12.26 -3.08
N ARG H 13 28.40 11.57 -1.95
CA ARG H 13 27.24 10.75 -1.58
C ARG H 13 26.04 11.62 -1.23
N HIS H 14 26.24 12.67 -0.44
CA HIS H 14 25.21 13.60 -0.06
C HIS H 14 25.43 14.95 -0.73
N PRO H 15 24.42 15.79 -0.83
CA PRO H 15 24.64 17.15 -1.32
C PRO H 15 25.72 17.83 -0.50
N PRO H 16 26.77 18.34 -1.13
CA PRO H 16 27.89 18.86 -0.36
C PRO H 16 27.54 20.17 0.33
N GLU H 17 28.10 20.33 1.52
CA GLU H 17 27.97 21.57 2.28
C GLU H 17 29.32 21.85 2.91
N ASN H 18 29.94 22.96 2.53
CA ASN H 18 31.26 23.29 3.02
C ASN H 18 31.30 23.19 4.54
N GLY H 19 32.32 22.51 5.05
CA GLY H 19 32.47 22.29 6.47
C GLY H 19 31.75 21.07 7.00
N LYS H 20 30.91 20.42 6.18
CA LYS H 20 30.12 19.28 6.65
C LYS H 20 30.75 17.99 6.16
N PRO H 21 31.02 17.01 7.03
CA PRO H 21 31.63 15.76 6.56
C PRO H 21 30.74 15.03 5.56
N ASN H 22 31.38 14.30 4.65
CA ASN H 22 30.69 13.71 3.51
C ASN H 22 31.51 12.53 3.01
N ILE H 23 31.08 11.93 1.89
CA ILE H 23 31.79 10.83 1.25
C ILE H 23 31.96 11.18 -0.23
N LEU H 24 33.19 11.09 -0.72
CA LEU H 24 33.49 11.35 -2.13
C LEU H 24 33.67 10.01 -2.85
N ASN H 25 32.96 9.86 -3.96
CA ASN H 25 32.96 8.62 -4.73
C ASN H 25 33.72 8.81 -6.05
N CYS H 26 34.38 7.75 -6.49
CA CYS H 26 34.94 7.66 -7.84
C CYS H 26 34.37 6.41 -8.49
N TYR H 27 33.42 6.59 -9.38
CA TYR H 27 32.72 5.49 -10.05
C TYR H 27 33.36 5.24 -11.41
N VAL H 28 33.91 4.05 -11.59
CA VAL H 28 34.69 3.71 -12.77
C VAL H 28 34.05 2.47 -13.41
N THR H 29 33.63 2.60 -14.67
CA THR H 29 32.80 1.59 -15.31
C THR H 29 33.30 1.33 -16.73
N GLN H 30 32.82 0.22 -17.30
CA GLN H 30 32.89 -0.04 -18.74
C GLN H 30 34.33 -0.25 -19.21
N PHE H 31 35.17 -0.88 -18.41
CA PHE H 31 36.56 -1.07 -18.81
C PHE H 31 36.91 -2.54 -18.93
N HIS H 32 37.91 -2.82 -19.78
CA HIS H 32 38.45 -4.15 -19.99
C HIS H 32 39.90 -3.99 -20.41
N PRO H 33 40.84 -4.81 -19.88
CA PRO H 33 40.65 -5.87 -18.89
C PRO H 33 40.40 -5.33 -17.49
N PRO H 34 40.07 -6.23 -16.54
CA PRO H 34 39.64 -5.75 -15.22
C PRO H 34 40.75 -5.18 -14.36
N HIS H 35 42.03 -5.44 -14.66
CA HIS H 35 43.07 -4.83 -13.87
C HIS H 35 43.05 -3.31 -14.06
N ILE H 36 43.17 -2.58 -12.96
CA ILE H 36 43.06 -1.13 -12.97
C ILE H 36 43.63 -0.58 -11.68
N GLU H 37 44.06 0.67 -11.71
CA GLU H 37 44.62 1.35 -10.54
C GLU H 37 43.96 2.70 -10.37
N ILE H 38 43.46 2.96 -9.16
CA ILE H 38 42.68 4.17 -8.88
C ILE H 38 43.27 4.85 -7.65
N GLN H 39 43.55 6.15 -7.77
CA GLN H 39 43.93 6.99 -6.65
C GLN H 39 42.93 8.14 -6.53
N MET H 40 42.63 8.54 -5.31
CA MET H 40 41.87 9.75 -5.04
C MET H 40 42.80 10.79 -4.44
N LEU H 41 42.71 12.02 -4.94
CA LEU H 41 43.66 13.07 -4.59
C LEU H 41 42.94 14.24 -3.93
N LYS H 42 43.63 14.87 -2.98
CA LYS H 42 43.19 16.09 -2.34
C LYS H 42 44.27 17.14 -2.58
N ASN H 43 43.95 18.19 -3.33
CA ASN H 43 44.92 19.20 -3.72
C ASN H 43 46.12 18.55 -4.39
N GLY H 44 45.83 17.62 -5.31
CA GLY H 44 46.86 16.95 -6.08
C GLY H 44 47.70 15.97 -5.30
N LYS H 45 47.26 15.56 -4.11
CA LYS H 45 48.03 14.68 -3.25
C LYS H 45 47.18 13.50 -2.81
N LYS H 46 47.82 12.33 -2.75
CA LYS H 46 47.10 11.07 -2.57
C LYS H 46 46.45 10.98 -1.20
N ILE H 47 45.18 10.62 -1.19
CA ILE H 47 44.46 10.36 0.05
C ILE H 47 44.75 8.92 0.48
N PRO H 48 45.21 8.69 1.72
CA PRO H 48 45.78 7.37 2.05
C PRO H 48 44.76 6.23 2.17
N LYS H 49 43.69 6.41 2.94
CA LYS H 49 42.82 5.29 3.33
C LYS H 49 41.61 5.19 2.39
N VAL H 50 41.90 5.05 1.11
CA VAL H 50 40.85 4.98 0.09
C VAL H 50 40.31 3.56 0.03
N GLU H 51 38.99 3.44 0.05
CA GLU H 51 38.32 2.14 0.04
C GLU H 51 37.82 1.80 -1.36
N MET H 52 37.98 0.54 -1.73
CA MET H 52 37.58 0.03 -3.02
C MET H 52 36.56 -1.08 -2.85
N SER H 53 35.53 -1.06 -3.68
CA SER H 53 34.69 -2.24 -3.81
C SER H 53 35.50 -3.37 -4.46
N ASP H 54 35.02 -4.59 -4.27
CA ASP H 54 35.65 -5.73 -4.93
C ASP H 54 35.29 -5.76 -6.40
N MET H 55 36.10 -6.46 -7.18
N MET H 55 36.09 -6.45 -7.19
CA MET H 55 35.88 -6.59 -8.62
CA MET H 55 35.90 -6.41 -8.64
C MET H 55 34.44 -7.01 -8.90
C MET H 55 34.58 -7.06 -9.03
N SER H 56 33.82 -6.37 -9.89
CA SER H 56 32.51 -6.78 -10.35
C SER H 56 32.39 -6.41 -11.82
N PHE H 57 31.50 -7.10 -12.53
CA PHE H 57 31.29 -6.82 -13.95
C PHE H 57 29.81 -6.79 -14.28
N SER H 58 29.50 -6.12 -15.39
CA SER H 58 28.14 -5.79 -15.75
C SER H 58 27.58 -6.81 -16.75
N LYS H 59 26.29 -6.62 -17.07
CA LYS H 59 25.62 -7.53 -18.00
C LYS H 59 26.30 -7.57 -19.36
N ASP H 60 26.89 -6.45 -19.79
CA ASP H 60 27.57 -6.40 -21.08
C ASP H 60 29.03 -6.87 -20.98
N TRP H 61 29.38 -7.55 -19.90
CA TRP H 61 30.68 -8.15 -19.62
C TRP H 61 31.72 -7.14 -19.17
N SER H 62 31.45 -5.84 -19.25
CA SER H 62 32.42 -4.84 -18.85
C SER H 62 32.47 -4.70 -17.33
N PHE H 63 33.65 -4.36 -16.83
CA PHE H 63 33.89 -4.32 -15.39
C PHE H 63 33.65 -2.93 -14.83
N TYR H 64 33.32 -2.89 -13.54
CA TYR H 64 33.14 -1.63 -12.83
C TYR H 64 33.64 -1.76 -11.40
N ILE H 65 33.95 -0.62 -10.80
CA ILE H 65 34.51 -0.58 -9.47
C ILE H 65 34.17 0.78 -8.86
N LEU H 66 33.86 0.78 -7.57
CA LEU H 66 33.54 2.00 -6.85
C LEU H 66 34.60 2.27 -5.80
N ALA H 67 35.24 3.43 -5.90
CA ALA H 67 36.22 3.88 -4.92
C ALA H 67 35.65 5.09 -4.20
N HIS H 68 35.93 5.20 -2.90
CA HIS H 68 35.38 6.30 -2.12
C HIS H 68 36.21 6.52 -0.87
N THR H 69 36.04 7.71 -0.29
CA THR H 69 36.74 8.09 0.92
C THR H 69 35.95 9.18 1.64
N GLU H 70 36.30 9.40 2.90
CA GLU H 70 35.69 10.46 3.69
C GLU H 70 36.32 11.79 3.28
N PHE H 71 35.51 12.85 3.25
CA PHE H 71 36.04 14.17 2.96
C PHE H 71 35.09 15.24 3.45
N THR H 72 35.66 16.42 3.72
CA THR H 72 34.93 17.58 4.21
C THR H 72 35.13 18.71 3.22
N PRO H 73 34.19 18.95 2.30
CA PRO H 73 34.44 19.94 1.25
C PRO H 73 34.62 21.34 1.82
N THR H 74 35.35 22.16 1.09
CA THR H 74 35.54 23.57 1.39
C THR H 74 35.47 24.34 0.08
N GLU H 75 35.63 25.67 0.19
CA GLU H 75 35.63 26.51 -1.01
C GLU H 75 36.82 26.19 -1.91
N THR H 76 37.97 25.86 -1.32
CA THR H 76 39.23 25.88 -2.07
C THR H 76 39.96 24.54 -2.21
N ASP H 77 39.59 23.51 -1.47
CA ASP H 77 40.25 22.22 -1.62
C ASP H 77 39.76 21.53 -2.89
N THR H 78 40.70 21.13 -3.74
CA THR H 78 40.35 20.41 -4.95
C THR H 78 40.39 18.91 -4.69
N TYR H 79 39.48 18.19 -5.34
CA TYR H 79 39.42 16.74 -5.25
C TYR H 79 39.34 16.16 -6.66
N ALA H 80 39.98 15.02 -6.85
CA ALA H 80 40.01 14.38 -8.15
C ALA H 80 40.24 12.88 -7.97
N CYS H 81 40.03 12.14 -9.05
CA CYS H 81 40.27 10.71 -9.10
C CYS H 81 41.22 10.42 -10.25
N ARG H 82 42.27 9.65 -9.97
CA ARG H 82 43.32 9.34 -10.92
C ARG H 82 43.25 7.86 -11.25
N VAL H 83 43.06 7.54 -12.52
CA VAL H 83 42.82 6.17 -12.97
C VAL H 83 43.85 5.79 -14.02
N LYS H 84 44.54 4.68 -13.77
CA LYS H 84 45.49 4.09 -14.71
CA LYS H 84 45.48 4.09 -14.73
C LYS H 84 44.92 2.77 -15.20
N HIS H 85 44.80 2.63 -16.53
CA HIS H 85 44.30 1.42 -17.15
C HIS H 85 45.04 1.19 -18.46
N ASP H 86 45.17 -0.09 -18.85
CA ASP H 86 45.94 -0.45 -20.03
C ASP H 86 45.38 0.19 -21.30
N SER H 87 44.09 0.53 -21.33
CA SER H 87 43.49 1.16 -22.49
C SER H 87 43.93 2.60 -22.68
N MET H 88 44.72 3.14 -21.76
CA MET H 88 45.17 4.53 -21.82
C MET H 88 46.68 4.57 -21.68
N ALA H 89 47.32 5.37 -22.53
CA ALA H 89 48.78 5.48 -22.47
C ALA H 89 49.21 6.16 -21.17
N GLU H 90 48.46 7.15 -20.71
CA GLU H 90 48.78 7.90 -19.51
C GLU H 90 47.61 7.85 -18.54
N PRO H 91 47.86 8.05 -17.24
CA PRO H 91 46.74 8.05 -16.28
C PRO H 91 45.79 9.22 -16.53
N LYS H 92 44.54 9.03 -16.13
CA LYS H 92 43.46 9.99 -16.37
C LYS H 92 43.00 10.58 -15.05
N THR H 93 43.05 11.90 -14.94
CA THR H 93 42.66 12.60 -13.72
C THR H 93 41.36 13.36 -13.98
N VAL H 94 40.36 13.13 -13.13
CA VAL H 94 39.05 13.74 -13.26
C VAL H 94 38.75 14.48 -11.96
N TYR H 95 38.36 15.74 -12.07
CA TYR H 95 38.13 16.59 -10.90
C TYR H 95 36.68 16.54 -10.46
N TRP H 96 36.49 16.68 -9.14
CA TRP H 96 35.15 16.76 -8.58
C TRP H 96 34.51 18.10 -8.91
N ASP H 97 33.32 18.04 -9.51
CA ASP H 97 32.49 19.23 -9.74
C ASP H 97 31.31 19.14 -8.77
N ARG H 98 31.31 20.00 -7.76
CA ARG H 98 30.32 19.92 -6.70
C ARG H 98 28.90 20.11 -7.20
N ASP H 99 28.70 20.56 -8.44
CA ASP H 99 27.38 20.79 -8.99
C ASP H 99 26.88 19.62 -9.85
N MET H 100 27.64 18.55 -9.97
CA MET H 100 27.28 17.45 -10.86
C MET H 100 27.38 16.10 -10.17
N PHE I 1 -9.12 5.71 -24.51
CA PHE I 1 -9.05 6.57 -25.71
C PHE I 1 -8.83 5.70 -26.95
N ALA I 2 -9.90 5.48 -27.69
CA ALA I 2 -9.85 4.56 -28.81
C ALA I 2 -9.10 5.16 -29.99
N PRO I 3 -8.49 4.32 -30.82
CA PRO I 3 -7.75 4.84 -31.98
C PRO I 3 -8.65 5.11 -33.17
N GLY I 4 -8.15 5.96 -34.06
CA GLY I 4 -8.74 6.15 -35.36
C GLY I 4 -7.80 5.61 -36.42
N ASN I 5 -8.26 4.62 -37.18
CA ASN I 5 -7.39 3.96 -38.14
C ASN I 5 -6.99 4.93 -39.26
N TYR I 6 -5.85 4.64 -39.87
CA TYR I 6 -5.30 5.54 -40.87
C TYR I 6 -6.19 5.55 -42.11
N PRO I 7 -6.77 6.69 -42.49
CA PRO I 7 -7.63 6.74 -43.69
C PRO I 7 -6.89 6.34 -44.95
N PHE J 1 22.65 -20.33 -4.34
CA PHE J 1 23.14 -21.71 -4.62
C PHE J 1 23.90 -21.73 -5.94
N ALA J 2 25.22 -21.84 -5.86
CA ALA J 2 26.07 -21.59 -7.01
C ALA J 2 25.97 -22.73 -8.03
N PRO J 3 26.11 -22.42 -9.32
CA PRO J 3 26.10 -23.47 -10.33
C PRO J 3 27.35 -24.33 -10.27
N GLY J 4 27.17 -25.61 -10.59
CA GLY J 4 28.29 -26.50 -10.81
C GLY J 4 28.38 -26.81 -12.29
N ASN J 5 29.40 -26.29 -12.97
CA ASN J 5 29.50 -26.48 -14.41
C ASN J 5 29.55 -27.96 -14.75
N TYR J 6 29.22 -28.27 -15.99
CA TYR J 6 29.02 -29.64 -16.40
C TYR J 6 30.36 -30.34 -16.59
N PRO J 7 30.66 -31.41 -15.83
CA PRO J 7 31.89 -32.17 -16.10
C PRO J 7 31.96 -32.63 -17.56
N PHE K 1 -25.14 -6.43 12.87
CA PHE K 1 -25.76 -7.38 13.84
C PHE K 1 -26.44 -6.58 14.96
N ALA K 2 -27.75 -6.38 14.81
CA ALA K 2 -28.46 -5.46 15.69
C ALA K 2 -28.52 -5.99 17.12
N PRO K 3 -28.66 -5.10 18.10
CA PRO K 3 -28.81 -5.54 19.49
C PRO K 3 -30.26 -5.89 19.85
N GLY K 4 -30.38 -6.64 20.94
CA GLY K 4 -31.67 -6.89 21.55
C GLY K 4 -31.71 -6.34 22.96
N ASN K 5 -32.60 -5.38 23.20
CA ASN K 5 -32.62 -4.71 24.50
C ASN K 5 -33.04 -5.67 25.60
N TYR K 6 -32.51 -5.42 26.80
CA TYR K 6 -32.78 -6.26 27.95
C TYR K 6 -34.27 -6.21 28.29
N PRO K 7 -35.00 -7.35 28.23
CA PRO K 7 -36.43 -7.30 28.53
C PRO K 7 -36.73 -6.90 29.98
N PHE L 1 11.66 21.08 16.23
CA PHE L 1 11.73 22.51 16.63
C PHE L 1 11.45 22.57 18.12
N ALA L 2 12.54 22.62 18.90
CA ALA L 2 12.42 22.52 20.34
C ALA L 2 11.60 23.70 20.88
N PRO L 3 10.91 23.50 21.99
CA PRO L 3 10.21 24.62 22.63
C PRO L 3 11.15 25.50 23.44
N GLY L 4 10.72 26.75 23.63
CA GLY L 4 11.38 27.65 24.55
C GLY L 4 10.46 27.97 25.70
N ASN L 5 10.88 27.66 26.93
CA ASN L 5 9.99 27.79 28.07
C ASN L 5 9.73 29.24 28.42
N TYR L 6 8.52 29.51 28.88
CA TYR L 6 8.11 30.85 29.25
C TYR L 6 9.04 31.40 30.33
N PRO L 7 9.70 32.55 30.12
CA PRO L 7 10.66 33.07 31.11
C PRO L 7 10.10 33.14 32.53
N GLY M 6 -42.43 -4.32 30.70
CA GLY M 6 -40.98 -4.63 30.75
C GLY M 6 -40.15 -3.86 29.75
N GLY M 7 -40.10 -2.53 29.93
CA GLY M 7 -39.37 -1.66 29.02
C GLY M 7 -38.43 -0.72 29.72
N LEU M 8 -38.84 0.54 29.90
CA LEU M 8 -38.03 1.56 30.57
C LEU M 8 -38.52 1.96 31.97
N SER M 9 -38.99 1.03 32.81
CA SER M 9 -38.95 -0.39 32.57
N GLY N 6 -9.44 5.40 -47.50
CA GLY N 6 -9.48 4.17 -46.65
C GLY N 6 -8.67 3.04 -47.25
N GLY N 7 -9.18 1.83 -47.16
CA GLY N 7 -8.64 0.73 -47.94
C GLY N 7 -7.69 -0.15 -47.15
N LEU N 8 -7.54 -1.41 -47.62
CA LEU N 8 -6.80 -2.40 -46.86
C LEU N 8 -6.12 -3.47 -47.72
N SER N 9 -5.42 -3.12 -48.81
CA SER N 9 -5.07 -1.80 -49.37
C SER N 9 -6.22 -0.99 -49.89
N LYS N 10 -5.90 0.06 -50.65
CA LYS N 10 -6.94 0.90 -51.21
C LYS N 10 -7.72 0.09 -52.21
S SO4 O . -21.64 23.63 -6.43
O1 SO4 O . -20.63 22.71 -6.97
O2 SO4 O . -22.40 22.99 -5.36
O3 SO4 O . -20.97 24.82 -5.92
O4 SO4 O . -22.55 24.01 -7.51
C1 GOL P . -42.09 -9.94 17.87
O1 GOL P . -43.25 -9.73 17.11
C2 GOL P . -41.65 -11.40 17.77
O2 GOL P . -42.14 -11.97 16.57
C3 GOL P . -40.13 -11.54 17.90
O3 GOL P . -39.91 -12.71 18.65
C1 GOL Q . -53.40 10.08 21.03
O1 GOL Q . -54.56 9.91 21.80
C2 GOL Q . -52.17 9.81 21.88
O2 GOL Q . -51.02 9.68 21.07
C3 GOL Q . -52.37 8.56 22.72
O3 GOL Q . -53.74 8.45 23.07
C1 GOL R . -49.44 2.45 22.50
O1 GOL R . -50.65 1.77 22.38
C2 GOL R . -50.00 3.89 22.53
O2 GOL R . -51.23 3.56 23.01
C3 GOL R . -49.58 5.09 23.41
O3 GOL R . -48.25 5.59 23.10
C1 GOL S . -23.13 6.56 12.98
O1 GOL S . -22.30 5.64 12.33
C2 GOL S . -23.19 7.86 12.17
O2 GOL S . -22.63 7.65 10.89
C3 GOL S . -24.63 8.37 12.05
O3 GOL S . -24.79 9.01 10.79
C1 GOL T . -28.77 10.09 -8.67
O1 GOL T . -29.29 11.05 -9.55
C2 GOL T . -28.19 8.92 -9.45
O2 GOL T . -27.20 9.42 -10.33
C3 GOL T . -27.57 7.89 -8.51
O3 GOL T . -27.52 6.64 -9.14
C1 GOL U . -22.44 11.56 -9.76
O1 GOL U . -23.28 11.95 -10.82
C2 GOL U . -21.25 12.52 -9.64
O2 GOL U . -21.71 13.76 -9.15
C3 GOL U . -20.56 12.70 -10.98
O3 GOL U . -19.27 12.14 -10.94
C1 GOL V . -37.48 31.54 -19.78
O1 GOL V . -37.61 32.28 -18.59
C2 GOL V . -36.99 30.13 -19.46
O2 GOL V . -37.99 29.44 -18.71
C3 GOL V . -36.69 29.39 -20.75
O3 GOL V . -36.21 28.09 -20.46
S SO4 W . -24.35 -10.83 -50.07
O1 SO4 W . -25.05 -12.10 -49.84
O2 SO4 W . -22.94 -10.99 -49.72
O3 SO4 W . -24.96 -9.79 -49.24
O4 SO4 W . -24.47 -10.44 -51.47
C1 GOL X . -23.47 0.42 -26.57
O1 GOL X . -23.62 0.48 -27.97
C2 GOL X . -22.91 -0.94 -26.14
O2 GOL X . -22.32 -0.84 -24.87
C3 GOL X . -24.04 -1.96 -26.05
O3 GOL X . -23.48 -3.26 -25.98
C1 GOL Y . -11.14 -26.47 -35.24
O1 GOL Y . -10.72 -26.22 -33.91
C2 GOL Y . -12.54 -27.05 -35.21
O2 GOL Y . -13.49 -26.07 -35.57
C3 GOL Y . -12.66 -28.24 -36.16
O3 GOL Y . -13.99 -28.36 -36.62
S SO4 Z . 35.19 -1.05 27.76
O1 SO4 Z . 35.43 -2.44 28.12
O2 SO4 Z . 33.97 -0.57 28.40
O3 SO4 Z . 36.33 -0.25 28.20
O4 SO4 Z . 35.05 -0.94 26.31
S SO4 AA . 52.51 -16.18 -19.80
O1 SO4 AA . 52.41 -17.56 -20.26
O2 SO4 AA . 52.33 -16.14 -18.35
O3 SO4 AA . 53.82 -15.65 -20.15
O4 SO4 AA . 51.47 -15.37 -20.43
C1 GOL BA . 24.71 -6.83 -11.01
O1 GOL BA . 26.09 -6.83 -11.31
C2 GOL BA . 24.04 -8.02 -11.68
O2 GOL BA . 24.61 -9.21 -11.18
C3 GOL BA . 22.55 -8.00 -11.37
O3 GOL BA . 22.04 -9.31 -11.39
C1 GOL CA . 28.69 -2.61 -5.87
O1 GOL CA . 28.13 -3.54 -6.79
C2 GOL CA . 28.19 -1.20 -6.13
O2 GOL CA . 29.24 -0.29 -5.97
C3 GOL CA . 27.59 -1.02 -7.52
O3 GOL CA . 26.80 0.14 -7.55
#